data_5DK3
#
_entry.id   5DK3
#
_cell.length_a   63.830
_cell.length_b   110.830
_cell.length_c   264.960
_cell.angle_alpha   90.00
_cell.angle_beta   90.00
_cell.angle_gamma   90.00
#
_symmetry.space_group_name_H-M   'P 21 21 21'
#
loop_
_entity.id
_entity.type
_entity.pdbx_description
1 polymer 'Light Chain'
2 polymer 'Heavy Chain'
3 branched 2-acetamido-2-deoxy-beta-D-glucopyranose-(1-2)-alpha-D-mannopyranose-(1-3)-[2-acetamido-2-deoxy-beta-D-glucopyranose-(1-2)-alpha-D-mannopyranose-(1-6)]beta-D-mannopyranose-(1-4)-2-acetamido-2-deoxy-beta-D-glucopyranose-(1-4)-2-acetamido-2-deoxy-beta-D-glucopyranose
4 branched 2-acetamido-2-deoxy-beta-D-glucopyranose-(1-2)-alpha-D-mannopyranose-(1-6)-[alpha-D-mannopyranose-(1-3)]beta-D-mannopyranose-(1-4)-2-acetamido-2-deoxy-beta-D-glucopyranose-(1-4)-[alpha-L-fucopyranose-(1-6)]2-acetamido-2-deoxy-beta-D-glucopyranose
5 branched beta-D-fructofuranose-(2-1)-alpha-D-glucopyranose
6 non-polymer 'SULFATE ION'
7 water water
#
loop_
_entity_poly.entity_id
_entity_poly.type
_entity_poly.pdbx_seq_one_letter_code
_entity_poly.pdbx_strand_id
1 'polypeptide(L)'
;EIVLTQSPATLSLSPGERATLSCRASKGVSTSGYSYLHWYQQKPGQAPRLLIYLASYLESGVPARFSGSGSGTDFTLTIS
SLEPEDFAVYYCQHSRDLPLTFGGGTKVEIKRTVAAPSVFIFPPSDEQLKSGTASVVCLLNNFYPREAKVQWKVDNALQS
GNSQESVTEQDSKDSTYSLSSTLTLSKADYEKHKVYACEVTHQGLSSPVTKSFNRGEC
;
A,F
2 'polypeptide(L)'
;QVQLVQSGVEVKKPGASVKVSCKASGYTFTNYYMYWVRQAPGQGLEWMGGINPSNGGTNFNEKFKNRVTLTTDSSTTTAY
MELKSLQFDDTAVYYCARRDYRFDMGFDYWGQGTTVTVSSASTKGPSVFPLAPCSRSTSESTAALGCLVKDYFPEPVTVS
WNSGALTSGVHTFPAVLQSSGLYSLSSVVTVPSSSLGTKTYTCNVDHKPSNTKVDKRVESKYGPPCPPCPAPEFLGGPSV
FLFPPKPKDTLMISRTPEVTCVVVDVSQEDPEVQFNWYVDGVEVHNAKTKPREEQFNSTYRVVSVLTVLHQDWLNGKEYK
CKVSNKGLPSSIEKTISKAKGQPREPQVYTLPPSQEEMTKNQVSLTCLVKGFYPSDIAVEWESNGQPENNYKTTPPVLDS
DGSFFLYSRLTVDKSRWQQGNVFSCSVMHEALHNHYTQKSLSLS
;
B,G
#
# COMPACT_ATOMS: atom_id res chain seq x y z
N GLU A 1 -27.85 15.01 -55.83
CA GLU A 1 -28.19 13.96 -54.87
C GLU A 1 -29.30 14.40 -53.90
N ILE A 2 -29.93 13.43 -53.19
CA ILE A 2 -30.94 13.81 -52.21
C ILE A 2 -30.21 14.31 -50.98
N VAL A 3 -30.62 15.41 -50.40
CA VAL A 3 -30.03 15.95 -49.18
C VAL A 3 -31.02 15.65 -48.08
N LEU A 4 -30.55 15.05 -47.02
CA LEU A 4 -31.36 14.68 -45.87
C LEU A 4 -31.00 15.61 -44.75
N THR A 5 -31.92 16.50 -44.40
CA THR A 5 -31.74 17.52 -43.36
C THR A 5 -32.27 16.99 -42.01
N GLN A 6 -31.37 16.80 -41.06
CA GLN A 6 -31.70 16.32 -39.72
C GLN A 6 -31.77 17.48 -38.76
N SER A 7 -32.71 17.40 -37.79
CA SER A 7 -32.86 18.42 -36.76
C SER A 7 -33.54 17.84 -35.55
N PRO A 8 -33.25 18.34 -34.36
CA PRO A 8 -32.19 19.30 -34.03
C PRO A 8 -30.80 18.65 -34.15
N ALA A 9 -29.75 19.42 -34.13
CA ALA A 9 -28.38 18.89 -34.15
C ALA A 9 -28.10 18.08 -32.87
N THR A 10 -28.62 18.61 -31.75
CA THR A 10 -28.41 18.06 -30.41
C THR A 10 -29.72 18.07 -29.66
N LEU A 11 -29.87 17.12 -28.80
CA LEU A 11 -31.07 16.98 -28.01
C LEU A 11 -30.64 16.47 -26.65
N SER A 12 -30.91 17.23 -25.59
CA SER A 12 -30.53 16.90 -24.23
C SER A 12 -31.81 16.68 -23.44
N LEU A 13 -32.02 15.45 -22.97
CA LEU A 13 -33.25 15.08 -22.30
C LEU A 13 -32.99 14.15 -21.12
N SER A 14 -33.93 14.16 -20.19
CA SER A 14 -33.87 13.25 -19.03
C SER A 14 -34.40 11.87 -19.39
N PRO A 15 -33.94 10.84 -18.67
CA PRO A 15 -34.51 9.51 -18.89
C PRO A 15 -36.02 9.48 -18.57
N GLY A 16 -36.78 8.79 -19.43
CA GLY A 16 -38.22 8.70 -19.32
C GLY A 16 -38.94 9.68 -20.22
N GLU A 17 -38.23 10.68 -20.77
CA GLU A 17 -38.81 11.64 -21.70
C GLU A 17 -38.89 11.06 -23.11
N ARG A 18 -39.80 11.58 -23.88
CA ARG A 18 -39.93 11.23 -25.29
C ARG A 18 -38.94 12.06 -26.13
N ALA A 19 -38.11 11.43 -26.97
CA ALA A 19 -37.22 12.16 -27.89
C ALA A 19 -37.80 12.14 -29.31
N THR A 20 -37.85 13.30 -30.00
CA THR A 20 -38.43 13.42 -31.37
C THR A 20 -37.36 13.97 -32.32
N LEU A 21 -36.90 13.14 -33.25
CA LEU A 21 -35.82 13.48 -34.20
C LEU A 21 -36.44 13.60 -35.57
N SER A 22 -36.11 14.65 -36.32
CA SER A 22 -36.75 14.81 -37.61
C SER A 22 -35.75 14.71 -38.75
N CYS A 23 -36.20 14.17 -39.88
CA CYS A 23 -35.41 14.02 -41.09
C CYS A 23 -36.27 14.48 -42.22
N ARG A 24 -35.81 15.47 -42.98
CA ARG A 24 -36.49 16.02 -44.13
C ARG A 24 -35.66 15.77 -45.39
N ALA A 25 -36.22 15.07 -46.36
CA ALA A 25 -35.51 14.78 -47.61
C ALA A 25 -35.75 15.91 -48.60
N SER A 26 -34.76 16.23 -49.43
CA SER A 26 -34.92 17.31 -50.38
C SER A 26 -35.89 16.97 -51.54
N LYS A 27 -36.11 15.68 -51.80
CA LYS A 27 -36.94 15.10 -52.88
C LYS A 27 -37.70 13.97 -52.17
N GLY A 28 -38.87 13.59 -52.68
CA GLY A 28 -39.62 12.48 -52.13
C GLY A 28 -38.87 11.16 -52.23
N VAL A 29 -38.98 10.30 -51.19
CA VAL A 29 -38.30 8.99 -51.14
C VAL A 29 -39.30 7.82 -51.09
N SER A 30 -40.56 8.10 -51.44
CA SER A 30 -41.66 7.12 -51.47
C SER A 30 -42.05 6.71 -52.87
N THR A 31 -42.27 5.43 -53.07
CA THR A 31 -42.64 4.88 -54.38
C THR A 31 -43.32 3.55 -54.23
N SER A 32 -44.49 3.39 -54.90
CA SER A 32 -45.25 2.13 -54.94
C SER A 32 -45.50 1.52 -53.55
N GLY A 33 -45.95 2.35 -52.61
CA GLY A 33 -46.26 1.91 -51.26
C GLY A 33 -45.09 1.76 -50.29
N TYR A 34 -43.88 2.18 -50.69
CA TYR A 34 -42.70 2.08 -49.82
C TYR A 34 -41.98 3.40 -49.71
N SER A 35 -41.49 3.74 -48.49
CA SER A 35 -40.65 4.92 -48.26
C SER A 35 -39.25 4.41 -48.00
N TYR A 36 -38.29 4.72 -48.87
CA TYR A 36 -36.92 4.20 -48.79
C TYR A 36 -36.05 5.07 -47.90
N LEU A 37 -36.31 4.98 -46.60
CA LEU A 37 -35.73 5.84 -45.59
C LEU A 37 -35.53 5.01 -44.33
N HIS A 38 -34.28 4.85 -43.88
CA HIS A 38 -33.91 4.05 -42.72
C HIS A 38 -33.17 4.90 -41.67
N TRP A 39 -33.22 4.46 -40.40
CA TRP A 39 -32.66 5.13 -39.27
C TRP A 39 -31.64 4.25 -38.60
N TYR A 40 -30.51 4.84 -38.18
CA TYR A 40 -29.45 4.10 -37.47
C TYR A 40 -29.09 4.81 -36.22
N GLN A 41 -28.53 4.04 -35.28
CA GLN A 41 -28.03 4.51 -34.01
C GLN A 41 -26.55 4.22 -34.00
N GLN A 42 -25.70 5.22 -33.75
CA GLN A 42 -24.26 4.99 -33.65
C GLN A 42 -23.73 5.44 -32.29
N LYS A 43 -23.25 4.51 -31.49
CA LYS A 43 -22.69 4.76 -30.16
C LYS A 43 -21.17 4.86 -30.27
N PRO A 44 -20.51 5.58 -29.34
CA PRO A 44 -19.04 5.64 -29.36
C PRO A 44 -18.32 4.32 -29.57
N GLY A 45 -17.41 4.27 -30.55
CA GLY A 45 -16.60 3.09 -30.81
C GLY A 45 -17.27 1.95 -31.51
N GLN A 46 -18.51 2.14 -32.02
CA GLN A 46 -19.22 1.07 -32.69
C GLN A 46 -19.67 1.43 -34.07
N ALA A 47 -19.98 0.40 -34.83
CA ALA A 47 -20.61 0.55 -36.12
C ALA A 47 -22.05 1.06 -35.93
N PRO A 48 -22.61 1.77 -36.92
CA PRO A 48 -24.02 2.13 -36.84
C PRO A 48 -24.89 0.88 -36.72
N ARG A 49 -26.01 1.00 -36.01
CA ARG A 49 -26.97 -0.06 -35.78
C ARG A 49 -28.30 0.29 -36.43
N LEU A 50 -28.82 -0.53 -37.32
CA LEU A 50 -30.17 -0.31 -37.89
C LEU A 50 -31.27 -0.38 -36.82
N LEU A 51 -32.08 0.69 -36.71
CA LEU A 51 -33.24 0.73 -35.82
C LEU A 51 -34.54 0.47 -36.56
N ILE A 52 -34.76 1.26 -37.63
CA ILE A 52 -35.99 1.31 -38.44
C ILE A 52 -35.63 1.25 -39.89
N TYR A 53 -36.37 0.45 -40.65
CA TYR A 53 -36.19 0.37 -42.09
C TYR A 53 -37.51 0.66 -42.76
N LEU A 54 -37.40 1.21 -43.97
CA LEU A 54 -38.55 1.59 -44.81
C LEU A 54 -39.53 2.47 -44.04
N ALA A 55 -38.96 3.49 -43.39
CA ALA A 55 -39.64 4.55 -42.66
C ALA A 55 -40.24 4.17 -41.32
N SER A 56 -40.85 2.99 -41.23
CA SER A 56 -41.58 2.64 -40.01
C SER A 56 -41.52 1.20 -39.56
N TYR A 57 -40.70 0.30 -40.17
CA TYR A 57 -40.65 -1.09 -39.70
C TYR A 57 -39.51 -1.23 -38.72
N LEU A 58 -39.81 -1.81 -37.56
CA LEU A 58 -38.84 -2.00 -36.49
C LEU A 58 -37.97 -3.17 -36.80
N GLU A 59 -36.66 -2.99 -36.71
CA GLU A 59 -35.70 -4.05 -36.97
C GLU A 59 -35.74 -5.07 -35.85
N SER A 60 -35.71 -6.37 -36.16
CA SER A 60 -35.65 -7.42 -35.12
C SER A 60 -34.52 -7.17 -34.15
N GLY A 61 -34.83 -7.32 -32.88
CA GLY A 61 -33.91 -7.13 -31.79
C GLY A 61 -33.88 -5.73 -31.22
N VAL A 62 -34.43 -4.75 -31.95
CA VAL A 62 -34.44 -3.36 -31.47
C VAL A 62 -35.63 -3.18 -30.49
N PRO A 63 -35.45 -2.50 -29.34
CA PRO A 63 -36.58 -2.30 -28.40
C PRO A 63 -37.73 -1.51 -29.02
N ALA A 64 -38.94 -1.81 -28.57
CA ALA A 64 -40.19 -1.22 -29.02
C ALA A 64 -40.31 0.29 -28.74
N ARG A 65 -39.51 0.81 -27.82
CA ARG A 65 -39.53 2.23 -27.51
C ARG A 65 -39.07 3.09 -28.73
N PHE A 66 -38.38 2.49 -29.75
CA PHE A 66 -37.99 3.17 -30.97
C PHE A 66 -39.10 3.00 -31.99
N SER A 67 -39.50 4.09 -32.67
CA SER A 67 -40.51 4.00 -33.74
C SER A 67 -40.26 5.07 -34.78
N GLY A 68 -40.59 4.76 -36.02
CA GLY A 68 -40.44 5.67 -37.12
C GLY A 68 -41.76 5.96 -37.79
N SER A 69 -41.89 7.14 -38.36
CA SER A 69 -43.09 7.51 -39.10
C SER A 69 -42.78 8.52 -40.19
N GLY A 70 -43.73 8.67 -41.08
CA GLY A 70 -43.64 9.62 -42.17
C GLY A 70 -43.67 8.97 -43.52
N SER A 71 -43.71 9.86 -44.52
CA SER A 71 -43.76 9.50 -45.93
C SER A 71 -43.38 10.73 -46.76
N GLY A 72 -42.95 10.47 -47.98
CA GLY A 72 -42.64 11.52 -48.92
C GLY A 72 -41.33 12.17 -48.64
N THR A 73 -41.39 13.33 -47.97
CA THR A 73 -40.21 14.11 -47.61
C THR A 73 -40.00 14.29 -46.11
N ASP A 74 -40.97 14.04 -45.24
CA ASP A 74 -40.85 14.36 -43.79
C ASP A 74 -40.91 13.12 -42.95
N PHE A 75 -39.87 12.84 -42.21
CA PHE A 75 -39.74 11.62 -41.41
C PHE A 75 -39.34 11.91 -39.96
N THR A 76 -39.82 11.05 -39.07
CA THR A 76 -39.59 11.19 -37.63
C THR A 76 -39.19 9.87 -36.97
N LEU A 77 -38.16 9.91 -36.14
CA LEU A 77 -37.76 8.83 -35.27
C LEU A 77 -38.20 9.29 -33.87
N THR A 78 -38.88 8.41 -33.15
CA THR A 78 -39.33 8.68 -31.79
C THR A 78 -38.72 7.65 -30.87
N ILE A 79 -38.17 8.12 -29.73
CA ILE A 79 -37.73 7.28 -28.61
C ILE A 79 -38.74 7.67 -27.49
N SER A 80 -39.80 6.89 -27.31
CA SER A 80 -40.92 7.21 -26.39
C SER A 80 -40.56 7.38 -24.90
N SER A 81 -39.59 6.60 -24.40
CA SER A 81 -39.19 6.66 -23.00
C SER A 81 -37.67 6.45 -22.91
N LEU A 82 -36.91 7.55 -23.09
CA LEU A 82 -35.47 7.57 -23.12
C LEU A 82 -34.83 6.82 -21.99
N GLU A 83 -33.76 6.12 -22.29
CA GLU A 83 -32.93 5.45 -21.28
C GLU A 83 -31.55 6.00 -21.34
N PRO A 84 -30.75 5.86 -20.26
CA PRO A 84 -29.35 6.34 -20.33
C PRO A 84 -28.49 5.76 -21.46
N GLU A 85 -28.74 4.51 -21.81
CA GLU A 85 -28.00 3.82 -22.88
C GLU A 85 -28.36 4.35 -24.31
N ASP A 86 -29.39 5.23 -24.44
CA ASP A 86 -29.81 5.83 -25.70
C ASP A 86 -28.93 7.00 -26.12
N PHE A 87 -27.90 7.32 -25.31
CA PHE A 87 -26.87 8.28 -25.69
C PHE A 87 -26.21 7.74 -27.00
N ALA A 88 -26.24 8.53 -28.08
CA ALA A 88 -25.72 8.13 -29.39
C ALA A 88 -25.95 9.24 -30.39
N VAL A 89 -25.44 9.06 -31.58
CA VAL A 89 -25.74 9.89 -32.75
C VAL A 89 -26.74 9.04 -33.61
N TYR A 90 -27.83 9.65 -34.05
CA TYR A 90 -28.85 8.99 -34.83
C TYR A 90 -28.84 9.53 -36.24
N TYR A 91 -28.77 8.66 -37.25
CA TYR A 91 -28.72 9.08 -38.66
C TYR A 91 -29.86 8.50 -39.41
N CYS A 92 -30.40 9.26 -40.37
CA CYS A 92 -31.35 8.77 -41.33
C CYS A 92 -30.59 8.54 -42.63
N GLN A 93 -31.16 7.71 -43.52
CA GLN A 93 -30.51 7.35 -44.79
C GLN A 93 -31.57 6.93 -45.81
N HIS A 94 -31.41 7.37 -47.07
CA HIS A 94 -32.37 6.98 -48.08
C HIS A 94 -31.74 6.04 -49.03
N SER A 95 -32.63 5.36 -49.77
CA SER A 95 -32.27 4.51 -50.90
C SER A 95 -33.30 4.64 -52.01
N ARG A 96 -33.72 5.87 -52.26
CA ARG A 96 -34.64 6.15 -53.34
C ARG A 96 -33.89 6.20 -54.69
N ASP A 97 -32.66 6.65 -54.62
CA ASP A 97 -31.77 7.08 -55.68
C ASP A 97 -30.36 6.72 -55.40
N LEU A 98 -29.54 6.89 -56.42
CA LEU A 98 -28.11 6.88 -56.35
C LEU A 98 -27.65 8.33 -56.52
N PRO A 99 -26.68 8.81 -55.74
CA PRO A 99 -26.01 8.11 -54.65
C PRO A 99 -26.85 7.96 -53.38
N LEU A 100 -26.65 6.83 -52.69
CA LEU A 100 -27.22 6.62 -51.36
C LEU A 100 -26.55 7.68 -50.48
N THR A 101 -27.30 8.25 -49.59
CA THR A 101 -26.80 9.35 -48.78
C THR A 101 -27.44 9.31 -47.37
N PHE A 102 -26.70 9.86 -46.40
CA PHE A 102 -27.05 9.87 -45.01
C PHE A 102 -27.31 11.30 -44.58
N GLY A 103 -28.14 11.50 -43.55
CA GLY A 103 -28.34 12.81 -42.94
C GLY A 103 -27.13 13.07 -42.10
N GLY A 104 -27.02 14.29 -41.62
CA GLY A 104 -25.90 14.72 -40.80
C GLY A 104 -25.86 14.33 -39.34
N GLY A 105 -26.91 13.72 -38.86
CA GLY A 105 -26.98 13.21 -37.50
C GLY A 105 -27.60 14.13 -36.46
N THR A 106 -28.30 13.52 -35.48
CA THR A 106 -28.78 14.17 -34.28
C THR A 106 -28.11 13.45 -33.09
N LYS A 107 -27.40 14.21 -32.25
CA LYS A 107 -26.74 13.64 -31.06
C LYS A 107 -27.69 13.73 -29.88
N VAL A 108 -28.03 12.58 -29.25
CA VAL A 108 -28.92 12.55 -28.10
C VAL A 108 -28.06 12.45 -26.85
N GLU A 109 -28.18 13.45 -25.97
CA GLU A 109 -27.46 13.54 -24.72
C GLU A 109 -28.46 13.34 -23.57
N ILE A 110 -28.01 12.65 -22.54
CA ILE A 110 -28.81 12.33 -21.35
C ILE A 110 -28.59 13.32 -20.22
N LYS A 111 -29.67 13.84 -19.68
CA LYS A 111 -29.63 14.77 -18.56
C LYS A 111 -29.66 14.01 -17.29
N ARG A 112 -28.92 14.45 -16.31
CA ARG A 112 -28.90 13.87 -14.97
C ARG A 112 -28.66 14.98 -13.98
N THR A 113 -28.66 14.64 -12.70
CA THR A 113 -28.38 15.58 -11.64
C THR A 113 -26.85 15.88 -11.61
N VAL A 114 -26.52 17.05 -11.08
CA VAL A 114 -25.15 17.51 -10.95
C VAL A 114 -24.31 16.51 -10.10
N ALA A 115 -23.13 16.18 -10.61
CA ALA A 115 -22.18 15.28 -9.97
C ALA A 115 -20.83 15.94 -9.96
N ALA A 116 -20.30 16.23 -8.79
CA ALA A 116 -18.96 16.85 -8.69
C ALA A 116 -17.89 15.83 -9.10
N PRO A 117 -16.80 16.24 -9.76
CA PRO A 117 -15.72 15.27 -10.03
C PRO A 117 -14.93 14.92 -8.77
N SER A 118 -14.44 13.70 -8.74
CA SER A 118 -13.45 13.16 -7.79
C SER A 118 -12.13 13.40 -8.52
N VAL A 119 -11.21 14.05 -7.89
CA VAL A 119 -9.95 14.45 -8.48
C VAL A 119 -8.77 13.65 -7.95
N PHE A 120 -7.87 13.29 -8.85
CA PHE A 120 -6.66 12.55 -8.54
C PHE A 120 -5.52 13.14 -9.34
N ILE A 121 -4.36 13.28 -8.72
CA ILE A 121 -3.13 13.78 -9.40
C ILE A 121 -2.09 12.61 -9.40
N PHE A 122 -1.31 12.52 -10.48
CA PHE A 122 -0.29 11.49 -10.64
C PHE A 122 1.01 12.14 -11.01
N PRO A 123 2.08 11.84 -10.26
CA PRO A 123 3.40 12.35 -10.66
C PRO A 123 3.96 11.57 -11.86
N PRO A 124 4.97 12.13 -12.51
CA PRO A 124 5.66 11.40 -13.57
C PRO A 124 6.33 10.12 -13.04
N SER A 125 6.40 9.06 -13.85
CA SER A 125 7.12 7.83 -13.41
C SER A 125 8.62 8.01 -13.55
N ASP A 126 9.40 7.39 -12.64
CA ASP A 126 10.87 7.35 -12.75
C ASP A 126 11.30 6.78 -14.11
N GLU A 127 10.53 5.83 -14.65
CA GLU A 127 10.75 5.27 -15.96
C GLU A 127 10.71 6.37 -17.03
N GLN A 128 9.73 7.25 -16.99
CA GLN A 128 9.63 8.34 -17.98
C GLN A 128 10.74 9.37 -17.80
N LEU A 129 11.12 9.61 -16.55
CA LEU A 129 12.20 10.54 -16.26
C LEU A 129 13.56 10.08 -16.79
N LYS A 130 13.75 8.79 -17.19
CA LYS A 130 15.00 8.33 -17.84
C LYS A 130 15.13 9.00 -19.21
N SER A 131 14.00 9.23 -19.91
CA SER A 131 13.98 10.07 -21.12
C SER A 131 14.00 11.52 -20.58
N GLY A 132 13.98 12.52 -21.45
CA GLY A 132 14.08 13.91 -20.96
C GLY A 132 12.78 14.65 -20.79
N THR A 133 11.66 13.95 -20.56
CA THR A 133 10.31 14.56 -20.41
C THR A 133 9.64 14.08 -19.13
N ALA A 134 8.82 14.94 -18.57
CA ALA A 134 8.01 14.67 -17.39
C ALA A 134 6.54 14.94 -17.69
N SER A 135 5.67 13.92 -17.55
CA SER A 135 4.22 14.08 -17.72
C SER A 135 3.54 13.98 -16.36
N VAL A 136 2.80 15.03 -16.01
CA VAL A 136 2.04 15.10 -14.77
C VAL A 136 0.60 14.96 -15.21
N VAL A 137 -0.16 14.08 -14.56
CA VAL A 137 -1.53 13.82 -14.99
C VAL A 137 -2.56 14.14 -13.88
N CYS A 138 -3.67 14.72 -14.29
CA CYS A 138 -4.78 14.99 -13.40
C CYS A 138 -6.01 14.32 -13.93
N LEU A 139 -6.74 13.55 -13.09
CA LEU A 139 -7.99 12.87 -13.44
C LEU A 139 -9.17 13.50 -12.72
N LEU A 140 -10.23 13.84 -13.49
CA LEU A 140 -11.52 14.35 -12.97
C LEU A 140 -12.49 13.24 -13.32
N ASN A 141 -12.91 12.47 -12.32
CA ASN A 141 -13.73 11.29 -12.56
C ASN A 141 -15.20 11.38 -12.26
N ASN A 142 -16.06 10.94 -13.21
CA ASN A 142 -17.51 10.79 -13.06
C ASN A 142 -18.23 12.03 -12.58
N PHE A 143 -18.29 13.01 -13.44
CA PHE A 143 -18.94 14.30 -13.15
C PHE A 143 -20.00 14.67 -14.22
N TYR A 144 -20.90 15.56 -13.85
CA TYR A 144 -21.95 16.06 -14.71
C TYR A 144 -22.33 17.42 -14.22
N PRO A 145 -22.49 18.43 -15.06
CA PRO A 145 -22.39 18.48 -16.53
C PRO A 145 -20.96 18.46 -17.06
N ARG A 146 -20.80 18.50 -18.39
CA ARG A 146 -19.51 18.40 -19.06
C ARG A 146 -18.49 19.49 -18.72
N GLU A 147 -18.96 20.74 -18.56
CA GLU A 147 -18.12 21.89 -18.33
C GLU A 147 -17.25 21.71 -17.06
N ALA A 148 -15.96 21.78 -17.21
CA ALA A 148 -15.03 21.66 -16.12
C ALA A 148 -13.79 22.39 -16.54
N LYS A 149 -13.09 23.00 -15.58
CA LYS A 149 -11.85 23.71 -15.85
C LYS A 149 -10.78 23.11 -14.97
N VAL A 150 -9.62 22.92 -15.55
CA VAL A 150 -8.40 22.50 -14.86
C VAL A 150 -7.40 23.62 -15.01
N GLN A 151 -6.73 23.93 -13.91
CA GLN A 151 -5.61 24.87 -13.90
C GLN A 151 -4.42 24.18 -13.28
N TRP A 152 -3.26 24.27 -13.93
CA TRP A 152 -2.01 23.69 -13.47
C TRP A 152 -1.17 24.79 -12.84
N LYS A 153 -0.60 24.51 -11.67
CA LYS A 153 0.34 25.43 -10.98
C LYS A 153 1.57 24.67 -10.60
N VAL A 154 2.73 25.26 -10.87
CA VAL A 154 4.03 24.67 -10.57
C VAL A 154 4.68 25.71 -9.69
N ASP A 155 4.84 25.41 -8.39
CA ASP A 155 5.35 26.33 -7.38
C ASP A 155 4.56 27.62 -7.42
N ASN A 156 3.23 27.50 -7.51
CA ASN A 156 2.28 28.64 -7.58
C ASN A 156 2.32 29.47 -8.87
N ALA A 157 3.04 29.02 -9.90
CA ALA A 157 3.10 29.72 -11.17
C ALA A 157 2.10 29.07 -12.08
N LEU A 158 1.12 29.83 -12.59
CA LEU A 158 0.09 29.32 -13.49
C LEU A 158 0.72 28.88 -14.79
N GLN A 159 0.38 27.66 -15.26
CA GLN A 159 0.92 27.12 -16.49
C GLN A 159 0.03 27.41 -17.67
N SER A 160 0.62 27.69 -18.84
CA SER A 160 -0.14 27.86 -20.09
C SER A 160 0.68 27.38 -21.30
N GLY A 161 0.00 26.80 -22.27
CA GLY A 161 0.64 26.26 -23.48
C GLY A 161 1.31 24.91 -23.41
N ASN A 162 1.25 24.22 -22.27
CA ASN A 162 1.97 22.95 -22.04
C ASN A 162 1.08 21.89 -21.38
N SER A 163 -0.23 22.00 -21.61
CA SER A 163 -1.26 21.13 -21.05
C SER A 163 -2.14 20.66 -22.25
N GLN A 164 -2.70 19.46 -22.14
CA GLN A 164 -3.68 18.92 -23.09
C GLN A 164 -4.71 18.14 -22.28
N GLU A 165 -5.96 18.15 -22.70
CA GLU A 165 -7.09 17.43 -22.06
C GLU A 165 -7.80 16.54 -23.03
N SER A 166 -8.44 15.46 -22.48
CA SER A 166 -9.37 14.56 -23.19
C SER A 166 -10.57 14.31 -22.28
N VAL A 167 -11.75 14.36 -22.83
CA VAL A 167 -13.02 14.12 -22.16
C VAL A 167 -13.65 12.86 -22.73
N THR A 168 -14.14 11.97 -21.87
CA THR A 168 -14.78 10.78 -22.34
C THR A 168 -16.17 11.14 -22.92
N GLU A 169 -16.72 10.24 -23.70
CA GLU A 169 -18.10 10.41 -24.16
C GLU A 169 -18.97 10.06 -22.94
N GLN A 170 -20.17 10.56 -22.92
CA GLN A 170 -21.09 10.31 -21.82
C GLN A 170 -21.24 8.83 -21.53
N ASP A 171 -21.16 8.43 -20.26
CA ASP A 171 -21.26 7.05 -19.86
C ASP A 171 -22.65 6.48 -20.11
N SER A 172 -22.74 5.24 -20.65
CA SER A 172 -24.02 4.62 -21.00
C SER A 172 -24.86 4.20 -19.82
N LYS A 173 -24.28 4.03 -18.63
CA LYS A 173 -25.06 3.64 -17.44
C LYS A 173 -25.33 4.83 -16.52
N ASP A 174 -24.31 5.56 -16.08
CA ASP A 174 -24.50 6.67 -15.12
C ASP A 174 -24.63 8.06 -15.74
N SER A 175 -24.36 8.22 -17.05
CA SER A 175 -24.48 9.50 -17.78
C SER A 175 -23.45 10.57 -17.37
N THR A 176 -22.35 10.18 -16.71
CA THR A 176 -21.30 11.11 -16.33
C THR A 176 -20.22 11.22 -17.40
N TYR A 177 -19.31 12.19 -17.19
CA TYR A 177 -18.11 12.39 -17.99
C TYR A 177 -16.93 12.25 -17.06
N SER A 178 -15.76 12.04 -17.66
CA SER A 178 -14.48 11.99 -16.99
C SER A 178 -13.51 12.73 -17.89
N LEU A 179 -12.48 13.34 -17.28
CA LEU A 179 -11.54 14.20 -17.99
C LEU A 179 -10.17 13.92 -17.49
N SER A 180 -9.19 13.79 -18.41
CA SER A 180 -7.79 13.61 -18.05
C SER A 180 -7.01 14.77 -18.64
N SER A 181 -6.21 15.48 -17.83
CA SER A 181 -5.39 16.60 -18.28
C SER A 181 -3.94 16.20 -18.05
N THR A 182 -3.05 16.51 -18.99
CA THR A 182 -1.64 16.18 -18.84
C THR A 182 -0.83 17.42 -18.96
N LEU A 183 0.00 17.73 -17.98
CA LEU A 183 0.96 18.82 -18.02
C LEU A 183 2.29 18.23 -18.50
N THR A 184 2.84 18.76 -19.61
CA THR A 184 4.09 18.20 -20.11
C THR A 184 5.24 19.17 -19.94
N LEU A 185 6.31 18.72 -19.27
CA LEU A 185 7.48 19.51 -19.00
C LEU A 185 8.74 18.79 -19.40
N SER A 186 9.81 19.53 -19.57
CA SER A 186 11.13 18.87 -19.75
C SER A 186 11.51 18.38 -18.34
N LYS A 187 12.26 17.29 -18.26
CA LYS A 187 12.75 16.75 -16.97
C LYS A 187 13.51 17.84 -16.20
N ALA A 188 14.35 18.63 -16.92
CA ALA A 188 15.14 19.74 -16.33
C ALA A 188 14.23 20.72 -15.57
N ASP A 189 13.14 21.14 -16.21
CA ASP A 189 12.16 22.05 -15.58
C ASP A 189 11.41 21.36 -14.47
N TYR A 190 11.01 20.09 -14.66
CA TYR A 190 10.37 19.32 -13.60
C TYR A 190 11.24 19.26 -12.31
N GLU A 191 12.56 19.01 -12.46
CA GLU A 191 13.47 18.87 -11.34
C GLU A 191 13.85 20.19 -10.68
N LYS A 192 13.60 21.35 -11.32
CA LYS A 192 13.84 22.69 -10.74
C LYS A 192 12.67 23.19 -9.84
N HIS A 193 11.55 22.47 -9.79
CA HIS A 193 10.37 22.91 -9.07
C HIS A 193 9.88 21.86 -8.10
N LYS A 194 9.18 22.30 -7.03
CA LYS A 194 8.77 21.44 -5.93
C LYS A 194 7.27 21.03 -5.91
N VAL A 195 6.30 21.97 -5.89
CA VAL A 195 4.90 21.52 -5.74
C VAL A 195 4.11 21.67 -7.07
N TYR A 196 3.44 20.58 -7.40
CA TYR A 196 2.66 20.38 -8.61
C TYR A 196 1.25 20.24 -8.18
N ALA A 197 0.39 21.14 -8.69
CA ALA A 197 -0.99 21.24 -8.31
C ALA A 197 -1.93 21.27 -9.50
N CYS A 198 -3.04 20.58 -9.34
CA CYS A 198 -4.09 20.51 -10.29
C CYS A 198 -5.31 21.15 -9.60
N GLU A 199 -5.85 22.27 -10.12
CA GLU A 199 -7.04 22.93 -9.55
C GLU A 199 -8.24 22.74 -10.43
N VAL A 200 -9.34 22.30 -9.84
CA VAL A 200 -10.54 21.93 -10.55
C VAL A 200 -11.71 22.79 -10.19
N THR A 201 -12.43 23.29 -11.20
CA THR A 201 -13.63 24.09 -11.02
C THR A 201 -14.78 23.39 -11.77
N HIS A 202 -15.91 23.23 -11.11
CA HIS A 202 -17.08 22.55 -11.63
C HIS A 202 -18.25 23.01 -10.88
N GLN A 203 -19.43 22.96 -11.51
CA GLN A 203 -20.69 23.35 -10.90
C GLN A 203 -21.00 22.57 -9.61
N GLY A 204 -20.62 21.29 -9.54
CA GLY A 204 -20.84 20.48 -8.34
C GLY A 204 -19.95 20.84 -7.17
N LEU A 205 -18.95 21.71 -7.38
CA LEU A 205 -17.99 22.11 -6.36
C LEU A 205 -18.16 23.61 -6.00
N SER A 206 -18.72 23.90 -4.82
CA SER A 206 -18.89 25.32 -4.35
C SER A 206 -17.60 26.10 -4.41
N SER A 207 -16.52 25.47 -3.95
CA SER A 207 -15.19 26.04 -3.97
C SER A 207 -14.36 25.08 -4.78
N PRO A 208 -13.38 25.56 -5.51
CA PRO A 208 -12.52 24.65 -6.30
C PRO A 208 -11.79 23.62 -5.45
N VAL A 209 -11.45 22.51 -6.06
CA VAL A 209 -10.69 21.43 -5.43
C VAL A 209 -9.27 21.43 -6.00
N THR A 210 -8.27 21.39 -5.13
CA THR A 210 -6.86 21.31 -5.52
C THR A 210 -6.25 20.01 -5.00
N LYS A 211 -5.62 19.24 -5.90
CA LYS A 211 -4.85 18.07 -5.58
C LYS A 211 -3.41 18.43 -5.96
N SER A 212 -2.49 18.15 -5.03
CA SER A 212 -1.06 18.43 -5.14
C SER A 212 -0.21 17.27 -4.72
N PHE A 213 1.08 17.36 -5.08
CA PHE A 213 2.17 16.50 -4.58
C PHE A 213 3.48 17.30 -4.62
N ASN A 214 4.43 16.96 -3.74
CA ASN A 214 5.76 17.56 -3.76
C ASN A 214 6.69 16.58 -4.40
N ARG A 215 7.40 16.99 -5.48
CA ARG A 215 8.41 16.13 -6.12
C ARG A 215 9.47 15.76 -5.08
N GLY A 216 9.81 14.47 -5.03
CA GLY A 216 10.79 13.98 -4.06
C GLY A 216 10.19 13.31 -2.84
N GLU A 217 8.87 13.54 -2.59
CA GLU A 217 8.12 12.93 -1.51
C GLU A 217 7.24 11.79 -2.09
N CYS A 218 7.67 11.17 -3.22
CA CYS A 218 6.96 10.10 -3.92
C CYS A 218 7.84 8.84 -3.92
N GLN B 1 -26.90 -15.99 -36.16
CA GLN B 1 -25.45 -15.93 -35.96
C GLN B 1 -24.79 -15.20 -37.16
N VAL B 2 -25.42 -14.10 -37.64
CA VAL B 2 -24.90 -13.30 -38.76
C VAL B 2 -23.71 -12.50 -38.28
N GLN B 3 -22.58 -12.69 -38.93
CA GLN B 3 -21.36 -11.98 -38.62
C GLN B 3 -20.64 -11.48 -39.86
N LEU B 4 -20.13 -10.25 -39.76
CA LEU B 4 -19.29 -9.65 -40.78
C LEU B 4 -17.97 -9.27 -40.05
N VAL B 5 -16.84 -9.96 -40.36
CA VAL B 5 -15.54 -9.72 -39.73
C VAL B 5 -14.58 -9.10 -40.69
N GLN B 6 -14.17 -7.89 -40.39
CA GLN B 6 -13.23 -7.14 -41.21
C GLN B 6 -11.77 -7.32 -40.80
N SER B 7 -10.88 -7.08 -41.75
CA SER B 7 -9.43 -7.09 -41.54
C SER B 7 -9.02 -5.93 -40.62
N GLY B 8 -7.81 -6.00 -40.17
CA GLY B 8 -7.25 -5.08 -39.18
C GLY B 8 -6.75 -3.73 -39.67
N VAL B 9 -6.30 -2.91 -38.70
CA VAL B 9 -5.79 -1.54 -38.89
C VAL B 9 -4.82 -1.50 -40.07
N GLU B 10 -4.84 -0.45 -40.85
CA GLU B 10 -3.91 -0.24 -41.94
C GLU B 10 -3.39 1.19 -41.91
N VAL B 11 -2.12 1.34 -42.28
CA VAL B 11 -1.49 2.61 -42.51
C VAL B 11 -0.76 2.51 -43.83
N LYS B 12 -1.03 3.44 -44.72
CA LYS B 12 -0.50 3.46 -46.08
C LYS B 12 -0.01 4.82 -46.45
N LYS B 13 0.85 4.84 -47.45
CA LYS B 13 1.40 6.08 -47.96
C LYS B 13 0.47 6.68 -48.99
N PRO B 14 0.44 8.02 -49.12
CA PRO B 14 -0.33 8.64 -50.22
C PRO B 14 0.14 8.08 -51.58
N GLY B 15 -0.78 7.92 -52.51
CA GLY B 15 -0.51 7.32 -53.81
C GLY B 15 -0.56 5.79 -53.79
N ALA B 16 -0.55 5.17 -52.58
CA ALA B 16 -0.59 3.72 -52.45
C ALA B 16 -2.04 3.23 -52.42
N SER B 17 -2.27 1.97 -52.05
CA SER B 17 -3.62 1.40 -52.00
C SER B 17 -3.86 0.66 -50.70
N VAL B 18 -5.12 0.47 -50.38
CA VAL B 18 -5.51 -0.33 -49.21
C VAL B 18 -6.59 -1.27 -49.67
N LYS B 19 -6.55 -2.50 -49.18
CA LYS B 19 -7.56 -3.51 -49.49
C LYS B 19 -8.17 -3.98 -48.18
N VAL B 20 -9.44 -3.67 -47.94
CA VAL B 20 -10.16 -4.05 -46.74
C VAL B 20 -11.02 -5.29 -47.04
N SER B 21 -10.88 -6.35 -46.22
CA SER B 21 -11.68 -7.56 -46.40
C SER B 21 -12.84 -7.59 -45.42
N CYS B 22 -13.90 -8.27 -45.81
CA CYS B 22 -15.09 -8.45 -45.00
C CYS B 22 -15.52 -9.91 -45.12
N LYS B 23 -15.24 -10.72 -44.10
CA LYS B 23 -15.58 -12.16 -44.08
C LYS B 23 -17.00 -12.36 -43.55
N ALA B 24 -17.89 -12.89 -44.39
CA ALA B 24 -19.29 -13.07 -43.99
C ALA B 24 -19.54 -14.45 -43.50
N SER B 25 -20.33 -14.60 -42.44
CA SER B 25 -20.71 -15.93 -41.94
C SER B 25 -22.10 -15.89 -41.29
N GLY B 26 -22.73 -17.04 -41.22
CA GLY B 26 -24.04 -17.22 -40.60
C GLY B 26 -25.24 -16.92 -41.48
N TYR B 27 -25.03 -16.86 -42.81
CA TYR B 27 -26.10 -16.55 -43.74
C TYR B 27 -25.69 -16.96 -45.15
N THR B 28 -26.61 -16.90 -46.11
CA THR B 28 -26.36 -17.26 -47.49
C THR B 28 -25.73 -16.05 -48.13
N PHE B 29 -24.39 -16.08 -48.26
CA PHE B 29 -23.56 -15.00 -48.84
C PHE B 29 -24.11 -14.36 -50.09
N THR B 30 -24.60 -15.15 -50.98
CA THR B 30 -25.09 -14.69 -52.28
C THR B 30 -26.50 -14.04 -52.22
N ASN B 31 -27.24 -14.09 -51.09
CA ASN B 31 -28.55 -13.44 -51.01
C ASN B 31 -28.53 -11.98 -50.51
N TYR B 32 -27.31 -11.40 -50.33
CA TYR B 32 -27.19 -10.06 -49.81
C TYR B 32 -26.18 -9.31 -50.54
N TYR B 33 -26.48 -8.03 -50.80
CA TYR B 33 -25.49 -7.14 -51.38
C TYR B 33 -24.52 -6.80 -50.23
N MET B 34 -23.29 -6.45 -50.58
CA MET B 34 -22.33 -5.95 -49.63
C MET B 34 -22.04 -4.53 -49.99
N TYR B 35 -22.18 -3.65 -49.02
CA TYR B 35 -21.98 -2.23 -49.13
C TYR B 35 -20.82 -1.80 -48.32
N TRP B 36 -20.20 -0.65 -48.72
CA TRP B 36 -19.05 -0.08 -48.05
C TRP B 36 -19.37 1.32 -47.72
N VAL B 37 -19.19 1.68 -46.46
CA VAL B 37 -19.48 2.98 -45.91
C VAL B 37 -18.27 3.43 -45.10
N ARG B 38 -17.87 4.71 -45.23
CA ARG B 38 -16.79 5.23 -44.41
C ARG B 38 -17.22 6.38 -43.51
N GLN B 39 -16.44 6.62 -42.49
CA GLN B 39 -16.58 7.72 -41.55
C GLN B 39 -15.26 8.40 -41.33
N ALA B 40 -15.06 9.53 -42.00
CA ALA B 40 -13.81 10.29 -41.85
C ALA B 40 -13.81 11.07 -40.55
N PRO B 41 -12.62 11.44 -40.03
CA PRO B 41 -12.57 12.16 -38.73
C PRO B 41 -13.38 13.47 -38.71
N GLY B 42 -14.17 13.65 -37.67
CA GLY B 42 -15.10 14.76 -37.55
C GLY B 42 -16.24 14.80 -38.56
N GLN B 43 -16.58 13.63 -39.18
CA GLN B 43 -17.59 13.57 -40.24
C GLN B 43 -18.65 12.59 -39.92
N GLY B 44 -19.65 12.60 -40.79
CA GLY B 44 -20.74 11.64 -40.75
C GLY B 44 -20.39 10.43 -41.57
N LEU B 45 -21.42 9.72 -42.01
CA LEU B 45 -21.31 8.52 -42.82
C LEU B 45 -21.35 8.80 -44.31
N GLU B 46 -20.50 8.12 -45.07
CA GLU B 46 -20.43 8.28 -46.51
C GLU B 46 -20.51 6.96 -47.25
N TRP B 47 -21.50 6.81 -48.16
CA TRP B 47 -21.61 5.60 -48.95
C TRP B 47 -20.55 5.57 -50.03
N MET B 48 -19.83 4.45 -50.16
CA MET B 48 -18.78 4.31 -51.18
C MET B 48 -19.24 3.53 -52.37
N GLY B 49 -19.86 2.41 -52.13
CA GLY B 49 -20.34 1.56 -53.21
C GLY B 49 -20.93 0.27 -52.70
N GLY B 50 -21.37 -0.56 -53.62
CA GLY B 50 -21.96 -1.86 -53.31
C GLY B 50 -21.75 -2.85 -54.43
N ILE B 51 -21.76 -4.12 -54.07
CA ILE B 51 -21.58 -5.22 -54.99
C ILE B 51 -22.64 -6.31 -54.74
N ASN B 52 -23.01 -7.01 -55.80
CA ASN B 52 -23.92 -8.11 -55.77
C ASN B 52 -23.06 -9.36 -55.87
N PRO B 53 -22.89 -10.15 -54.79
CA PRO B 53 -22.05 -11.36 -54.88
C PRO B 53 -22.52 -12.45 -55.82
N SER B 54 -23.83 -12.51 -56.17
CA SER B 54 -24.30 -13.56 -57.09
C SER B 54 -23.79 -13.30 -58.51
N ASN B 55 -23.73 -12.05 -58.96
CA ASN B 55 -23.27 -11.81 -60.33
C ASN B 55 -22.15 -10.76 -60.51
N GLY B 56 -21.69 -10.14 -59.43
CA GLY B 56 -20.64 -9.14 -59.52
C GLY B 56 -21.04 -7.76 -59.98
N GLY B 57 -22.34 -7.48 -60.07
CA GLY B 57 -22.77 -6.15 -60.46
C GLY B 57 -22.46 -5.14 -59.37
N THR B 58 -22.06 -3.92 -59.75
CA THR B 58 -21.67 -2.90 -58.77
C THR B 58 -22.31 -1.55 -59.02
N ASN B 59 -22.30 -0.75 -57.96
CA ASN B 59 -22.69 0.66 -58.01
C ASN B 59 -21.71 1.40 -57.14
N PHE B 60 -21.35 2.60 -57.55
CA PHE B 60 -20.38 3.41 -56.89
C PHE B 60 -20.89 4.79 -56.73
N ASN B 61 -20.37 5.44 -55.70
CA ASN B 61 -20.53 6.84 -55.46
C ASN B 61 -19.50 7.49 -56.44
N GLU B 62 -19.97 8.43 -57.29
CA GLU B 62 -19.17 9.10 -58.35
C GLU B 62 -17.89 9.73 -57.79
N LYS B 63 -17.91 10.17 -56.54
CA LYS B 63 -16.74 10.74 -55.88
C LYS B 63 -15.53 9.74 -55.83
N PHE B 64 -15.81 8.42 -55.74
CA PHE B 64 -14.79 7.36 -55.68
C PHE B 64 -14.72 6.53 -56.94
N LYS B 65 -15.75 6.60 -57.85
CA LYS B 65 -15.67 5.86 -59.10
C LYS B 65 -14.29 6.24 -59.69
N ASN B 66 -13.56 5.22 -60.14
CA ASN B 66 -12.19 5.29 -60.69
C ASN B 66 -11.11 4.92 -59.70
N ARG B 67 -11.37 5.00 -58.37
CA ARG B 67 -10.40 4.61 -57.36
C ARG B 67 -10.79 3.40 -56.55
N VAL B 68 -12.08 2.96 -56.58
CA VAL B 68 -12.54 1.83 -55.80
C VAL B 68 -12.81 0.63 -56.68
N THR B 69 -12.36 -0.53 -56.19
CA THR B 69 -12.65 -1.81 -56.82
C THR B 69 -13.30 -2.70 -55.78
N LEU B 70 -14.45 -3.28 -56.09
CA LEU B 70 -15.17 -4.22 -55.24
C LEU B 70 -15.06 -5.57 -55.87
N THR B 71 -14.73 -6.57 -55.07
CA THR B 71 -14.52 -7.93 -55.55
C THR B 71 -15.10 -8.90 -54.53
N THR B 72 -15.41 -10.13 -54.95
CA THR B 72 -15.90 -11.15 -54.03
C THR B 72 -15.13 -12.43 -54.25
N ASP B 73 -15.08 -13.22 -53.19
CA ASP B 73 -14.52 -14.57 -53.19
C ASP B 73 -15.61 -15.48 -52.60
N SER B 74 -16.35 -16.18 -53.48
CA SER B 74 -17.45 -17.08 -53.12
C SER B 74 -17.06 -18.26 -52.24
N SER B 75 -15.85 -18.80 -52.41
CA SER B 75 -15.38 -19.95 -51.62
C SER B 75 -15.09 -19.61 -50.15
N THR B 76 -14.66 -18.38 -49.88
CA THR B 76 -14.37 -17.92 -48.52
C THR B 76 -15.44 -16.95 -48.02
N THR B 77 -16.53 -16.75 -48.81
CA THR B 77 -17.63 -15.81 -48.53
C THR B 77 -17.12 -14.47 -47.97
N THR B 78 -16.18 -13.92 -48.71
CA THR B 78 -15.50 -12.67 -48.36
C THR B 78 -15.69 -11.65 -49.46
N ALA B 79 -15.90 -10.41 -49.03
CA ALA B 79 -16.01 -9.24 -49.92
C ALA B 79 -14.80 -8.35 -49.63
N TYR B 80 -14.28 -7.70 -50.67
CA TYR B 80 -13.12 -6.83 -50.56
C TYR B 80 -13.44 -5.49 -51.15
N MET B 81 -12.91 -4.46 -50.49
CA MET B 81 -12.96 -3.10 -50.92
C MET B 81 -11.50 -2.67 -51.12
N GLU B 82 -11.12 -2.31 -52.34
CA GLU B 82 -9.79 -1.79 -52.60
C GLU B 82 -9.87 -0.36 -53.06
N LEU B 83 -9.20 0.53 -52.29
CA LEU B 83 -9.14 1.95 -52.59
C LEU B 83 -7.71 2.27 -52.95
N LYS B 84 -7.56 2.69 -54.20
CA LYS B 84 -6.25 2.99 -54.83
C LYS B 84 -5.97 4.52 -54.88
N SER B 85 -4.70 4.89 -55.19
CA SER B 85 -4.23 6.30 -55.30
C SER B 85 -4.64 7.11 -54.07
N LEU B 86 -4.30 6.56 -52.92
CA LEU B 86 -4.68 7.10 -51.63
C LEU B 86 -4.30 8.56 -51.44
N GLN B 87 -5.20 9.27 -50.83
CA GLN B 87 -5.06 10.69 -50.49
C GLN B 87 -5.03 10.81 -48.98
N PHE B 88 -4.41 11.84 -48.46
CA PHE B 88 -4.37 12.12 -47.03
C PHE B 88 -5.82 12.13 -46.43
N ASP B 89 -6.78 12.67 -47.18
CA ASP B 89 -8.17 12.73 -46.75
C ASP B 89 -8.98 11.43 -46.92
N ASP B 90 -8.31 10.30 -47.23
CA ASP B 90 -8.96 9.00 -47.26
C ASP B 90 -8.84 8.35 -45.86
N THR B 91 -8.15 9.01 -44.91
CA THR B 91 -8.06 8.56 -43.52
C THR B 91 -9.47 8.46 -42.94
N ALA B 92 -9.91 7.27 -42.54
CA ALA B 92 -11.25 7.08 -42.04
C ALA B 92 -11.42 5.71 -41.46
N VAL B 93 -12.59 5.47 -40.87
CA VAL B 93 -12.96 4.11 -40.47
C VAL B 93 -13.83 3.62 -41.64
N TYR B 94 -13.48 2.45 -42.17
CA TYR B 94 -14.22 1.83 -43.27
C TYR B 94 -15.02 0.65 -42.77
N TYR B 95 -16.31 0.57 -43.17
CA TYR B 95 -17.22 -0.52 -42.81
C TYR B 95 -17.75 -1.24 -44.00
N CYS B 96 -18.04 -2.55 -43.84
CA CYS B 96 -18.86 -3.32 -44.79
C CYS B 96 -20.22 -3.42 -44.09
N ALA B 97 -21.27 -3.52 -44.84
CA ALA B 97 -22.60 -3.76 -44.28
C ALA B 97 -23.45 -4.46 -45.30
N ARG B 98 -24.29 -5.39 -44.87
CA ARG B 98 -25.10 -6.13 -45.81
C ARG B 98 -26.48 -5.51 -46.03
N ARG B 99 -27.11 -5.90 -47.14
CA ARG B 99 -28.44 -5.44 -47.51
C ARG B 99 -29.10 -6.58 -48.22
N ASP B 100 -30.34 -6.88 -47.84
CA ASP B 100 -31.09 -7.96 -48.48
C ASP B 100 -31.26 -7.69 -49.98
N TYR B 101 -30.89 -8.65 -50.84
CA TYR B 101 -31.02 -8.50 -52.29
C TYR B 101 -32.46 -8.22 -52.78
N ARG B 102 -33.44 -9.02 -52.32
CA ARG B 102 -34.83 -8.95 -52.82
C ARG B 102 -35.62 -7.74 -52.31
N PHE B 103 -35.41 -7.34 -51.08
CA PHE B 103 -36.12 -6.23 -50.46
C PHE B 103 -35.10 -5.33 -49.83
N ASP B 104 -35.22 -4.04 -50.00
CA ASP B 104 -34.39 -3.10 -49.33
C ASP B 104 -34.91 -2.87 -47.90
N MET B 105 -34.33 -3.55 -46.92
CA MET B 105 -34.73 -3.39 -45.53
C MET B 105 -33.58 -2.83 -44.71
N GLY B 106 -32.75 -1.99 -45.35
CA GLY B 106 -31.62 -1.36 -44.69
C GLY B 106 -30.39 -2.21 -44.52
N PHE B 107 -29.35 -1.57 -43.99
CA PHE B 107 -28.06 -2.21 -43.71
C PHE B 107 -28.20 -2.83 -42.32
N ASP B 108 -28.72 -4.05 -42.28
CA ASP B 108 -29.07 -4.67 -41.03
C ASP B 108 -27.89 -5.19 -40.21
N TYR B 109 -26.79 -5.62 -40.85
CA TYR B 109 -25.59 -6.12 -40.12
C TYR B 109 -24.39 -5.45 -40.72
N TRP B 110 -23.48 -5.02 -39.84
CA TRP B 110 -22.27 -4.29 -40.20
C TRP B 110 -21.05 -4.98 -39.65
N GLY B 111 -19.92 -4.80 -40.33
CA GLY B 111 -18.63 -5.24 -39.80
C GLY B 111 -18.22 -4.31 -38.67
N GLN B 112 -17.14 -4.62 -37.97
CA GLN B 112 -16.70 -3.85 -36.81
C GLN B 112 -15.94 -2.55 -37.16
N GLY B 113 -15.55 -2.44 -38.40
CA GLY B 113 -14.85 -1.27 -38.91
C GLY B 113 -13.36 -1.51 -38.97
N THR B 114 -12.71 -0.89 -39.97
CA THR B 114 -11.25 -0.94 -40.17
C THR B 114 -10.75 0.49 -40.13
N THR B 115 -9.84 0.79 -39.23
CA THR B 115 -9.24 2.12 -39.19
C THR B 115 -8.15 2.18 -40.23
N VAL B 116 -8.25 3.15 -41.14
CA VAL B 116 -7.26 3.33 -42.20
C VAL B 116 -6.68 4.73 -42.10
N THR B 117 -5.35 4.83 -42.01
CA THR B 117 -4.67 6.12 -41.96
C THR B 117 -3.80 6.22 -43.19
N VAL B 118 -3.87 7.37 -43.87
CA VAL B 118 -3.04 7.66 -45.01
C VAL B 118 -2.01 8.68 -44.56
N SER B 119 -0.75 8.30 -44.57
CA SER B 119 0.32 9.19 -44.11
C SER B 119 1.70 8.75 -44.62
N SER B 120 2.55 9.74 -44.91
CA SER B 120 3.95 9.51 -45.26
C SER B 120 4.78 9.63 -43.96
N ALA B 121 4.14 9.96 -42.77
CA ALA B 121 4.87 9.98 -41.51
C ALA B 121 5.17 8.57 -41.06
N SER B 122 6.22 8.40 -40.28
CA SER B 122 6.63 7.07 -39.84
C SER B 122 5.81 6.53 -38.69
N THR B 123 5.61 5.22 -38.75
CA THR B 123 4.93 4.47 -37.70
C THR B 123 5.81 4.43 -36.46
N LYS B 124 5.22 4.69 -35.26
CA LYS B 124 5.97 4.70 -33.99
C LYS B 124 5.15 4.04 -32.89
N GLY B 125 5.74 3.08 -32.19
CA GLY B 125 5.08 2.40 -31.09
C GLY B 125 5.11 3.26 -29.84
N PRO B 126 4.11 3.09 -28.94
CA PRO B 126 4.05 3.94 -27.73
C PRO B 126 5.01 3.52 -26.63
N SER B 127 5.27 4.47 -25.71
CA SER B 127 5.97 4.20 -24.45
C SER B 127 4.82 4.11 -23.46
N VAL B 128 4.83 3.12 -22.55
CA VAL B 128 3.75 2.90 -21.59
C VAL B 128 4.26 3.21 -20.19
N PHE B 129 3.65 4.22 -19.53
CA PHE B 129 4.12 4.69 -18.22
C PHE B 129 3.05 4.52 -17.23
N PRO B 130 3.35 3.96 -16.05
CA PRO B 130 2.29 3.76 -15.04
C PRO B 130 1.86 5.04 -14.31
N LEU B 131 0.56 5.12 -13.96
CA LEU B 131 -0.01 6.22 -13.19
C LEU B 131 -0.38 5.73 -11.80
N ALA B 132 0.45 6.07 -10.78
CA ALA B 132 0.20 5.62 -9.41
C ALA B 132 0.26 6.78 -8.45
N PRO B 133 -0.56 6.80 -7.39
CA PRO B 133 -0.56 7.96 -6.48
C PRO B 133 0.75 8.17 -5.71
N CYS B 134 1.11 9.44 -5.49
CA CYS B 134 2.32 9.84 -4.75
C CYS B 134 2.02 9.64 -3.26
N SER B 135 2.24 8.42 -2.75
CA SER B 135 2.00 8.07 -1.34
C SER B 135 0.54 8.33 -0.92
N ARG B 136 -0.34 7.33 -1.17
CA ARG B 136 -1.78 7.39 -0.88
C ARG B 136 -2.06 7.63 0.60
N SER B 137 -3.10 8.45 0.88
CA SER B 137 -3.50 8.88 2.22
C SER B 137 -4.79 8.21 2.71
N THR B 138 -5.09 8.43 4.01
CA THR B 138 -6.29 7.96 4.69
C THR B 138 -7.17 9.20 5.00
N SER B 139 -8.51 9.08 5.05
CA SER B 139 -9.29 7.85 4.86
C SER B 139 -10.01 7.93 3.52
N GLU B 140 -9.22 7.88 2.43
CA GLU B 140 -9.69 7.89 1.06
C GLU B 140 -10.18 6.47 0.78
N SER B 141 -11.49 6.28 0.52
CA SER B 141 -12.03 4.93 0.28
C SER B 141 -11.79 4.47 -1.18
N THR B 142 -11.60 5.42 -2.13
CA THR B 142 -11.37 5.11 -3.53
C THR B 142 -9.98 5.59 -3.96
N ALA B 143 -9.31 4.78 -4.76
CA ALA B 143 -8.00 5.08 -5.30
C ALA B 143 -8.09 5.04 -6.81
N ALA B 144 -7.26 5.81 -7.49
CA ALA B 144 -7.19 5.74 -8.96
C ALA B 144 -5.78 5.32 -9.37
N LEU B 145 -5.73 4.56 -10.44
CA LEU B 145 -4.45 4.18 -11.05
C LEU B 145 -4.65 4.13 -12.55
N GLY B 146 -3.57 4.17 -13.28
CA GLY B 146 -3.72 4.21 -14.71
C GLY B 146 -2.45 3.94 -15.49
N CYS B 147 -2.50 4.24 -16.77
CA CYS B 147 -1.39 4.10 -17.70
C CYS B 147 -1.39 5.25 -18.68
N LEU B 148 -0.23 5.87 -18.90
CA LEU B 148 -0.04 6.89 -19.94
C LEU B 148 0.63 6.16 -21.14
N VAL B 149 -0.04 6.13 -22.29
CA VAL B 149 0.41 5.50 -23.54
C VAL B 149 0.83 6.68 -24.42
N LYS B 150 2.13 6.99 -24.42
CA LYS B 150 2.63 8.22 -25.01
C LYS B 150 3.40 8.07 -26.28
N ASP B 151 3.14 8.99 -27.23
CA ASP B 151 3.95 9.17 -28.43
C ASP B 151 3.87 8.00 -29.41
N TYR B 152 2.72 7.83 -30.02
CA TYR B 152 2.54 6.80 -31.03
C TYR B 152 1.85 7.36 -32.27
N PHE B 153 2.07 6.66 -33.37
CA PHE B 153 1.50 7.01 -34.64
C PHE B 153 1.47 5.78 -35.52
N PRO B 154 0.36 5.52 -36.22
CA PRO B 154 -0.94 6.20 -36.21
C PRO B 154 -1.84 5.63 -35.13
N GLU B 155 -3.07 6.05 -35.15
CA GLU B 155 -4.08 5.43 -34.32
C GLU B 155 -4.50 4.07 -34.92
N PRO B 156 -5.14 3.20 -34.13
CA PRO B 156 -5.47 3.32 -32.72
C PRO B 156 -4.57 2.47 -31.83
N VAL B 157 -4.77 2.60 -30.52
CA VAL B 157 -4.16 1.72 -29.52
C VAL B 157 -5.32 1.12 -28.75
N THR B 158 -5.20 -0.14 -28.31
CA THR B 158 -6.23 -0.73 -27.47
C THR B 158 -5.65 -0.89 -26.09
N VAL B 159 -6.49 -0.74 -25.07
CA VAL B 159 -6.07 -0.93 -23.67
C VAL B 159 -7.08 -1.78 -22.94
N SER B 160 -6.58 -2.67 -22.13
CA SER B 160 -7.35 -3.49 -21.23
C SER B 160 -6.59 -3.55 -19.88
N TRP B 161 -7.27 -3.98 -18.85
CA TRP B 161 -6.73 -4.09 -17.51
C TRP B 161 -6.86 -5.55 -17.05
N ASN B 162 -5.78 -6.09 -16.48
CA ASN B 162 -5.73 -7.48 -15.97
C ASN B 162 -6.28 -8.49 -16.99
N SER B 163 -5.87 -8.30 -18.26
CA SER B 163 -6.22 -9.12 -19.41
C SER B 163 -7.71 -9.22 -19.70
N GLY B 164 -8.44 -8.14 -19.45
CA GLY B 164 -9.88 -8.08 -19.70
C GLY B 164 -10.72 -8.47 -18.51
N ALA B 165 -10.08 -8.97 -17.43
CA ALA B 165 -10.77 -9.37 -16.21
C ALA B 165 -11.28 -8.13 -15.45
N LEU B 166 -10.55 -6.99 -15.53
CA LEU B 166 -10.97 -5.75 -14.87
C LEU B 166 -11.60 -4.82 -15.90
N THR B 167 -12.90 -4.58 -15.77
CA THR B 167 -13.66 -3.70 -16.66
C THR B 167 -14.40 -2.59 -15.91
N SER B 168 -14.90 -2.88 -14.69
CA SER B 168 -15.64 -1.90 -13.89
C SER B 168 -14.72 -0.79 -13.39
N GLY B 169 -15.19 0.44 -13.53
CA GLY B 169 -14.46 1.63 -13.13
C GLY B 169 -13.37 2.04 -14.09
N VAL B 170 -13.28 1.40 -15.28
CA VAL B 170 -12.24 1.70 -16.27
C VAL B 170 -12.71 2.85 -17.20
N HIS B 171 -11.85 3.85 -17.44
CA HIS B 171 -12.07 4.90 -18.44
C HIS B 171 -10.83 4.94 -19.30
N THR B 172 -10.98 4.58 -20.57
CA THR B 172 -9.90 4.70 -21.54
C THR B 172 -10.27 5.93 -22.27
N PHE B 173 -9.40 6.94 -22.23
CA PHE B 173 -9.71 8.24 -22.84
C PHE B 173 -9.44 8.31 -24.31
N PRO B 174 -10.24 9.07 -25.09
CA PRO B 174 -9.84 9.36 -26.48
C PRO B 174 -8.41 9.92 -26.53
N ALA B 175 -7.66 9.62 -27.57
CA ALA B 175 -6.29 10.11 -27.67
C ALA B 175 -6.22 11.62 -27.88
N VAL B 176 -5.09 12.22 -27.52
CA VAL B 176 -4.78 13.63 -27.79
C VAL B 176 -3.69 13.64 -28.84
N LEU B 177 -3.70 14.66 -29.67
CA LEU B 177 -2.70 14.79 -30.73
C LEU B 177 -1.74 15.87 -30.31
N GLN B 178 -0.49 15.51 -30.11
CA GLN B 178 0.55 16.45 -29.71
C GLN B 178 1.04 17.28 -30.92
N SER B 179 1.71 18.39 -30.65
CA SER B 179 2.23 19.29 -31.70
C SER B 179 3.30 18.65 -32.58
N SER B 180 3.90 17.57 -32.10
CA SER B 180 4.83 16.75 -32.84
C SER B 180 4.14 15.89 -33.92
N GLY B 181 2.81 15.78 -33.87
CA GLY B 181 2.05 14.93 -34.79
C GLY B 181 1.86 13.53 -34.27
N LEU B 182 2.37 13.24 -33.05
CA LEU B 182 2.21 11.94 -32.37
C LEU B 182 1.06 12.01 -31.40
N TYR B 183 0.42 10.87 -31.19
CA TYR B 183 -0.69 10.70 -30.25
C TYR B 183 -0.24 10.24 -28.87
N SER B 184 -1.12 10.49 -27.89
CA SER B 184 -1.00 10.02 -26.51
C SER B 184 -2.38 9.63 -26.01
N LEU B 185 -2.45 8.60 -25.19
CA LEU B 185 -3.72 8.31 -24.55
C LEU B 185 -3.51 7.81 -23.14
N SER B 186 -4.51 8.04 -22.32
CA SER B 186 -4.53 7.69 -20.92
C SER B 186 -5.70 6.73 -20.68
N SER B 187 -5.44 5.71 -19.90
CA SER B 187 -6.43 4.77 -19.42
C SER B 187 -6.33 4.77 -17.91
N VAL B 188 -7.48 4.85 -17.23
CA VAL B 188 -7.52 4.85 -15.77
C VAL B 188 -8.52 3.85 -15.23
N VAL B 189 -8.34 3.52 -13.95
CA VAL B 189 -9.30 2.67 -13.27
C VAL B 189 -9.42 3.12 -11.82
N THR B 190 -10.64 3.17 -11.29
CA THR B 190 -10.88 3.51 -9.87
C THR B 190 -11.19 2.21 -9.16
N VAL B 191 -10.58 2.03 -8.01
CA VAL B 191 -10.72 0.81 -7.25
C VAL B 191 -10.84 1.18 -5.78
N PRO B 192 -11.34 0.28 -4.92
CA PRO B 192 -11.35 0.60 -3.49
C PRO B 192 -9.93 0.67 -2.99
N SER B 193 -9.64 1.61 -2.09
CA SER B 193 -8.30 1.74 -1.50
C SER B 193 -7.87 0.46 -0.79
N SER B 194 -8.85 -0.26 -0.22
CA SER B 194 -8.65 -1.53 0.50
C SER B 194 -8.05 -2.59 -0.40
N SER B 195 -8.34 -2.53 -1.72
CA SER B 195 -7.83 -3.49 -2.73
C SER B 195 -6.37 -3.30 -3.12
N LEU B 196 -5.76 -2.13 -2.86
CA LEU B 196 -4.36 -1.92 -3.24
C LEU B 196 -3.48 -2.80 -2.36
N GLY B 197 -2.65 -3.61 -3.01
CA GLY B 197 -1.78 -4.59 -2.34
C GLY B 197 -2.38 -5.97 -2.15
N THR B 198 -3.66 -6.15 -2.47
CA THR B 198 -4.40 -7.41 -2.40
C THR B 198 -4.34 -8.12 -3.75
N LYS B 199 -4.51 -7.35 -4.82
CA LYS B 199 -4.56 -7.78 -6.21
C LYS B 199 -3.51 -6.99 -7.00
N THR B 200 -2.97 -7.57 -8.07
CA THR B 200 -2.07 -6.82 -8.95
C THR B 200 -2.91 -6.05 -9.98
N TYR B 201 -2.35 -4.95 -10.49
CA TYR B 201 -3.01 -4.11 -11.49
C TYR B 201 -2.04 -3.86 -12.61
N THR B 202 -2.42 -4.28 -13.81
CA THR B 202 -1.58 -4.24 -15.02
C THR B 202 -2.44 -3.77 -16.19
N CYS B 203 -1.93 -2.85 -17.01
CA CYS B 203 -2.63 -2.43 -18.21
C CYS B 203 -1.99 -3.15 -19.40
N ASN B 204 -2.81 -3.63 -20.31
CA ASN B 204 -2.33 -4.37 -21.48
C ASN B 204 -2.56 -3.51 -22.68
N VAL B 205 -1.47 -3.01 -23.26
CA VAL B 205 -1.53 -2.07 -24.38
C VAL B 205 -1.11 -2.75 -25.69
N ASP B 206 -1.89 -2.52 -26.75
CA ASP B 206 -1.63 -3.07 -28.07
C ASP B 206 -1.65 -1.92 -29.10
N HIS B 207 -0.57 -1.78 -29.90
CA HIS B 207 -0.46 -0.82 -30.99
C HIS B 207 -0.10 -1.68 -32.20
N LYS B 208 -1.14 -2.17 -32.89
CA LYS B 208 -0.99 -3.11 -33.97
C LYS B 208 -0.14 -2.55 -35.15
N PRO B 209 -0.24 -1.25 -35.54
CA PRO B 209 0.63 -0.76 -36.61
C PRO B 209 2.13 -0.96 -36.41
N SER B 210 2.62 -0.92 -35.16
CA SER B 210 4.05 -1.13 -34.89
C SER B 210 4.33 -2.52 -34.20
N ASN B 211 3.29 -3.36 -34.07
CA ASN B 211 3.37 -4.67 -33.40
C ASN B 211 3.89 -4.54 -31.97
N THR B 212 3.36 -3.55 -31.24
CA THR B 212 3.71 -3.30 -29.85
C THR B 212 2.63 -3.94 -29.01
N LYS B 213 3.04 -4.78 -28.06
CA LYS B 213 2.14 -5.45 -27.12
C LYS B 213 2.86 -5.38 -25.77
N VAL B 214 2.44 -4.43 -24.89
CA VAL B 214 3.07 -4.17 -23.58
C VAL B 214 2.10 -4.47 -22.45
N ASP B 215 2.60 -5.12 -21.39
CA ASP B 215 1.82 -5.45 -20.19
C ASP B 215 2.55 -4.70 -19.08
N LYS B 216 2.09 -3.48 -18.75
CA LYS B 216 2.77 -2.61 -17.79
C LYS B 216 2.18 -2.77 -16.42
N ARG B 217 3.01 -3.15 -15.43
CA ARG B 217 2.55 -3.31 -14.05
C ARG B 217 2.49 -1.95 -13.43
N VAL B 218 1.31 -1.60 -12.92
CA VAL B 218 1.07 -0.32 -12.27
C VAL B 218 1.13 -0.52 -10.75
N GLU B 219 0.41 -1.51 -10.23
CA GLU B 219 0.42 -1.74 -8.76
C GLU B 219 0.63 -3.25 -8.39
N SER B 220 1.57 -3.55 -7.45
CA SER B 220 1.89 -4.92 -7.01
C SER B 220 1.21 -5.29 -5.66
N LYS B 221 1.45 -6.53 -5.12
CA LYS B 221 0.92 -6.96 -3.81
C LYS B 221 1.85 -6.47 -2.65
N TYR B 222 1.55 -6.80 -1.36
CA TYR B 222 2.18 -6.19 -0.16
C TYR B 222 3.49 -6.76 0.58
N GLY B 223 4.14 -7.87 0.26
CA GLY B 223 4.17 -8.64 -0.95
C GLY B 223 5.63 -8.62 -1.39
N PRO B 224 6.57 -9.37 -0.71
CA PRO B 224 8.00 -9.39 -1.17
C PRO B 224 8.11 -9.58 -2.67
N PRO B 225 8.91 -8.78 -3.41
CA PRO B 225 10.00 -7.89 -2.95
C PRO B 225 9.64 -6.47 -2.48
N CYS B 226 8.36 -6.18 -2.23
CA CYS B 226 7.98 -4.87 -1.73
C CYS B 226 8.28 -4.83 -0.23
N PRO B 227 9.05 -3.86 0.31
CA PRO B 227 9.30 -3.87 1.77
C PRO B 227 8.02 -3.91 2.61
N PRO B 228 8.05 -4.47 3.84
CA PRO B 228 6.80 -4.59 4.62
C PRO B 228 6.17 -3.28 5.13
N CYS B 229 6.97 -2.18 5.16
CA CYS B 229 6.69 -0.80 5.66
C CYS B 229 7.19 -0.66 7.09
N GLU B 233 2.34 -3.29 10.39
CA GLU B 233 1.17 -4.13 10.54
C GLU B 233 0.65 -4.62 9.19
N PHE B 234 -0.06 -5.76 9.19
CA PHE B 234 -0.57 -6.44 7.99
C PHE B 234 -2.09 -6.25 7.76
N LEU B 235 -2.68 -6.99 6.77
CA LEU B 235 -4.11 -7.01 6.40
C LEU B 235 -4.57 -5.80 5.54
N GLY B 236 -3.67 -4.84 5.24
CA GLY B 236 -4.03 -3.62 4.52
C GLY B 236 -4.31 -2.48 5.48
N GLY B 237 -4.99 -2.78 6.58
CA GLY B 237 -5.33 -1.83 7.63
C GLY B 237 -6.74 -2.05 8.13
N PRO B 238 -7.07 -1.67 9.39
CA PRO B 238 -8.47 -1.82 9.85
C PRO B 238 -9.43 -0.91 9.09
N SER B 239 -10.69 -1.36 8.92
CA SER B 239 -11.72 -0.57 8.21
C SER B 239 -12.75 0.01 9.20
N VAL B 240 -13.07 1.30 9.00
CA VAL B 240 -14.01 2.04 9.86
C VAL B 240 -15.28 2.33 9.10
N PHE B 241 -16.43 2.05 9.76
CA PHE B 241 -17.77 2.30 9.23
C PHE B 241 -18.59 3.11 10.27
N LEU B 242 -18.94 4.34 9.86
CA LEU B 242 -19.67 5.31 10.67
C LEU B 242 -21.13 5.39 10.20
N PHE B 243 -22.05 4.95 11.07
CA PHE B 243 -23.49 4.89 10.78
C PHE B 243 -24.32 6.09 11.37
N PRO B 244 -25.31 6.62 10.61
CA PRO B 244 -26.17 7.68 11.16
C PRO B 244 -27.26 7.15 12.11
N PRO B 245 -28.03 8.05 12.77
CA PRO B 245 -29.08 7.57 13.66
C PRO B 245 -30.26 6.92 12.91
N LYS B 246 -30.74 5.77 13.41
CA LYS B 246 -31.87 5.01 12.87
C LYS B 246 -32.36 4.07 14.02
N PRO B 247 -32.22 2.71 14.09
CA PRO B 247 -31.72 1.71 13.11
C PRO B 247 -32.87 1.16 12.25
N LYS B 248 -33.68 0.24 12.82
CA LYS B 248 -34.85 -0.37 12.17
C LYS B 248 -35.79 -0.92 13.28
N ASP B 249 -36.81 -1.70 12.90
CA ASP B 249 -37.75 -2.42 13.76
C ASP B 249 -38.78 -1.58 14.57
N THR B 250 -38.43 -0.98 15.74
CA THR B 250 -39.49 -0.39 16.60
C THR B 250 -39.19 0.90 17.44
N LEU B 251 -40.27 1.32 18.16
CA LEU B 251 -40.41 2.46 19.09
C LEU B 251 -39.53 2.30 20.40
N MET B 252 -39.65 3.15 21.48
CA MET B 252 -40.52 4.32 21.74
C MET B 252 -39.65 5.50 22.20
N ILE B 253 -39.29 5.58 23.51
CA ILE B 253 -38.38 6.59 24.05
C ILE B 253 -37.02 5.92 24.33
N SER B 254 -36.85 4.65 23.85
CA SER B 254 -35.61 3.87 23.93
C SER B 254 -35.40 3.08 22.60
N ARG B 255 -35.11 3.73 21.43
CA ARG B 255 -34.90 5.17 21.15
C ARG B 255 -33.69 5.77 21.88
N THR B 256 -33.47 7.09 21.70
CA THR B 256 -32.31 7.90 22.07
C THR B 256 -31.39 7.76 20.84
N PRO B 257 -31.61 8.59 19.80
CA PRO B 257 -30.81 8.46 18.58
C PRO B 257 -29.30 8.59 18.82
N GLU B 258 -28.55 7.74 18.12
CA GLU B 258 -27.11 7.62 18.30
C GLU B 258 -26.39 7.51 16.98
N VAL B 259 -25.17 8.04 16.92
CA VAL B 259 -24.29 7.91 15.78
C VAL B 259 -23.40 6.72 16.19
N THR B 260 -23.24 5.72 15.33
CA THR B 260 -22.47 4.51 15.66
C THR B 260 -21.19 4.38 14.81
N CYS B 261 -20.03 4.18 15.47
CA CYS B 261 -18.75 3.97 14.80
C CYS B 261 -18.38 2.52 15.01
N VAL B 262 -18.18 1.78 13.91
CA VAL B 262 -17.80 0.35 13.99
C VAL B 262 -16.50 0.13 13.21
N VAL B 263 -15.57 -0.60 13.83
CA VAL B 263 -14.28 -0.89 13.23
C VAL B 263 -14.09 -2.36 13.14
N VAL B 264 -13.62 -2.80 11.97
CA VAL B 264 -13.33 -4.21 11.67
C VAL B 264 -11.91 -4.32 11.07
N ASP B 265 -11.43 -5.59 10.90
CA ASP B 265 -10.10 -5.92 10.38
C ASP B 265 -8.99 -5.39 11.29
N VAL B 266 -9.26 -5.52 12.62
CA VAL B 266 -8.36 -5.14 13.72
C VAL B 266 -7.73 -6.46 14.09
N SER B 267 -6.40 -6.55 14.03
CA SER B 267 -5.66 -7.81 14.28
C SER B 267 -5.65 -8.24 15.76
N GLN B 268 -5.27 -9.52 15.96
CA GLN B 268 -5.16 -10.14 17.29
C GLN B 268 -3.83 -9.73 17.97
N GLU B 269 -2.76 -9.48 17.17
CA GLU B 269 -1.46 -9.02 17.69
C GLU B 269 -1.50 -7.52 18.07
N ASP B 270 -2.43 -6.75 17.48
CA ASP B 270 -2.65 -5.33 17.80
C ASP B 270 -4.16 -5.13 18.08
N PRO B 271 -4.66 -5.61 19.26
CA PRO B 271 -6.09 -5.49 19.55
C PRO B 271 -6.54 -4.13 20.11
N GLU B 272 -5.70 -3.49 20.95
CA GLU B 272 -6.07 -2.22 21.61
C GLU B 272 -6.44 -1.11 20.61
N VAL B 273 -7.70 -0.64 20.71
CA VAL B 273 -8.24 0.43 19.86
C VAL B 273 -8.72 1.59 20.75
N GLN B 274 -8.51 2.83 20.26
CA GLN B 274 -8.96 4.06 20.89
C GLN B 274 -9.91 4.77 19.91
N PHE B 275 -11.00 5.36 20.44
CA PHE B 275 -11.99 6.12 19.65
C PHE B 275 -11.98 7.57 20.08
N ASN B 276 -11.93 8.49 19.11
CA ASN B 276 -12.00 9.93 19.36
C ASN B 276 -13.17 10.48 18.55
N TRP B 277 -14.07 11.22 19.22
CA TRP B 277 -15.29 11.75 18.63
C TRP B 277 -15.27 13.27 18.55
N TYR B 278 -15.59 13.86 17.39
CA TYR B 278 -15.66 15.30 17.23
C TYR B 278 -17.03 15.70 16.64
N VAL B 279 -17.66 16.76 17.20
CA VAL B 279 -18.92 17.31 16.70
C VAL B 279 -18.53 18.67 16.18
N ASP B 280 -18.54 18.87 14.88
CA ASP B 280 -18.06 20.10 14.25
C ASP B 280 -16.58 20.39 14.61
N GLY B 281 -15.77 19.34 14.64
CA GLY B 281 -14.35 19.44 14.94
C GLY B 281 -13.99 19.77 16.38
N VAL B 282 -14.94 19.62 17.30
CA VAL B 282 -14.77 19.93 18.71
C VAL B 282 -14.86 18.59 19.38
N GLU B 283 -13.80 18.17 20.06
CA GLU B 283 -13.79 16.86 20.71
C GLU B 283 -14.84 16.78 21.82
N VAL B 284 -15.57 15.66 21.85
CA VAL B 284 -16.64 15.37 22.80
C VAL B 284 -16.25 14.07 23.52
N HIS B 285 -16.73 13.88 24.75
CA HIS B 285 -16.32 12.76 25.61
C HIS B 285 -17.46 11.92 26.18
N ASN B 286 -18.70 12.11 25.72
CA ASN B 286 -19.85 11.36 26.23
C ASN B 286 -20.07 9.98 25.55
N ALA B 287 -19.22 9.58 24.58
CA ALA B 287 -19.39 8.33 23.84
C ALA B 287 -19.33 7.05 24.67
N LYS B 288 -20.03 6.00 24.20
CA LYS B 288 -20.11 4.69 24.83
C LYS B 288 -19.32 3.69 23.99
N THR B 289 -18.07 3.44 24.41
CA THR B 289 -17.20 2.49 23.73
C THR B 289 -17.51 1.12 24.32
N LYS B 290 -18.06 0.22 23.48
CA LYS B 290 -18.44 -1.13 23.89
C LYS B 290 -17.18 -2.00 24.05
N PRO B 291 -17.17 -3.01 24.95
CA PRO B 291 -15.97 -3.86 25.07
C PRO B 291 -15.70 -4.65 23.78
N ARG B 292 -14.41 -4.71 23.36
CA ARG B 292 -13.98 -5.40 22.13
C ARG B 292 -14.44 -6.87 22.08
N GLU B 293 -14.75 -7.37 20.86
CA GLU B 293 -15.20 -8.74 20.64
C GLU B 293 -14.43 -9.44 19.49
N GLU B 294 -14.04 -10.72 19.74
CA GLU B 294 -13.28 -11.57 18.80
C GLU B 294 -14.13 -11.99 17.60
N GLN B 295 -15.42 -12.37 17.83
CA GLN B 295 -16.38 -12.82 16.80
C GLN B 295 -16.12 -12.28 15.35
N PHE B 296 -15.60 -13.12 14.40
CA PHE B 296 -15.26 -14.55 14.57
C PHE B 296 -14.14 -15.02 13.62
N ASN B 297 -14.31 -14.77 12.30
CA ASN B 297 -13.33 -15.05 11.22
C ASN B 297 -11.89 -15.24 11.71
N SER B 298 -11.36 -14.22 12.42
CA SER B 298 -9.99 -14.11 12.94
C SER B 298 -9.68 -12.71 13.56
N THR B 299 -10.29 -11.63 13.00
CA THR B 299 -10.08 -10.24 13.41
C THR B 299 -10.90 -9.87 14.66
N TYR B 300 -10.86 -8.58 15.05
CA TYR B 300 -11.62 -8.03 16.17
C TYR B 300 -12.65 -7.01 15.65
N ARG B 301 -13.74 -6.83 16.42
CA ARG B 301 -14.79 -5.85 16.13
C ARG B 301 -15.03 -5.01 17.39
N VAL B 302 -14.80 -3.69 17.28
CA VAL B 302 -14.98 -2.75 18.40
C VAL B 302 -16.02 -1.69 17.97
N VAL B 303 -17.03 -1.44 18.83
CA VAL B 303 -18.13 -0.53 18.54
C VAL B 303 -18.20 0.64 19.53
N SER B 304 -18.32 1.86 18.99
CA SER B 304 -18.49 3.07 19.79
C SER B 304 -19.77 3.75 19.35
N VAL B 305 -20.63 4.09 20.32
CA VAL B 305 -21.92 4.73 20.12
C VAL B 305 -21.89 6.12 20.73
N LEU B 306 -22.18 7.19 19.93
CA LEU B 306 -22.28 8.56 20.47
C LEU B 306 -23.74 9.01 20.40
N THR B 307 -24.33 9.39 21.52
CA THR B 307 -25.71 9.90 21.58
C THR B 307 -25.79 11.29 20.95
N VAL B 308 -26.79 11.52 20.09
CA VAL B 308 -26.99 12.89 19.53
C VAL B 308 -27.54 13.79 20.67
N LEU B 309 -27.20 15.09 20.66
CA LEU B 309 -27.67 16.05 21.67
C LEU B 309 -28.40 17.18 20.99
N HIS B 310 -29.28 17.86 21.71
CA HIS B 310 -29.98 19.08 21.23
C HIS B 310 -30.74 18.83 19.90
N GLN B 311 -30.45 19.53 18.80
CA GLN B 311 -31.07 19.27 17.48
C GLN B 311 -29.90 19.16 16.46
N ASP B 312 -28.76 18.62 16.92
CA ASP B 312 -27.49 18.56 16.19
C ASP B 312 -27.51 17.84 14.87
N TRP B 313 -28.16 16.66 14.80
CA TRP B 313 -28.22 15.91 13.56
C TRP B 313 -29.03 16.67 12.51
N LEU B 314 -30.17 17.17 12.91
CA LEU B 314 -31.06 17.91 12.04
C LEU B 314 -30.48 19.24 11.61
N ASN B 315 -29.66 19.90 12.48
CA ASN B 315 -28.97 21.15 12.12
C ASN B 315 -27.94 20.97 11.08
N GLY B 316 -27.44 19.75 10.94
CA GLY B 316 -26.44 19.42 9.93
C GLY B 316 -25.04 19.36 10.51
N LYS B 317 -24.90 19.14 11.84
CA LYS B 317 -23.60 19.05 12.46
C LYS B 317 -22.82 17.81 11.95
N GLU B 318 -21.49 17.92 11.90
CA GLU B 318 -20.61 16.84 11.43
C GLU B 318 -20.14 16.00 12.57
N TYR B 319 -20.39 14.71 12.49
CA TYR B 319 -19.95 13.74 13.47
C TYR B 319 -18.71 13.09 12.87
N LYS B 320 -17.57 13.20 13.54
CA LYS B 320 -16.29 12.67 13.10
C LYS B 320 -15.82 11.65 14.10
N CYS B 321 -15.53 10.44 13.62
CA CYS B 321 -15.01 9.36 14.43
C CYS B 321 -13.60 9.05 13.95
N LYS B 322 -12.63 9.09 14.87
CA LYS B 322 -11.21 8.84 14.57
C LYS B 322 -10.80 7.60 15.32
N VAL B 323 -10.25 6.61 14.61
CA VAL B 323 -9.83 5.34 15.21
C VAL B 323 -8.32 5.18 15.12
N SER B 324 -7.70 4.92 16.28
CA SER B 324 -6.27 4.74 16.43
C SER B 324 -6.06 3.37 16.98
N ASN B 325 -5.33 2.51 16.24
CA ASN B 325 -5.04 1.16 16.67
C ASN B 325 -3.64 1.14 17.28
N LYS B 326 -3.51 0.58 18.51
CA LYS B 326 -2.22 0.53 19.20
C LYS B 326 -1.26 -0.43 18.49
N GLY B 327 -0.31 0.15 17.75
CA GLY B 327 0.67 -0.58 16.95
C GLY B 327 0.81 -0.06 15.52
N LEU B 328 -0.13 0.78 15.04
CA LEU B 328 -0.12 1.31 13.67
C LEU B 328 0.33 2.80 13.63
N PRO B 329 0.94 3.28 12.51
CA PRO B 329 1.44 4.67 12.48
C PRO B 329 0.44 5.83 12.41
N SER B 330 -0.72 5.64 11.75
CA SER B 330 -1.70 6.72 11.55
C SER B 330 -3.00 6.51 12.37
N SER B 331 -4.05 7.31 12.07
CA SER B 331 -5.38 7.21 12.67
C SER B 331 -6.40 7.27 11.51
N ILE B 332 -7.43 6.40 11.54
CA ILE B 332 -8.47 6.34 10.49
C ILE B 332 -9.65 7.22 10.91
N GLU B 333 -9.91 8.30 10.14
CA GLU B 333 -10.99 9.26 10.38
C GLU B 333 -12.17 9.12 9.40
N LYS B 334 -13.42 9.05 9.91
CA LYS B 334 -14.66 8.98 9.10
C LYS B 334 -15.61 10.08 9.55
N THR B 335 -16.31 10.74 8.61
CA THR B 335 -17.23 11.83 8.94
C THR B 335 -18.59 11.64 8.26
N ILE B 336 -19.68 11.92 9.01
CA ILE B 336 -21.05 11.86 8.52
C ILE B 336 -21.86 13.03 9.05
N SER B 337 -22.93 13.32 8.33
CA SER B 337 -23.84 14.39 8.66
C SER B 337 -25.10 14.26 7.83
N LYS B 338 -26.17 14.94 8.27
CA LYS B 338 -27.41 14.98 7.50
C LYS B 338 -27.08 15.79 6.22
N ALA B 339 -27.62 15.35 5.08
CA ALA B 339 -27.36 15.99 3.79
C ALA B 339 -27.71 17.47 3.78
N LYS B 340 -28.98 17.77 4.04
CA LYS B 340 -29.51 19.14 4.08
C LYS B 340 -29.89 19.43 5.53
N GLY B 341 -29.10 20.27 6.20
CA GLY B 341 -29.33 20.66 7.58
C GLY B 341 -30.35 21.78 7.72
N GLN B 342 -31.00 21.82 8.87
CA GLN B 342 -32.00 22.81 9.24
C GLN B 342 -31.28 23.89 10.07
N PRO B 343 -30.99 25.08 9.53
CA PRO B 343 -30.30 26.08 10.37
C PRO B 343 -31.16 26.65 11.51
N ARG B 344 -30.53 27.31 12.50
CA ARG B 344 -31.23 27.96 13.60
C ARG B 344 -31.10 29.48 13.41
N GLU B 345 -32.20 30.16 13.54
CA GLU B 345 -32.29 31.60 13.32
C GLU B 345 -31.65 32.43 14.44
N PRO B 346 -30.81 33.42 14.11
CA PRO B 346 -30.34 34.34 15.15
C PRO B 346 -31.44 35.18 15.77
N GLN B 347 -31.35 35.37 17.09
CA GLN B 347 -32.15 36.29 17.89
C GLN B 347 -31.21 37.48 18.14
N VAL B 348 -31.65 38.73 17.86
CA VAL B 348 -30.84 39.93 17.98
C VAL B 348 -31.38 40.86 19.06
N TYR B 349 -30.54 41.26 20.02
CA TYR B 349 -30.91 42.19 21.10
C TYR B 349 -29.86 43.30 21.24
N THR B 350 -30.30 44.55 21.36
CA THR B 350 -29.48 45.73 21.54
C THR B 350 -29.53 46.16 22.97
N LEU B 351 -28.38 46.48 23.55
CA LEU B 351 -28.25 46.92 24.94
C LEU B 351 -27.61 48.30 24.98
N PRO B 352 -28.24 49.27 25.68
CA PRO B 352 -27.61 50.60 25.81
C PRO B 352 -26.34 50.58 26.69
N PRO B 353 -25.62 51.72 26.76
CA PRO B 353 -24.44 51.75 27.62
C PRO B 353 -24.78 51.58 29.10
N SER B 354 -23.93 50.87 29.84
CA SER B 354 -24.05 50.79 31.29
C SER B 354 -24.13 52.23 31.86
N GLN B 355 -24.86 52.40 32.96
CA GLN B 355 -24.97 53.71 33.63
C GLN B 355 -23.59 54.22 34.05
N GLU B 356 -22.70 53.32 34.51
CA GLU B 356 -21.33 53.67 34.94
C GLU B 356 -20.42 54.10 33.80
N GLU B 357 -20.69 53.61 32.57
CA GLU B 357 -19.89 54.00 31.42
C GLU B 357 -20.31 55.41 30.94
N MET B 358 -21.53 55.87 31.29
CA MET B 358 -22.03 57.20 30.92
C MET B 358 -21.26 58.38 31.55
N THR B 359 -20.28 58.12 32.45
CA THR B 359 -19.41 59.14 32.99
C THR B 359 -18.21 59.39 32.03
N LYS B 360 -18.00 58.49 31.05
CA LYS B 360 -16.92 58.62 30.10
C LYS B 360 -17.28 59.49 28.88
N ASN B 361 -16.26 59.83 28.04
CA ASN B 361 -16.40 60.62 26.80
C ASN B 361 -16.94 59.74 25.67
N GLN B 362 -16.62 58.42 25.70
CA GLN B 362 -17.06 57.44 24.72
C GLN B 362 -17.80 56.33 25.43
N VAL B 363 -18.91 55.91 24.82
CA VAL B 363 -19.79 54.85 25.34
C VAL B 363 -19.88 53.69 24.34
N SER B 364 -20.28 52.53 24.85
CA SER B 364 -20.42 51.30 24.10
C SER B 364 -21.87 50.96 23.86
N LEU B 365 -22.20 50.66 22.61
CA LEU B 365 -23.52 50.16 22.24
C LEU B 365 -23.27 48.70 21.97
N THR B 366 -24.06 47.83 22.57
CA THR B 366 -23.89 46.38 22.48
C THR B 366 -25.01 45.70 21.73
N CYS B 367 -24.64 44.67 20.98
CA CYS B 367 -25.55 43.83 20.26
C CYS B 367 -25.28 42.39 20.65
N LEU B 368 -26.26 41.75 21.30
CA LEU B 368 -26.20 40.34 21.61
C LEU B 368 -26.93 39.58 20.46
N VAL B 369 -26.24 38.65 19.79
CA VAL B 369 -26.79 37.80 18.75
C VAL B 369 -26.66 36.37 19.30
N LYS B 370 -27.76 35.64 19.39
CA LYS B 370 -27.72 34.29 19.95
C LYS B 370 -28.69 33.36 19.28
N GLY B 371 -28.53 32.09 19.57
CA GLY B 371 -29.40 31.05 19.07
C GLY B 371 -29.24 30.67 17.61
N PHE B 372 -28.06 30.87 17.03
CA PHE B 372 -27.82 30.63 15.60
C PHE B 372 -26.95 29.44 15.28
N TYR B 373 -27.21 28.87 14.11
CA TYR B 373 -26.48 27.74 13.56
C TYR B 373 -26.74 27.76 12.07
N PRO B 374 -25.72 27.71 11.17
CA PRO B 374 -24.29 27.57 11.45
C PRO B 374 -23.67 28.80 12.10
N SER B 375 -22.44 28.67 12.53
CA SER B 375 -21.64 29.76 13.14
C SER B 375 -21.33 30.90 12.17
N ASP B 376 -21.29 30.63 10.85
CA ASP B 376 -21.05 31.63 9.80
C ASP B 376 -22.07 32.79 9.87
N ILE B 377 -21.62 33.97 10.26
CA ILE B 377 -22.49 35.11 10.41
C ILE B 377 -21.66 36.38 10.27
N ALA B 378 -22.36 37.49 10.01
CA ALA B 378 -21.72 38.79 10.00
C ALA B 378 -22.59 39.79 10.66
N VAL B 379 -21.97 40.71 11.36
CA VAL B 379 -22.64 41.81 12.00
C VAL B 379 -22.03 43.13 11.49
N GLU B 380 -22.87 44.13 11.28
CA GLU B 380 -22.45 45.49 10.90
C GLU B 380 -23.27 46.44 11.76
N TRP B 381 -22.91 47.72 11.79
CA TRP B 381 -23.64 48.75 12.51
C TRP B 381 -23.90 49.93 11.61
N GLU B 382 -24.96 50.67 11.92
CA GLU B 382 -25.29 51.90 11.21
C GLU B 382 -25.72 52.96 12.21
N SER B 383 -25.61 54.22 11.80
CA SER B 383 -26.05 55.38 12.56
C SER B 383 -27.00 56.15 11.64
N ASN B 384 -28.29 56.20 11.98
CA ASN B 384 -29.33 56.88 11.16
C ASN B 384 -29.37 56.27 9.75
N GLY B 385 -29.05 54.99 9.67
CA GLY B 385 -28.99 54.23 8.43
C GLY B 385 -27.65 54.19 7.77
N GLN B 386 -26.69 55.05 8.16
CA GLN B 386 -25.40 55.06 7.49
C GLN B 386 -24.39 54.04 8.10
N PRO B 387 -23.83 53.10 7.30
CA PRO B 387 -22.75 52.22 7.79
C PRO B 387 -21.68 52.93 8.64
N GLU B 388 -21.45 52.36 9.84
CA GLU B 388 -20.51 52.86 10.82
C GLU B 388 -19.03 52.50 10.53
N ASN B 389 -18.13 53.11 11.30
CA ASN B 389 -16.67 52.96 11.13
C ASN B 389 -15.92 52.19 12.21
N ASN B 390 -16.31 52.21 13.50
CA ASN B 390 -15.42 51.70 14.55
C ASN B 390 -16.20 50.77 15.51
N TYR B 391 -16.34 49.53 15.03
CA TYR B 391 -17.01 48.49 15.78
C TYR B 391 -16.26 47.21 15.66
N LYS B 392 -16.46 46.34 16.65
CA LYS B 392 -15.80 45.04 16.71
C LYS B 392 -16.79 44.01 17.20
N THR B 393 -16.66 42.83 16.67
CA THR B 393 -17.48 41.70 16.99
C THR B 393 -16.61 40.55 17.48
N THR B 394 -17.09 39.83 18.49
CA THR B 394 -16.37 38.68 19.02
C THR B 394 -16.55 37.50 18.09
N PRO B 395 -15.69 36.47 18.17
CA PRO B 395 -16.02 35.25 17.44
C PRO B 395 -17.26 34.57 18.05
N PRO B 396 -17.95 33.75 17.26
CA PRO B 396 -19.09 32.97 17.80
C PRO B 396 -18.65 32.03 18.92
N VAL B 397 -19.47 31.88 19.97
CA VAL B 397 -19.16 30.99 21.09
C VAL B 397 -20.24 29.91 21.15
N LEU B 398 -19.83 28.66 21.27
CA LEU B 398 -20.77 27.56 21.34
C LEU B 398 -21.49 27.59 22.69
N ASP B 399 -22.80 27.65 22.62
CA ASP B 399 -23.67 27.66 23.77
C ASP B 399 -24.01 26.24 24.25
N SER B 400 -24.59 26.14 25.43
CA SER B 400 -25.04 24.87 26.06
C SER B 400 -26.11 24.09 25.26
N ASP B 401 -26.96 24.80 24.53
CA ASP B 401 -28.00 24.17 23.72
C ASP B 401 -27.57 23.79 22.27
N GLY B 402 -26.27 23.83 21.98
CA GLY B 402 -25.79 23.50 20.65
C GLY B 402 -25.80 24.62 19.63
N SER B 403 -26.31 25.80 19.98
CA SER B 403 -26.31 26.94 19.08
C SER B 403 -25.15 27.87 19.47
N PHE B 404 -24.96 28.97 18.72
CA PHE B 404 -23.87 29.89 18.99
C PHE B 404 -24.42 31.21 19.41
N PHE B 405 -23.58 31.97 20.08
CA PHE B 405 -23.89 33.36 20.39
C PHE B 405 -22.65 34.22 20.16
N LEU B 406 -22.84 35.52 19.99
CA LEU B 406 -21.73 36.48 19.98
C LEU B 406 -22.17 37.84 20.45
N TYR B 407 -21.21 38.76 20.61
CA TYR B 407 -21.50 40.15 20.90
C TYR B 407 -20.77 41.03 19.89
N SER B 408 -21.39 42.14 19.54
CA SER B 408 -20.80 43.17 18.70
C SER B 408 -20.91 44.48 19.51
N ARG B 409 -19.87 45.25 19.45
CA ARG B 409 -19.73 46.45 20.23
C ARG B 409 -19.41 47.63 19.33
N LEU B 410 -20.19 48.68 19.41
CA LEU B 410 -19.96 49.91 18.71
C LEU B 410 -19.63 51.00 19.73
N THR B 411 -18.50 51.63 19.53
CA THR B 411 -18.04 52.78 20.33
C THR B 411 -18.45 54.06 19.63
N VAL B 412 -19.13 54.94 20.38
CA VAL B 412 -19.58 56.23 19.87
C VAL B 412 -19.29 57.30 20.90
N ASP B 413 -19.21 58.54 20.46
CA ASP B 413 -19.05 59.67 21.39
C ASP B 413 -20.33 59.75 22.18
N LYS B 414 -20.25 59.99 23.48
CA LYS B 414 -21.42 60.12 24.34
C LYS B 414 -22.42 61.19 23.82
N SER B 415 -21.90 62.32 23.30
CA SER B 415 -22.68 63.42 22.73
C SER B 415 -23.62 62.91 21.63
N ARG B 416 -23.13 62.00 20.78
CA ARG B 416 -23.93 61.40 19.69
C ARG B 416 -25.04 60.49 20.18
N TRP B 417 -24.77 59.74 21.24
CA TRP B 417 -25.77 58.89 21.88
C TRP B 417 -26.80 59.80 22.55
N GLN B 418 -26.32 60.80 23.34
CA GLN B 418 -27.19 61.75 24.03
C GLN B 418 -28.04 62.59 23.14
N GLN B 419 -27.62 62.88 21.88
CA GLN B 419 -28.48 63.71 21.02
C GLN B 419 -29.53 62.88 20.22
N GLY B 420 -29.77 61.63 20.63
CA GLY B 420 -30.86 60.81 20.12
C GLY B 420 -30.75 60.21 18.74
N ASN B 421 -29.51 60.00 18.26
CA ASN B 421 -29.27 59.36 16.98
C ASN B 421 -29.67 57.92 17.07
N VAL B 422 -30.17 57.35 15.96
CA VAL B 422 -30.60 55.95 15.96
C VAL B 422 -29.48 55.06 15.45
N PHE B 423 -29.01 54.13 16.27
CA PHE B 423 -27.99 53.19 15.91
C PHE B 423 -28.66 51.85 15.65
N SER B 424 -28.15 51.09 14.66
CA SER B 424 -28.72 49.80 14.30
C SER B 424 -27.60 48.77 14.23
N CYS B 425 -27.92 47.58 14.71
CA CYS B 425 -27.12 46.39 14.67
C CYS B 425 -27.77 45.56 13.52
N SER B 426 -26.98 45.19 12.49
CA SER B 426 -27.43 44.45 11.32
C SER B 426 -26.73 43.11 11.23
N VAL B 427 -27.51 42.06 10.97
CA VAL B 427 -27.00 40.68 10.97
C VAL B 427 -27.29 40.02 9.62
N MET B 428 -26.32 39.28 9.09
CA MET B 428 -26.43 38.52 7.83
C MET B 428 -26.18 37.06 8.20
N HIS B 429 -27.08 36.16 7.80
CA HIS B 429 -27.02 34.76 8.17
C HIS B 429 -27.90 33.93 7.23
N GLU B 430 -27.61 32.63 7.10
CA GLU B 430 -28.46 31.79 6.24
C GLU B 430 -29.94 31.67 6.70
N ALA B 431 -30.21 31.64 8.01
CA ALA B 431 -31.57 31.40 8.53
C ALA B 431 -32.42 32.63 8.75
N LEU B 432 -32.19 33.73 8.03
CA LEU B 432 -32.99 34.93 8.20
C LEU B 432 -33.71 35.18 6.91
N HIS B 433 -34.87 35.87 7.02
CA HIS B 433 -35.67 36.27 5.87
C HIS B 433 -34.87 37.29 5.11
N ASN B 434 -34.60 37.01 3.83
CA ASN B 434 -33.72 37.80 2.97
C ASN B 434 -32.28 37.82 3.50
N HIS B 435 -31.88 36.82 4.31
CA HIS B 435 -30.54 36.74 4.93
C HIS B 435 -30.14 38.07 5.58
N TYR B 436 -31.12 38.76 6.18
CA TYR B 436 -30.91 40.07 6.75
C TYR B 436 -31.92 40.46 7.79
N THR B 437 -31.44 41.02 8.88
CA THR B 437 -32.27 41.61 9.90
C THR B 437 -31.49 42.71 10.62
N GLN B 438 -32.22 43.71 11.12
CA GLN B 438 -31.61 44.74 11.93
C GLN B 438 -32.41 45.02 13.18
N LYS B 439 -31.74 45.49 14.23
CA LYS B 439 -32.36 45.93 15.48
C LYS B 439 -31.75 47.29 15.83
N SER B 440 -32.62 48.23 16.18
CA SER B 440 -32.29 49.59 16.49
C SER B 440 -32.22 49.86 17.98
N LEU B 441 -31.52 50.94 18.32
CA LEU B 441 -31.22 51.36 19.68
C LEU B 441 -31.07 52.90 19.62
N SER B 442 -31.76 53.60 20.50
CA SER B 442 -31.79 55.07 20.58
C SER B 442 -31.89 55.46 22.04
N LEU B 443 -31.43 56.66 22.42
CA LEU B 443 -31.59 57.11 23.81
C LEU B 443 -33.06 57.35 24.03
N SER B 444 -33.67 56.55 24.96
CA SER B 444 -35.08 56.56 25.33
C SER B 444 -35.64 57.98 25.60
N GLU C 1 34.62 -59.95 15.69
CA GLU C 1 33.95 -58.65 15.51
C GLU C 1 34.07 -57.84 16.82
N ILE C 2 34.99 -56.85 16.83
CA ILE C 2 35.27 -56.00 18.00
C ILE C 2 34.60 -54.66 17.79
N VAL C 3 33.99 -54.10 18.84
CA VAL C 3 33.28 -52.81 18.78
C VAL C 3 33.90 -51.80 19.75
N LEU C 4 33.86 -50.52 19.37
CA LEU C 4 34.47 -49.41 20.10
C LEU C 4 33.45 -48.34 20.49
N THR C 5 33.41 -47.99 21.78
CA THR C 5 32.54 -46.98 22.36
C THR C 5 33.41 -45.78 22.76
N GLN C 6 33.06 -44.57 22.26
CA GLN C 6 33.76 -43.35 22.64
C GLN C 6 32.94 -42.52 23.62
N SER C 7 33.65 -41.76 24.47
CA SER C 7 33.02 -40.95 25.51
C SER C 7 33.83 -39.68 25.81
N PRO C 8 33.16 -38.54 26.10
CA PRO C 8 31.71 -38.31 26.02
C PRO C 8 31.39 -38.09 24.55
N ALA C 9 30.12 -38.23 24.14
CA ALA C 9 29.77 -38.02 22.73
C ALA C 9 30.15 -36.61 22.28
N THR C 10 30.01 -35.65 23.20
CA THR C 10 30.29 -34.25 22.91
C THR C 10 31.02 -33.65 24.11
N LEU C 11 32.11 -32.93 23.83
CA LEU C 11 32.97 -32.31 24.84
C LEU C 11 33.02 -30.81 24.54
N SER C 12 32.58 -30.00 25.51
CA SER C 12 32.44 -28.55 25.38
C SER C 12 33.48 -27.87 26.29
N LEU C 13 34.49 -27.25 25.67
CA LEU C 13 35.63 -26.64 26.34
C LEU C 13 36.03 -25.30 25.75
N SER C 14 36.80 -24.51 26.50
CA SER C 14 37.28 -23.20 26.05
C SER C 14 38.71 -23.35 25.49
N PRO C 15 39.13 -22.56 24.48
CA PRO C 15 40.52 -22.66 24.00
C PRO C 15 41.53 -22.36 25.13
N GLY C 16 42.36 -23.34 25.45
CA GLY C 16 43.33 -23.30 26.54
C GLY C 16 43.16 -24.50 27.46
N GLU C 17 41.91 -25.01 27.56
CA GLU C 17 41.59 -26.17 28.39
C GLU C 17 42.13 -27.49 27.81
N ARG C 18 42.11 -28.54 28.64
CA ARG C 18 42.53 -29.88 28.28
C ARG C 18 41.31 -30.68 27.82
N ALA C 19 41.51 -31.57 26.84
CA ALA C 19 40.48 -32.45 26.32
C ALA C 19 40.96 -33.89 26.50
N THR C 20 40.26 -34.71 27.30
CA THR C 20 40.61 -36.12 27.48
C THR C 20 39.48 -36.92 26.90
N LEU C 21 39.70 -37.54 25.72
CA LEU C 21 38.66 -38.33 25.03
C LEU C 21 38.93 -39.78 25.36
N SER C 22 37.87 -40.56 25.59
CA SER C 22 38.03 -41.97 25.97
C SER C 22 37.54 -42.91 24.88
N CYS C 23 38.16 -44.09 24.78
CA CYS C 23 37.71 -45.13 23.85
C CYS C 23 37.82 -46.48 24.54
N ARG C 24 36.74 -47.24 24.52
CA ARG C 24 36.62 -48.54 25.17
C ARG C 24 36.34 -49.61 24.13
N ALA C 25 37.16 -50.68 24.11
CA ALA C 25 37.04 -51.80 23.16
C ALA C 25 36.33 -52.99 23.86
N SER C 26 35.40 -53.68 23.15
CA SER C 26 34.68 -54.84 23.71
C SER C 26 35.63 -55.98 24.09
N LYS C 27 36.70 -56.20 23.30
CA LYS C 27 37.75 -57.20 23.61
C LYS C 27 39.09 -56.48 23.58
N GLY C 28 40.11 -57.15 24.13
CA GLY C 28 41.46 -56.65 24.18
C GLY C 28 42.04 -56.46 22.79
N VAL C 29 42.69 -55.31 22.55
CA VAL C 29 43.28 -55.01 21.25
C VAL C 29 44.81 -55.10 21.29
N SER C 30 45.41 -55.24 22.50
CA SER C 30 46.85 -55.38 22.66
C SER C 30 47.32 -56.81 22.44
N THR C 31 48.24 -57.00 21.47
CA THR C 31 48.83 -58.31 21.14
C THR C 31 50.30 -58.16 20.70
N SER C 32 51.20 -58.99 21.26
CA SER C 32 52.64 -59.03 20.92
C SER C 32 53.42 -57.72 21.21
N GLY C 33 53.10 -57.05 22.32
CA GLY C 33 53.77 -55.81 22.72
C GLY C 33 53.22 -54.51 22.15
N TYR C 34 52.19 -54.58 21.28
CA TYR C 34 51.56 -53.39 20.69
C TYR C 34 50.04 -53.41 20.90
N SER C 35 49.45 -52.20 21.06
CA SER C 35 48.01 -52.01 21.21
C SER C 35 47.51 -51.48 19.87
N TYR C 36 46.77 -52.29 19.11
CA TYR C 36 46.30 -51.90 17.78
C TYR C 36 45.07 -50.94 17.82
N LEU C 37 45.29 -49.69 18.29
CA LEU C 37 44.25 -48.66 18.42
C LEU C 37 44.83 -47.33 17.94
N HIS C 38 44.12 -46.62 17.08
CA HIS C 38 44.60 -45.34 16.51
C HIS C 38 43.54 -44.26 16.63
N TRP C 39 43.96 -42.98 16.59
CA TRP C 39 43.10 -41.82 16.70
C TRP C 39 43.17 -40.96 15.45
N TYR C 40 42.01 -40.37 15.06
CA TYR C 40 41.89 -39.52 13.90
C TYR C 40 41.09 -38.27 14.20
N GLN C 41 41.46 -37.14 13.59
CA GLN C 41 40.76 -35.85 13.68
C GLN C 41 39.97 -35.62 12.38
N GLN C 42 38.71 -35.16 12.45
CA GLN C 42 37.93 -34.86 11.24
C GLN C 42 37.29 -33.49 11.31
N LYS C 43 37.67 -32.59 10.39
CA LYS C 43 37.05 -31.26 10.28
C LYS C 43 35.91 -31.40 9.26
N PRO C 44 34.85 -30.56 9.31
CA PRO C 44 33.76 -30.72 8.33
C PRO C 44 34.24 -30.57 6.87
N GLY C 45 33.79 -31.48 6.01
CA GLY C 45 34.14 -31.48 4.59
C GLY C 45 35.53 -32.00 4.27
N GLN C 46 36.26 -32.50 5.28
CA GLN C 46 37.62 -32.98 5.09
C GLN C 46 37.70 -34.44 5.48
N ALA C 47 38.68 -35.14 4.93
CA ALA C 47 38.94 -36.53 5.28
C ALA C 47 39.46 -36.64 6.69
N PRO C 48 39.28 -37.78 7.36
CA PRO C 48 39.91 -37.97 8.68
C PRO C 48 41.44 -37.84 8.57
N ARG C 49 42.07 -37.38 9.66
CA ARG C 49 43.52 -37.14 9.72
C ARG C 49 44.09 -37.95 10.85
N LEU C 50 45.11 -38.79 10.57
CA LEU C 50 45.75 -39.61 11.61
C LEU C 50 46.56 -38.71 12.57
N LEU C 51 46.35 -38.91 13.88
CA LEU C 51 47.03 -38.14 14.94
C LEU C 51 48.04 -38.99 15.69
N ILE C 52 47.57 -40.16 16.20
CA ILE C 52 48.31 -41.10 17.03
C ILE C 52 48.06 -42.49 16.48
N TYR C 53 49.14 -43.30 16.37
CA TYR C 53 49.05 -44.69 15.93
C TYR C 53 49.61 -45.59 17.02
N LEU C 54 49.00 -46.78 17.16
CA LEU C 54 49.36 -47.77 18.19
C LEU C 54 49.17 -47.20 19.61
N ALA C 55 48.10 -46.40 19.76
CA ALA C 55 47.63 -45.73 20.95
C ALA C 55 48.55 -44.75 21.64
N SER C 56 49.80 -44.54 21.18
CA SER C 56 50.75 -43.67 21.89
C SER C 56 51.70 -42.87 20.99
N TYR C 57 52.36 -43.54 20.02
CA TYR C 57 53.34 -42.90 19.12
C TYR C 57 52.70 -41.81 18.23
N LEU C 58 53.29 -40.60 18.30
CA LEU C 58 52.81 -39.43 17.57
C LEU C 58 53.12 -39.53 16.09
N GLU C 59 52.14 -39.19 15.27
CA GLU C 59 52.24 -39.24 13.80
C GLU C 59 53.04 -38.05 13.29
N SER C 60 53.98 -38.29 12.35
CA SER C 60 54.76 -37.23 11.69
C SER C 60 53.87 -36.05 11.24
N GLY C 61 54.29 -34.83 11.55
CA GLY C 61 53.57 -33.61 11.21
C GLY C 61 52.50 -33.15 12.18
N VAL C 62 52.14 -33.98 13.20
CA VAL C 62 51.07 -33.65 14.16
C VAL C 62 51.65 -32.90 15.40
N PRO C 63 50.98 -31.81 15.88
CA PRO C 63 51.51 -31.07 17.04
C PRO C 63 51.72 -31.88 18.31
N ALA C 64 52.67 -31.38 19.13
CA ALA C 64 53.13 -31.97 20.37
C ALA C 64 52.01 -32.12 21.41
N ARG C 65 51.09 -31.15 21.43
CA ARG C 65 49.93 -31.12 22.34
C ARG C 65 49.01 -32.36 22.27
N PHE C 66 49.02 -33.11 21.15
CA PHE C 66 48.24 -34.33 21.03
C PHE C 66 49.07 -35.49 21.55
N SER C 67 48.50 -36.30 22.44
CA SER C 67 49.14 -37.50 22.94
C SER C 67 48.06 -38.53 23.22
N GLY C 68 48.46 -39.80 23.19
CA GLY C 68 47.57 -40.94 23.46
C GLY C 68 48.17 -41.82 24.54
N SER C 69 47.30 -42.49 25.32
CA SER C 69 47.71 -43.44 26.35
C SER C 69 46.73 -44.60 26.42
N GLY C 70 47.17 -45.74 26.93
CA GLY C 70 46.32 -46.91 27.10
C GLY C 70 46.83 -48.25 26.60
N SER C 71 46.23 -49.30 27.16
CA SER C 71 46.48 -50.69 26.82
C SER C 71 45.20 -51.48 27.11
N GLY C 72 45.11 -52.67 26.54
CA GLY C 72 43.98 -53.58 26.73
C GLY C 72 42.70 -53.14 26.04
N THR C 73 41.75 -52.64 26.86
CA THR C 73 40.44 -52.20 26.41
C THR C 73 40.17 -50.71 26.63
N ASP C 74 40.94 -49.98 27.49
CA ASP C 74 40.70 -48.56 27.77
C ASP C 74 41.79 -47.69 27.16
N PHE C 75 41.39 -46.74 26.30
CA PHE C 75 42.33 -45.85 25.61
C PHE C 75 41.93 -44.41 25.73
N THR C 76 42.92 -43.52 25.87
CA THR C 76 42.71 -42.10 26.03
C THR C 76 43.54 -41.28 25.06
N LEU C 77 42.91 -40.28 24.42
CA LEU C 77 43.55 -39.30 23.56
C LEU C 77 43.46 -38.01 24.33
N THR C 78 44.60 -37.41 24.63
CA THR C 78 44.67 -36.15 25.36
C THR C 78 45.04 -35.01 24.39
N ILE C 79 44.56 -33.78 24.67
CA ILE C 79 44.92 -32.56 23.96
C ILE C 79 45.28 -31.56 25.06
N SER C 80 46.51 -31.68 25.61
CA SER C 80 47.06 -30.86 26.70
C SER C 80 46.50 -29.43 26.78
N SER C 81 46.48 -28.75 25.64
CA SER C 81 45.96 -27.42 25.56
C SER C 81 45.35 -27.27 24.19
N LEU C 82 44.05 -27.02 24.14
CA LEU C 82 43.32 -26.87 22.88
C LEU C 82 43.64 -25.58 22.19
N GLU C 83 43.37 -25.55 20.89
CA GLU C 83 43.57 -24.37 20.08
C GLU C 83 42.33 -24.23 19.22
N PRO C 84 42.16 -23.03 18.53
CA PRO C 84 40.92 -22.96 17.74
C PRO C 84 40.84 -24.03 16.65
N GLU C 85 41.98 -24.42 16.11
CA GLU C 85 42.08 -25.44 15.07
C GLU C 85 41.78 -26.87 15.60
N ASP C 86 41.73 -27.08 16.93
CA ASP C 86 41.48 -28.42 17.50
C ASP C 86 39.98 -28.77 17.63
N PHE C 87 39.09 -27.78 17.54
CA PHE C 87 37.67 -28.04 17.69
C PHE C 87 37.23 -28.76 16.43
N ALA C 88 36.95 -30.07 16.57
CA ALA C 88 36.65 -30.98 15.46
C ALA C 88 36.08 -32.28 16.02
N VAL C 89 35.83 -33.27 15.15
CA VAL C 89 35.40 -34.60 15.62
C VAL C 89 36.65 -35.46 15.74
N TYR C 90 36.68 -36.39 16.72
CA TYR C 90 37.81 -37.28 16.92
C TYR C 90 37.31 -38.72 16.94
N TYR C 91 37.96 -39.60 16.16
CA TYR C 91 37.58 -41.01 16.06
C TYR C 91 38.67 -41.94 16.48
N CYS C 92 38.32 -43.06 17.13
CA CYS C 92 39.26 -44.12 17.48
C CYS C 92 38.99 -45.30 16.50
N GLN C 93 40.01 -46.11 16.22
CA GLN C 93 39.94 -47.24 15.29
C GLN C 93 40.80 -48.40 15.80
N HIS C 94 40.33 -49.66 15.70
CA HIS C 94 41.11 -50.82 16.12
C HIS C 94 41.57 -51.56 14.87
N SER C 95 42.62 -52.38 15.03
CA SER C 95 43.09 -53.27 13.97
C SER C 95 43.82 -54.55 14.51
N ARG C 96 43.41 -55.03 15.70
CA ARG C 96 43.92 -56.29 16.23
C ARG C 96 43.25 -57.46 15.51
N ASP C 97 42.09 -57.22 14.88
CA ASP C 97 41.31 -58.24 14.20
C ASP C 97 40.49 -57.59 13.08
N LEU C 98 40.12 -58.37 12.03
CA LEU C 98 39.26 -57.87 10.96
C LEU C 98 37.84 -58.42 11.23
N PRO C 99 36.77 -57.62 11.07
CA PRO C 99 36.73 -56.27 10.48
C PRO C 99 37.30 -55.16 11.36
N LEU C 100 37.86 -54.14 10.68
CA LEU C 100 38.36 -52.93 11.32
C LEU C 100 37.09 -52.12 11.65
N THR C 101 37.02 -51.55 12.87
CA THR C 101 35.86 -50.74 13.23
C THR C 101 36.33 -49.45 13.84
N PHE C 102 35.49 -48.42 13.72
CA PHE C 102 35.75 -47.10 14.29
C PHE C 102 34.81 -46.89 15.47
N GLY C 103 35.19 -46.01 16.38
CA GLY C 103 34.29 -45.56 17.43
C GLY C 103 33.28 -44.57 16.83
N GLY C 104 32.27 -44.22 17.59
CA GLY C 104 31.21 -43.33 17.12
C GLY C 104 31.55 -41.86 17.01
N GLY C 105 32.70 -41.48 17.55
CA GLY C 105 33.22 -40.11 17.50
C GLY C 105 32.92 -39.33 18.76
N THR C 106 33.75 -38.32 19.00
CA THR C 106 33.61 -37.33 20.07
C THR C 106 33.82 -35.94 19.42
N LYS C 107 32.82 -35.06 19.51
CA LYS C 107 32.91 -33.70 18.97
C LYS C 107 33.39 -32.74 20.07
N VAL C 108 34.54 -32.08 19.82
CA VAL C 108 35.11 -31.09 20.72
C VAL C 108 34.62 -29.72 20.23
N GLU C 109 33.68 -29.13 20.98
CA GLU C 109 33.00 -27.86 20.70
C GLU C 109 33.56 -26.75 21.62
N ILE C 110 33.41 -25.48 21.19
CA ILE C 110 33.90 -24.30 21.92
C ILE C 110 32.90 -23.90 22.99
N LYS C 111 33.36 -23.70 24.24
CA LYS C 111 32.53 -23.26 25.36
C LYS C 111 32.32 -21.77 25.23
N ARG C 112 31.19 -21.28 25.69
CA ARG C 112 30.82 -19.89 25.49
C ARG C 112 29.70 -19.51 26.47
N THR C 113 29.51 -18.20 26.69
CA THR C 113 28.44 -17.68 27.54
C THR C 113 27.09 -17.94 26.86
N VAL C 114 26.05 -18.21 27.65
CA VAL C 114 24.74 -18.55 27.10
C VAL C 114 24.14 -17.35 26.38
N ALA C 115 23.76 -17.56 25.13
CA ALA C 115 23.12 -16.53 24.30
C ALA C 115 21.75 -17.07 23.91
N ALA C 116 20.71 -16.26 24.08
CA ALA C 116 19.35 -16.64 23.71
C ALA C 116 19.19 -16.57 22.19
N PRO C 117 18.23 -17.28 21.58
CA PRO C 117 18.06 -17.18 20.14
C PRO C 117 17.20 -16.00 19.73
N SER C 118 17.64 -15.28 18.69
CA SER C 118 16.85 -14.22 18.09
C SER C 118 15.93 -14.99 17.11
N VAL C 119 14.66 -15.19 17.48
CA VAL C 119 13.70 -15.97 16.68
C VAL C 119 12.94 -15.11 15.70
N PHE C 120 12.77 -15.64 14.47
CA PHE C 120 12.02 -15.03 13.37
C PHE C 120 11.18 -16.12 12.72
N ILE C 121 10.01 -15.73 12.22
CA ILE C 121 9.07 -16.61 11.52
C ILE C 121 8.80 -16.02 10.13
N PHE C 122 8.66 -16.89 9.11
CA PHE C 122 8.40 -16.48 7.75
C PHE C 122 7.21 -17.25 7.20
N PRO C 123 6.22 -16.57 6.59
CA PRO C 123 5.12 -17.30 5.98
C PRO C 123 5.51 -17.88 4.60
N PRO C 124 4.64 -18.70 3.99
CA PRO C 124 4.94 -19.15 2.62
C PRO C 124 4.78 -17.98 1.67
N SER C 125 5.61 -17.91 0.65
CA SER C 125 5.52 -16.84 -0.34
C SER C 125 4.34 -17.07 -1.25
N ASP C 126 3.79 -15.98 -1.83
CA ASP C 126 2.69 -16.05 -2.80
C ASP C 126 3.15 -16.94 -3.96
N GLU C 127 4.38 -16.74 -4.47
CA GLU C 127 4.95 -17.52 -5.57
C GLU C 127 4.86 -19.03 -5.31
N GLN C 128 5.14 -19.46 -4.08
CA GLN C 128 5.10 -20.88 -3.71
C GLN C 128 3.67 -21.37 -3.65
N LEU C 129 2.80 -20.60 -3.00
CA LEU C 129 1.38 -20.96 -2.85
C LEU C 129 0.69 -21.27 -4.19
N LYS C 130 1.14 -20.70 -5.31
CA LYS C 130 0.58 -21.03 -6.64
C LYS C 130 0.97 -22.48 -7.09
N SER C 131 2.02 -23.08 -6.48
CA SER C 131 2.52 -24.44 -6.78
C SER C 131 1.84 -25.60 -6.02
N GLY C 132 0.93 -25.32 -5.10
CA GLY C 132 0.23 -26.35 -4.33
C GLY C 132 0.84 -26.75 -2.99
N THR C 133 2.05 -26.25 -2.66
CA THR C 133 2.70 -26.55 -1.38
C THR C 133 2.93 -25.26 -0.61
N ALA C 134 3.17 -25.38 0.71
CA ALA C 134 3.39 -24.23 1.60
C ALA C 134 4.45 -24.55 2.65
N SER C 135 5.54 -23.78 2.66
CA SER C 135 6.62 -23.96 3.62
C SER C 135 6.61 -22.76 4.57
N VAL C 136 6.48 -23.05 5.87
CA VAL C 136 6.51 -22.03 6.90
C VAL C 136 7.87 -22.24 7.57
N VAL C 137 8.69 -21.18 7.68
CA VAL C 137 10.06 -21.26 8.19
C VAL C 137 10.26 -20.45 9.47
N CYS C 138 10.81 -21.11 10.48
CA CYS C 138 11.14 -20.53 11.78
C CYS C 138 12.67 -20.55 11.86
N LEU C 139 13.30 -19.41 12.18
CA LEU C 139 14.75 -19.26 12.28
C LEU C 139 15.10 -18.98 13.73
N LEU C 140 16.05 -19.71 14.30
CA LEU C 140 16.56 -19.49 15.67
C LEU C 140 17.97 -19.04 15.39
N ASN C 141 18.28 -17.77 15.64
CA ASN C 141 19.60 -17.22 15.29
C ASN C 141 20.52 -16.93 16.48
N ASN C 142 21.84 -17.07 16.23
CA ASN C 142 22.95 -16.81 17.13
C ASN C 142 22.67 -17.13 18.61
N PHE C 143 22.60 -18.45 18.89
CA PHE C 143 22.35 -19.00 20.22
C PHE C 143 23.41 -20.05 20.61
N TYR C 144 23.51 -20.33 21.93
CA TYR C 144 24.45 -21.31 22.47
C TYR C 144 23.95 -21.81 23.83
N PRO C 145 23.97 -23.13 24.17
CA PRO C 145 24.42 -24.32 23.40
C PRO C 145 23.49 -24.76 22.26
N ARG C 146 23.89 -25.81 21.51
CA ARG C 146 23.14 -26.33 20.34
C ARG C 146 21.74 -26.89 20.65
N GLU C 147 21.51 -27.31 21.90
CA GLU C 147 20.22 -27.89 22.31
C GLU C 147 19.16 -26.81 22.40
N ALA C 148 18.07 -26.98 21.64
CA ALA C 148 16.94 -26.05 21.57
C ALA C 148 15.75 -26.81 20.99
N LYS C 149 14.55 -26.69 21.59
CA LYS C 149 13.38 -27.41 21.08
C LYS C 149 12.44 -26.46 20.35
N VAL C 150 12.03 -26.84 19.13
CA VAL C 150 11.11 -26.06 18.30
C VAL C 150 9.81 -26.84 18.20
N GLN C 151 8.68 -26.25 18.64
CA GLN C 151 7.35 -26.87 18.56
C GLN C 151 6.52 -26.05 17.60
N TRP C 152 5.93 -26.68 16.57
CA TRP C 152 5.07 -25.97 15.62
C TRP C 152 3.62 -26.14 16.07
N LYS C 153 2.86 -25.04 16.05
CA LYS C 153 1.46 -25.00 16.42
C LYS C 153 0.65 -24.34 15.32
N VAL C 154 -0.48 -24.96 14.93
CA VAL C 154 -1.39 -24.39 13.92
C VAL C 154 -2.75 -24.25 14.62
N ASP C 155 -3.25 -23.00 14.80
CA ASP C 155 -4.49 -22.70 15.54
C ASP C 155 -4.42 -23.30 16.97
N ASN C 156 -3.23 -23.22 17.62
CA ASN C 156 -2.90 -23.78 18.96
C ASN C 156 -2.83 -25.33 19.00
N ALA C 157 -2.89 -26.02 17.82
CA ALA C 157 -2.82 -27.48 17.72
C ALA C 157 -1.39 -27.87 17.41
N LEU C 158 -0.83 -28.81 18.19
CA LEU C 158 0.55 -29.25 18.00
C LEU C 158 0.71 -30.07 16.71
N GLN C 159 1.85 -29.88 16.02
CA GLN C 159 2.18 -30.53 14.76
C GLN C 159 3.24 -31.60 15.00
N SER C 160 3.17 -32.70 14.22
CA SER C 160 4.11 -33.81 14.37
C SER C 160 4.35 -34.57 13.05
N GLY C 161 5.61 -34.79 12.72
CA GLY C 161 6.02 -35.54 11.53
C GLY C 161 5.85 -34.86 10.19
N ASN C 162 5.63 -33.53 10.19
CA ASN C 162 5.46 -32.71 8.97
C ASN C 162 6.48 -31.54 9.00
N SER C 163 7.56 -31.71 9.76
CA SER C 163 8.60 -30.72 9.94
C SER C 163 9.98 -31.36 9.71
N GLN C 164 10.99 -30.49 9.47
CA GLN C 164 12.40 -30.85 9.30
C GLN C 164 13.27 -29.69 9.79
N GLU C 165 14.30 -30.00 10.57
CA GLU C 165 15.25 -29.04 11.12
C GLU C 165 16.61 -29.21 10.49
N SER C 166 17.36 -28.12 10.47
CA SER C 166 18.74 -28.05 9.96
C SER C 166 19.51 -27.07 10.86
N VAL C 167 20.78 -27.37 11.19
CA VAL C 167 21.59 -26.54 12.10
C VAL C 167 22.94 -26.24 11.46
N THR C 168 23.43 -25.01 11.64
CA THR C 168 24.74 -24.62 11.15
C THR C 168 25.84 -25.21 12.06
N GLU C 169 27.08 -25.15 11.59
CA GLU C 169 28.24 -25.50 12.38
C GLU C 169 28.49 -24.27 13.25
N GLN C 170 29.24 -24.47 14.35
CA GLN C 170 29.55 -23.38 15.28
C GLN C 170 30.29 -22.27 14.51
N ASP C 171 29.81 -21.03 14.60
CA ASP C 171 30.37 -19.88 13.88
C ASP C 171 31.81 -19.53 14.33
N SER C 172 32.73 -19.40 13.36
CA SER C 172 34.15 -19.09 13.55
C SER C 172 34.41 -17.88 14.46
N LYS C 173 33.75 -16.75 14.17
CA LYS C 173 33.93 -15.52 14.94
C LYS C 173 33.36 -15.60 16.37
N ASP C 174 32.01 -15.62 16.53
CA ASP C 174 31.36 -15.60 17.85
C ASP C 174 31.02 -16.99 18.49
N SER C 175 31.41 -18.14 17.87
CA SER C 175 31.18 -19.50 18.41
C SER C 175 29.70 -19.82 18.70
N THR C 176 28.79 -19.23 17.91
CA THR C 176 27.35 -19.39 18.08
C THR C 176 26.74 -20.37 17.07
N TYR C 177 25.51 -20.85 17.37
CA TYR C 177 24.75 -21.76 16.51
C TYR C 177 23.48 -21.06 15.99
N SER C 178 23.05 -21.42 14.79
CA SER C 178 21.80 -20.95 14.20
C SER C 178 21.09 -22.18 13.66
N LEU C 179 19.75 -22.17 13.76
CA LEU C 179 18.90 -23.31 13.40
C LEU C 179 17.71 -22.84 12.56
N SER C 180 17.25 -23.72 11.67
CA SER C 180 16.10 -23.48 10.82
C SER C 180 15.13 -24.65 10.97
N SER C 181 13.82 -24.37 11.06
CA SER C 181 12.79 -25.41 11.14
C SER C 181 11.77 -25.10 10.06
N THR C 182 11.50 -26.07 9.16
CA THR C 182 10.52 -25.87 8.11
C THR C 182 9.32 -26.78 8.32
N LEU C 183 8.12 -26.18 8.40
CA LEU C 183 6.86 -26.91 8.51
C LEU C 183 6.31 -26.91 7.10
N THR C 184 6.17 -28.10 6.47
CA THR C 184 5.63 -28.22 5.14
C THR C 184 4.19 -28.71 5.21
N LEU C 185 3.30 -28.03 4.47
CA LEU C 185 1.88 -28.33 4.39
C LEU C 185 1.46 -28.20 2.94
N SER C 186 0.34 -28.82 2.56
CA SER C 186 -0.20 -28.66 1.21
C SER C 186 -0.93 -27.31 1.17
N LYS C 187 -1.30 -26.85 -0.03
CA LYS C 187 -2.04 -25.61 -0.20
C LYS C 187 -3.43 -25.75 0.43
N ALA C 188 -4.08 -26.94 0.26
CA ALA C 188 -5.41 -27.25 0.82
C ALA C 188 -5.41 -27.27 2.34
N ASP C 189 -4.41 -27.92 2.94
CA ASP C 189 -4.26 -28.03 4.40
C ASP C 189 -3.88 -26.65 4.98
N TYR C 190 -3.03 -25.88 4.26
CA TYR C 190 -2.63 -24.53 4.69
C TYR C 190 -3.81 -23.55 4.63
N GLU C 191 -4.67 -23.66 3.60
CA GLU C 191 -5.83 -22.79 3.45
C GLU C 191 -6.94 -23.10 4.49
N LYS C 192 -6.95 -24.33 5.06
CA LYS C 192 -7.94 -24.76 6.07
C LYS C 192 -7.74 -24.03 7.43
N HIS C 193 -6.48 -23.77 7.84
CA HIS C 193 -6.16 -23.10 9.11
C HIS C 193 -5.78 -21.61 8.92
N LYS C 194 -5.66 -20.86 10.03
CA LYS C 194 -5.40 -19.40 10.02
C LYS C 194 -4.13 -18.94 10.77
N VAL C 195 -3.91 -19.41 12.03
CA VAL C 195 -2.79 -18.98 12.86
C VAL C 195 -1.67 -20.01 12.79
N TYR C 196 -0.42 -19.53 12.54
CA TYR C 196 0.78 -20.38 12.50
C TYR C 196 1.81 -19.81 13.45
N ALA C 197 2.43 -20.66 14.29
CA ALA C 197 3.44 -20.21 15.26
C ALA C 197 4.48 -21.27 15.57
N CYS C 198 5.70 -20.84 15.93
CA CYS C 198 6.76 -21.74 16.37
C CYS C 198 7.23 -21.30 17.77
N GLU C 199 7.03 -22.15 18.77
CA GLU C 199 7.44 -21.90 20.15
C GLU C 199 8.86 -22.38 20.27
N VAL C 200 9.73 -21.60 20.93
CA VAL C 200 11.16 -21.94 21.10
C VAL C 200 11.57 -22.00 22.58
N THR C 201 12.20 -23.14 22.98
CA THR C 201 12.69 -23.35 24.34
C THR C 201 14.21 -23.46 24.26
N HIS C 202 14.93 -22.76 25.16
CA HIS C 202 16.39 -22.73 25.18
C HIS C 202 16.88 -22.22 26.58
N GLN C 203 18.08 -22.66 27.02
CA GLN C 203 18.66 -22.28 28.34
C GLN C 203 18.70 -20.76 28.59
N GLY C 204 18.92 -19.99 27.53
CA GLY C 204 18.95 -18.53 27.56
C GLY C 204 17.60 -17.85 27.70
N LEU C 205 16.48 -18.59 27.49
CA LEU C 205 15.13 -18.04 27.59
C LEU C 205 14.48 -18.42 28.91
N SER C 206 14.02 -17.40 29.69
CA SER C 206 13.33 -17.61 30.97
C SER C 206 11.91 -18.15 30.79
N SER C 207 11.32 -17.95 29.58
CA SER C 207 9.98 -18.41 29.22
C SER C 207 9.95 -18.64 27.70
N PRO C 208 9.23 -19.69 27.19
CA PRO C 208 9.25 -19.94 25.75
C PRO C 208 8.83 -18.76 24.86
N VAL C 209 9.70 -18.40 23.89
CA VAL C 209 9.47 -17.34 22.92
C VAL C 209 8.69 -17.95 21.77
N THR C 210 7.57 -17.32 21.37
CA THR C 210 6.67 -17.81 20.33
C THR C 210 6.39 -16.71 19.32
N LYS C 211 7.00 -16.83 18.13
CA LYS C 211 6.78 -15.89 17.03
C LYS C 211 5.69 -16.49 16.15
N SER C 212 4.73 -15.66 15.72
CA SER C 212 3.54 -16.08 14.98
C SER C 212 3.11 -15.10 13.87
N PHE C 213 2.17 -15.55 13.02
CA PHE C 213 1.53 -14.74 11.99
C PHE C 213 0.16 -15.34 11.62
N ASN C 214 -0.69 -14.54 10.95
CA ASN C 214 -2.03 -14.95 10.52
C ASN C 214 -2.08 -14.94 8.99
N ARG C 215 -2.42 -16.12 8.40
CA ARG C 215 -2.48 -16.37 6.94
C ARG C 215 -2.98 -15.21 6.09
N GLY C 216 -4.20 -14.76 6.37
CA GLY C 216 -4.82 -13.67 5.63
C GLY C 216 -4.17 -12.33 5.91
N GLU C 217 -3.77 -12.09 7.17
CA GLU C 217 -3.14 -10.81 7.56
C GLU C 217 -1.64 -10.81 7.23
N CYS C 218 -1.32 -10.44 5.98
CA CYS C 218 0.05 -10.33 5.45
C CYS C 218 0.07 -9.30 4.29
N GLN D 1 55.83 -35.56 -2.18
CA GLN D 1 54.85 -35.70 -1.10
C GLN D 1 53.80 -36.78 -1.37
N VAL D 2 53.36 -37.48 -0.31
CA VAL D 2 52.35 -38.54 -0.46
C VAL D 2 51.02 -37.87 -0.81
N GLN D 3 50.34 -38.40 -1.84
CA GLN D 3 49.06 -37.85 -2.34
C GLN D 3 48.19 -38.96 -2.85
N LEU D 4 46.88 -38.86 -2.54
CA LEU D 4 45.85 -39.79 -2.95
C LEU D 4 44.75 -38.94 -3.56
N VAL D 5 44.60 -39.01 -4.88
CA VAL D 5 43.62 -38.18 -5.57
C VAL D 5 42.50 -39.06 -6.09
N GLN D 6 41.28 -38.78 -5.65
CA GLN D 6 40.13 -39.55 -6.03
C GLN D 6 39.36 -38.93 -7.19
N SER D 7 38.59 -39.77 -7.88
CA SER D 7 37.71 -39.35 -8.95
C SER D 7 36.52 -38.57 -8.37
N GLY D 8 35.82 -37.89 -9.24
CA GLY D 8 34.72 -36.99 -8.92
C GLY D 8 33.38 -37.54 -8.50
N VAL D 9 32.44 -36.60 -8.31
CA VAL D 9 31.07 -36.82 -7.84
C VAL D 9 30.35 -37.86 -8.70
N GLU D 10 29.52 -38.67 -8.05
CA GLU D 10 28.76 -39.75 -8.67
C GLU D 10 27.33 -39.68 -8.21
N VAL D 11 26.40 -39.84 -9.15
CA VAL D 11 24.97 -39.82 -8.89
C VAL D 11 24.41 -41.03 -9.64
N LYS D 12 23.87 -41.97 -8.91
CA LYS D 12 23.35 -43.21 -9.48
C LYS D 12 21.93 -43.55 -9.07
N LYS D 13 21.28 -44.38 -9.87
CA LYS D 13 19.95 -44.92 -9.59
C LYS D 13 20.17 -46.17 -8.74
N PRO D 14 19.22 -46.57 -7.87
CA PRO D 14 19.40 -47.85 -7.13
C PRO D 14 19.40 -49.02 -8.11
N GLY D 15 20.20 -50.04 -7.80
CA GLY D 15 20.41 -51.19 -8.67
C GLY D 15 21.57 -50.99 -9.65
N ALA D 16 22.06 -49.74 -9.80
CA ALA D 16 23.18 -49.43 -10.69
C ALA D 16 24.50 -49.75 -9.99
N SER D 17 25.58 -49.54 -10.70
CA SER D 17 26.94 -49.75 -10.23
C SER D 17 27.72 -48.43 -10.20
N VAL D 18 28.82 -48.41 -9.44
CA VAL D 18 29.73 -47.25 -9.38
C VAL D 18 31.17 -47.76 -9.18
N LYS D 19 32.13 -47.14 -9.88
CA LYS D 19 33.54 -47.45 -9.77
C LYS D 19 34.29 -46.16 -9.44
N VAL D 20 34.91 -46.09 -8.26
CA VAL D 20 35.64 -44.93 -7.77
C VAL D 20 37.12 -45.24 -7.94
N SER D 21 37.92 -44.27 -8.39
CA SER D 21 39.37 -44.43 -8.51
C SER D 21 40.11 -43.59 -7.45
N CYS D 22 41.33 -44.00 -7.12
CA CYS D 22 42.18 -43.36 -6.15
C CYS D 22 43.61 -43.40 -6.70
N LYS D 23 44.05 -42.29 -7.33
CA LYS D 23 45.38 -42.14 -7.91
C LYS D 23 46.41 -41.85 -6.81
N ALA D 24 47.34 -42.75 -6.59
CA ALA D 24 48.37 -42.59 -5.58
C ALA D 24 49.60 -41.99 -6.21
N SER D 25 50.35 -41.17 -5.47
CA SER D 25 51.61 -40.60 -5.96
C SER D 25 52.53 -40.21 -4.80
N GLY D 26 53.83 -40.12 -5.09
CA GLY D 26 54.83 -39.70 -4.12
C GLY D 26 55.31 -40.76 -3.15
N TYR D 27 55.02 -42.02 -3.44
CA TYR D 27 55.51 -43.10 -2.59
C TYR D 27 55.56 -44.40 -3.37
N THR D 28 56.16 -45.44 -2.75
CA THR D 28 56.26 -46.77 -3.35
C THR D 28 54.89 -47.47 -3.16
N PHE D 29 54.03 -47.35 -4.16
CA PHE D 29 52.65 -47.86 -4.15
C PHE D 29 52.46 -49.28 -3.58
N THR D 30 53.36 -50.17 -3.94
CA THR D 30 53.29 -51.59 -3.56
C THR D 30 53.73 -51.88 -2.09
N ASN D 31 54.33 -50.91 -1.35
CA ASN D 31 54.69 -51.14 0.06
C ASN D 31 53.56 -50.79 1.06
N TYR D 32 52.37 -50.40 0.54
CA TYR D 32 51.23 -50.01 1.37
C TYR D 32 49.95 -50.69 0.90
N TYR D 33 49.07 -51.00 1.85
CA TYR D 33 47.75 -51.51 1.53
C TYR D 33 46.96 -50.27 1.08
N MET D 34 45.85 -50.47 0.38
CA MET D 34 44.89 -49.42 0.11
C MET D 34 43.58 -49.89 0.66
N TYR D 35 43.04 -49.10 1.60
CA TYR D 35 41.78 -49.35 2.25
C TYR D 35 40.69 -48.41 1.73
N TRP D 36 39.42 -48.83 1.90
CA TRP D 36 38.23 -48.11 1.50
C TRP D 36 37.34 -47.94 2.71
N VAL D 37 37.02 -46.68 3.02
CA VAL D 37 36.21 -46.28 4.16
C VAL D 37 35.12 -45.34 3.66
N ARG D 38 33.89 -45.48 4.16
CA ARG D 38 32.83 -44.56 3.75
C ARG D 38 32.19 -43.89 4.95
N GLN D 39 31.57 -42.77 4.68
CA GLN D 39 30.90 -41.93 5.67
C GLN D 39 29.57 -41.41 5.12
N ALA D 40 28.46 -41.93 5.61
CA ALA D 40 27.15 -41.47 5.21
C ALA D 40 26.90 -40.09 5.85
N PRO D 41 26.06 -39.23 5.25
CA PRO D 41 25.92 -37.86 5.78
C PRO D 41 25.48 -37.75 7.23
N GLY D 42 26.25 -36.99 8.04
CA GLY D 42 26.03 -36.83 9.47
C GLY D 42 26.26 -38.08 10.30
N GLN D 43 26.97 -39.09 9.75
CA GLN D 43 27.23 -40.38 10.40
C GLN D 43 28.74 -40.59 10.61
N GLY D 44 29.09 -41.73 11.20
CA GLY D 44 30.47 -42.10 11.46
C GLY D 44 31.12 -42.80 10.28
N LEU D 45 32.33 -43.35 10.53
CA LEU D 45 33.17 -44.04 9.53
C LEU D 45 32.94 -45.52 9.49
N GLU D 46 32.78 -46.09 8.28
CA GLU D 46 32.59 -47.52 8.10
C GLU D 46 33.70 -48.09 7.15
N TRP D 47 34.58 -48.95 7.67
CA TRP D 47 35.60 -49.62 6.87
C TRP D 47 34.90 -50.63 5.99
N MET D 48 35.17 -50.60 4.68
CA MET D 48 34.58 -51.48 3.68
C MET D 48 35.45 -52.67 3.35
N GLY D 49 36.70 -52.38 3.03
CA GLY D 49 37.65 -53.40 2.63
C GLY D 49 39.04 -52.86 2.39
N GLY D 50 39.92 -53.75 1.95
CA GLY D 50 41.31 -53.49 1.68
C GLY D 50 41.88 -54.35 0.60
N ILE D 51 42.90 -53.83 -0.11
CA ILE D 51 43.63 -54.56 -1.15
C ILE D 51 45.15 -54.38 -0.96
N ASN D 52 45.91 -55.44 -1.23
CA ASN D 52 47.37 -55.44 -1.16
C ASN D 52 47.79 -55.30 -2.61
N PRO D 53 48.33 -54.16 -3.05
CA PRO D 53 48.66 -54.01 -4.47
C PRO D 53 49.68 -55.00 -5.02
N SER D 54 50.72 -55.33 -4.24
CA SER D 54 51.78 -56.24 -4.69
C SER D 54 51.28 -57.63 -5.15
N ASN D 55 50.18 -58.14 -4.58
CA ASN D 55 49.62 -59.47 -4.96
C ASN D 55 48.09 -59.53 -5.26
N GLY D 56 47.36 -58.43 -5.06
CA GLY D 56 45.92 -58.40 -5.24
C GLY D 56 45.07 -59.05 -4.16
N GLY D 57 45.66 -59.30 -2.99
CA GLY D 57 44.96 -59.94 -1.88
C GLY D 57 43.96 -59.04 -1.19
N THR D 58 42.68 -59.43 -1.18
CA THR D 58 41.60 -58.60 -0.61
C THR D 58 41.01 -59.08 0.72
N ASN D 59 40.71 -58.12 1.61
CA ASN D 59 40.05 -58.33 2.91
C ASN D 59 38.78 -57.45 2.92
N PHE D 60 37.67 -57.96 3.49
CA PHE D 60 36.41 -57.22 3.50
C PHE D 60 35.63 -57.27 4.78
N ASN D 61 34.66 -56.36 4.86
CA ASN D 61 33.69 -56.28 5.92
C ASN D 61 32.53 -57.12 5.37
N GLU D 62 31.99 -58.09 6.17
CA GLU D 62 30.91 -59.01 5.80
C GLU D 62 29.75 -58.35 5.02
N LYS D 63 29.37 -57.12 5.45
CA LYS D 63 28.31 -56.32 4.83
C LYS D 63 28.62 -55.96 3.37
N PHE D 64 29.91 -55.86 3.02
CA PHE D 64 30.37 -55.48 1.66
C PHE D 64 30.98 -56.62 0.83
N LYS D 65 31.17 -57.83 1.41
CA LYS D 65 31.61 -58.99 0.62
C LYS D 65 30.43 -59.32 -0.30
N ASN D 66 30.72 -59.65 -1.58
CA ASN D 66 29.75 -59.93 -2.65
C ASN D 66 29.39 -58.70 -3.48
N ARG D 67 29.24 -57.50 -2.87
CA ARG D 67 28.88 -56.29 -3.65
C ARG D 67 30.08 -55.42 -4.07
N VAL D 68 31.22 -55.52 -3.35
CA VAL D 68 32.43 -54.74 -3.64
C VAL D 68 33.49 -55.51 -4.39
N THR D 69 34.05 -54.91 -5.44
CA THR D 69 35.21 -55.47 -6.15
C THR D 69 36.31 -54.40 -5.99
N LEU D 70 37.44 -54.81 -5.41
CA LEU D 70 38.65 -54.00 -5.24
C LEU D 70 39.69 -54.39 -6.29
N THR D 71 40.25 -53.42 -7.01
CA THR D 71 41.31 -53.66 -8.00
C THR D 71 42.38 -52.60 -7.89
N THR D 72 43.51 -52.89 -8.54
CA THR D 72 44.72 -52.07 -8.52
C THR D 72 45.44 -52.11 -9.87
N ASP D 73 46.12 -51.02 -10.24
CA ASP D 73 46.99 -50.94 -11.42
C ASP D 73 48.31 -50.33 -10.91
N SER D 74 49.37 -51.17 -10.86
CA SER D 74 50.69 -50.77 -10.37
C SER D 74 51.44 -49.85 -11.33
N SER D 75 51.17 -49.93 -12.65
CA SER D 75 51.77 -48.99 -13.62
C SER D 75 51.28 -47.58 -13.32
N THR D 76 49.95 -47.42 -13.23
CA THR D 76 49.32 -46.12 -12.97
C THR D 76 49.09 -45.84 -11.48
N THR D 77 49.66 -46.65 -10.56
CA THR D 77 49.51 -46.52 -9.10
C THR D 77 48.11 -46.02 -8.73
N THR D 78 47.09 -46.73 -9.23
CA THR D 78 45.69 -46.38 -9.03
C THR D 78 44.97 -47.55 -8.40
N ALA D 79 44.15 -47.25 -7.39
CA ALA D 79 43.30 -48.23 -6.71
C ALA D 79 41.87 -47.93 -7.15
N TYR D 80 41.04 -48.99 -7.38
CA TYR D 80 39.62 -48.82 -7.74
C TYR D 80 38.74 -49.61 -6.80
N MET D 81 37.52 -49.07 -6.58
CA MET D 81 36.51 -49.66 -5.70
C MET D 81 35.23 -49.65 -6.50
N GLU D 82 34.75 -50.84 -6.91
CA GLU D 82 33.50 -50.96 -7.65
C GLU D 82 32.44 -51.45 -6.68
N LEU D 83 31.39 -50.67 -6.48
CA LEU D 83 30.28 -51.06 -5.61
C LEU D 83 29.10 -51.37 -6.52
N LYS D 84 28.63 -52.63 -6.51
CA LYS D 84 27.51 -53.07 -7.37
C LYS D 84 26.20 -53.11 -6.57
N SER D 85 25.07 -53.19 -7.30
CA SER D 85 23.72 -53.28 -6.74
C SER D 85 23.48 -52.16 -5.71
N LEU D 86 23.64 -50.91 -6.15
CA LEU D 86 23.53 -49.76 -5.25
C LEU D 86 22.13 -49.60 -4.63
N GLN D 87 22.12 -49.20 -3.35
CA GLN D 87 20.94 -49.00 -2.50
C GLN D 87 20.99 -47.56 -1.97
N PHE D 88 19.84 -46.96 -1.64
CA PHE D 88 19.79 -45.56 -1.15
C PHE D 88 20.74 -45.29 0.02
N ASP D 89 20.92 -46.27 0.93
CA ASP D 89 21.79 -46.11 2.08
C ASP D 89 23.31 -46.33 1.77
N ASP D 90 23.67 -46.49 0.47
CA ASP D 90 25.05 -46.43 0.01
C ASP D 90 25.42 -44.98 -0.25
N THR D 91 24.50 -44.03 -0.03
CA THR D 91 24.79 -42.62 -0.21
C THR D 91 25.81 -42.19 0.83
N ALA D 92 27.00 -41.83 0.40
CA ALA D 92 28.06 -41.45 1.33
C ALA D 92 29.19 -40.83 0.58
N VAL D 93 30.19 -40.37 1.35
CA VAL D 93 31.48 -39.93 0.83
C VAL D 93 32.35 -41.16 1.02
N TYR D 94 33.01 -41.61 -0.05
CA TYR D 94 33.87 -42.80 -0.06
C TYR D 94 35.30 -42.33 -0.08
N TYR D 95 36.12 -42.83 0.84
CA TYR D 95 37.53 -42.48 0.96
C TYR D 95 38.47 -43.66 0.71
N CYS D 96 39.63 -43.37 0.11
CA CYS D 96 40.70 -44.34 0.03
C CYS D 96 41.71 -43.85 1.06
N ALA D 97 42.42 -44.78 1.66
CA ALA D 97 43.44 -44.44 2.64
C ALA D 97 44.44 -45.54 2.64
N ARG D 98 45.73 -45.21 2.67
CA ARG D 98 46.77 -46.25 2.62
C ARG D 98 47.15 -46.73 4.03
N ARG D 99 47.87 -47.85 4.11
CA ARG D 99 48.34 -48.38 5.40
C ARG D 99 49.61 -49.18 5.16
N ASP D 100 50.66 -48.95 5.94
CA ASP D 100 51.92 -49.70 5.77
C ASP D 100 51.69 -51.21 5.76
N TYR D 101 52.23 -51.93 4.75
CA TYR D 101 52.05 -53.38 4.68
C TYR D 101 52.77 -54.12 5.81
N ARG D 102 54.03 -53.78 6.14
CA ARG D 102 54.78 -54.52 7.16
C ARG D 102 54.27 -54.26 8.59
N PHE D 103 54.39 -53.03 9.11
CA PHE D 103 53.93 -52.69 10.46
C PHE D 103 52.74 -51.71 10.39
N ASP D 104 51.55 -52.13 10.91
CA ASP D 104 50.35 -51.31 10.91
C ASP D 104 50.48 -50.09 11.82
N MET D 105 50.58 -48.91 11.21
CA MET D 105 50.70 -47.64 11.93
C MET D 105 49.53 -46.70 11.55
N GLY D 106 48.35 -47.29 11.38
CA GLY D 106 47.12 -46.57 11.03
C GLY D 106 47.05 -46.12 9.60
N PHE D 107 45.93 -45.48 9.21
CA PHE D 107 45.72 -44.91 7.87
C PHE D 107 46.31 -43.52 7.86
N ASP D 108 47.58 -43.39 7.42
CA ASP D 108 48.32 -42.11 7.53
C ASP D 108 48.04 -41.11 6.43
N TYR D 109 47.63 -41.57 5.24
CA TYR D 109 47.26 -40.62 4.18
C TYR D 109 45.94 -41.04 3.60
N TRP D 110 45.05 -40.08 3.39
CA TRP D 110 43.70 -40.29 2.89
C TRP D 110 43.51 -39.49 1.61
N GLY D 111 42.64 -39.97 0.73
CA GLY D 111 42.19 -39.21 -0.42
C GLY D 111 41.18 -38.16 0.01
N GLN D 112 40.79 -37.27 -0.88
CA GLN D 112 39.86 -36.19 -0.52
C GLN D 112 38.41 -36.59 -0.40
N GLY D 113 38.09 -37.82 -0.77
CA GLY D 113 36.72 -38.30 -0.73
C GLY D 113 36.00 -38.14 -2.06
N THR D 114 35.07 -39.07 -2.33
CA THR D 114 34.21 -39.07 -3.53
C THR D 114 32.80 -39.19 -3.04
N THR D 115 31.96 -38.22 -3.36
CA THR D 115 30.55 -38.25 -2.97
C THR D 115 29.77 -39.10 -3.98
N VAL D 116 28.98 -40.05 -3.45
CA VAL D 116 28.09 -40.91 -4.22
C VAL D 116 26.68 -40.72 -3.70
N THR D 117 25.76 -40.39 -4.59
CA THR D 117 24.34 -40.27 -4.25
C THR D 117 23.60 -41.37 -4.97
N VAL D 118 22.80 -42.13 -4.25
CA VAL D 118 21.99 -43.24 -4.80
C VAL D 118 20.52 -42.79 -4.67
N SER D 119 19.83 -42.56 -5.79
CA SER D 119 18.48 -42.01 -5.79
C SER D 119 17.70 -42.27 -7.11
N SER D 120 16.35 -42.27 -7.04
CA SER D 120 15.51 -42.42 -8.24
C SER D 120 15.28 -41.11 -8.98
N ALA D 121 15.49 -39.96 -8.32
CA ALA D 121 15.46 -38.64 -8.95
C ALA D 121 16.75 -38.60 -9.82
N SER D 122 16.87 -37.98 -11.02
CA SER D 122 16.10 -37.02 -11.82
C SER D 122 16.60 -35.63 -11.47
N THR D 123 17.64 -35.20 -12.22
CA THR D 123 18.30 -33.91 -11.99
C THR D 123 17.25 -32.82 -12.16
N LYS D 124 17.21 -31.90 -11.20
CA LYS D 124 16.21 -30.85 -11.16
C LYS D 124 16.77 -29.64 -10.48
N GLY D 125 16.46 -28.48 -11.04
CA GLY D 125 16.89 -27.19 -10.51
C GLY D 125 15.92 -26.70 -9.46
N PRO D 126 16.41 -25.86 -8.53
CA PRO D 126 15.54 -25.39 -7.45
C PRO D 126 14.55 -24.32 -7.86
N SER D 127 13.46 -24.24 -7.07
CA SER D 127 12.49 -23.16 -7.08
C SER D 127 13.03 -22.34 -5.90
N VAL D 128 13.24 -21.03 -6.12
CA VAL D 128 13.81 -20.14 -5.11
C VAL D 128 12.69 -19.21 -4.69
N PHE D 129 12.34 -19.27 -3.39
CA PHE D 129 11.24 -18.51 -2.82
C PHE D 129 11.77 -17.55 -1.82
N PRO D 130 11.22 -16.33 -1.75
CA PRO D 130 11.73 -15.34 -0.77
C PRO D 130 11.25 -15.63 0.65
N LEU D 131 12.09 -15.27 1.64
CA LEU D 131 11.80 -15.38 3.07
C LEU D 131 11.80 -13.96 3.61
N ALA D 132 10.63 -13.46 4.03
CA ALA D 132 10.52 -12.08 4.53
C ALA D 132 9.48 -11.97 5.63
N PRO D 133 9.68 -11.03 6.57
CA PRO D 133 8.70 -10.86 7.67
C PRO D 133 7.34 -10.43 7.16
N CYS D 134 6.28 -11.01 7.74
CA CYS D 134 4.90 -10.71 7.37
C CYS D 134 4.56 -9.24 7.66
N SER D 135 5.06 -8.69 8.78
CA SER D 135 4.78 -7.29 9.15
C SER D 135 5.97 -6.62 9.85
N ARG D 136 7.09 -6.44 9.14
CA ARG D 136 8.27 -5.78 9.73
C ARG D 136 8.09 -4.26 9.85
N SER D 137 7.22 -3.86 10.78
CA SER D 137 6.98 -2.48 11.16
C SER D 137 7.78 -2.42 12.47
N THR D 138 7.28 -3.10 13.52
CA THR D 138 7.94 -3.32 14.82
C THR D 138 8.66 -2.08 15.45
N SER D 139 9.32 -2.37 16.59
CA SER D 139 10.17 -1.44 17.33
C SER D 139 11.60 -2.03 17.43
N GLU D 140 11.85 -3.24 16.83
CA GLU D 140 13.14 -3.93 16.87
C GLU D 140 14.03 -3.40 15.74
N SER D 141 15.32 -3.27 16.02
CA SER D 141 16.31 -2.71 15.10
C SER D 141 16.89 -3.70 14.09
N THR D 142 16.73 -5.03 14.29
CA THR D 142 17.28 -6.03 13.38
C THR D 142 16.20 -6.95 12.76
N ALA D 143 16.18 -7.03 11.41
CA ALA D 143 15.26 -7.86 10.65
C ALA D 143 16.00 -9.00 9.93
N ALA D 144 15.35 -10.15 9.81
CA ALA D 144 15.90 -11.31 9.12
C ALA D 144 15.18 -11.44 7.76
N LEU D 145 15.93 -11.76 6.71
CA LEU D 145 15.36 -12.07 5.40
C LEU D 145 16.14 -13.23 4.77
N GLY D 146 15.52 -13.94 3.85
CA GLY D 146 16.18 -15.07 3.23
C GLY D 146 15.63 -15.59 1.91
N CYS D 147 16.12 -16.77 1.55
CA CYS D 147 15.75 -17.51 0.35
C CYS D 147 15.61 -18.96 0.72
N LEU D 148 14.48 -19.55 0.33
CA LEU D 148 14.17 -20.95 0.52
C LEU D 148 14.47 -21.59 -0.84
N VAL D 149 15.49 -22.46 -0.92
CA VAL D 149 15.94 -23.09 -2.17
C VAL D 149 15.39 -24.50 -2.11
N LYS D 150 14.17 -24.70 -2.66
CA LYS D 150 13.45 -25.96 -2.53
C LYS D 150 13.39 -26.78 -3.79
N ASP D 151 13.33 -28.12 -3.61
CA ASP D 151 13.12 -29.14 -4.63
C ASP D 151 14.16 -29.21 -5.74
N TYR D 152 15.41 -29.42 -5.36
CA TYR D 152 16.49 -29.59 -6.33
C TYR D 152 17.17 -30.92 -6.14
N PHE D 153 17.82 -31.37 -7.20
CA PHE D 153 18.54 -32.63 -7.15
C PHE D 153 19.57 -32.62 -8.23
N PRO D 154 20.78 -33.10 -7.97
CA PRO D 154 21.33 -33.56 -6.69
C PRO D 154 21.98 -32.36 -5.97
N GLU D 155 22.71 -32.62 -4.91
CA GLU D 155 23.49 -31.58 -4.24
C GLU D 155 24.74 -31.32 -5.13
N PRO D 156 25.40 -30.14 -5.06
CA PRO D 156 25.16 -29.01 -4.16
C PRO D 156 24.59 -27.78 -4.84
N VAL D 157 24.07 -26.85 -4.03
CA VAL D 157 23.66 -25.51 -4.44
C VAL D 157 24.60 -24.54 -3.71
N THR D 158 24.86 -23.38 -4.30
CA THR D 158 25.66 -22.34 -3.65
C THR D 158 24.79 -21.08 -3.54
N VAL D 159 24.83 -20.40 -2.40
CA VAL D 159 24.05 -19.20 -2.16
C VAL D 159 24.97 -18.09 -1.74
N SER D 160 24.82 -16.96 -2.41
CA SER D 160 25.49 -15.70 -2.16
C SER D 160 24.40 -14.62 -1.97
N TRP D 161 24.79 -13.45 -1.44
CA TRP D 161 23.87 -12.32 -1.25
C TRP D 161 24.47 -11.06 -1.87
N ASN D 162 23.73 -10.39 -2.73
CA ASN D 162 24.19 -9.19 -3.41
C ASN D 162 25.52 -9.42 -4.16
N SER D 163 25.61 -10.57 -4.85
CA SER D 163 26.73 -10.96 -5.71
C SER D 163 28.09 -11.01 -4.98
N GLY D 164 28.06 -11.41 -3.71
CA GLY D 164 29.24 -11.52 -2.86
C GLY D 164 29.46 -10.36 -1.90
N ALA D 165 28.84 -9.18 -2.18
CA ALA D 165 28.97 -7.96 -1.36
C ALA D 165 28.48 -8.11 0.07
N LEU D 166 27.36 -8.83 0.29
CA LEU D 166 26.79 -9.03 1.62
C LEU D 166 27.26 -10.41 2.18
N THR D 167 28.15 -10.34 3.18
CA THR D 167 28.71 -11.52 3.83
C THR D 167 28.38 -11.59 5.33
N SER D 168 28.44 -10.45 6.05
CA SER D 168 28.14 -10.43 7.49
C SER D 168 26.67 -10.70 7.74
N GLY D 169 26.39 -11.51 8.77
CA GLY D 169 25.03 -11.89 9.16
C GLY D 169 24.42 -13.06 8.39
N VAL D 170 25.15 -13.61 7.39
CA VAL D 170 24.63 -14.69 6.56
C VAL D 170 24.82 -16.05 7.20
N HIS D 171 23.77 -16.87 7.12
CA HIS D 171 23.78 -18.24 7.56
C HIS D 171 23.11 -19.08 6.49
N THR D 172 23.90 -19.87 5.74
CA THR D 172 23.38 -20.82 4.76
C THR D 172 23.36 -22.18 5.44
N PHE D 173 22.18 -22.71 5.63
CA PHE D 173 21.99 -23.96 6.31
C PHE D 173 22.33 -25.19 5.47
N PRO D 174 22.73 -26.31 6.10
CA PRO D 174 22.94 -27.53 5.31
C PRO D 174 21.62 -28.01 4.71
N ALA D 175 21.72 -28.60 3.53
CA ALA D 175 20.55 -29.15 2.86
C ALA D 175 19.92 -30.29 3.66
N VAL D 176 18.63 -30.45 3.44
CA VAL D 176 17.77 -31.45 4.03
C VAL D 176 17.26 -32.27 2.85
N LEU D 177 17.25 -33.62 2.98
CA LEU D 177 16.71 -34.52 1.96
C LEU D 177 15.26 -34.80 2.34
N GLN D 178 14.33 -34.36 1.49
CA GLN D 178 12.90 -34.51 1.78
C GLN D 178 12.39 -35.89 1.40
N SER D 179 11.18 -36.27 1.87
CA SER D 179 10.54 -37.57 1.55
C SER D 179 10.46 -37.83 0.04
N SER D 180 10.31 -36.76 -0.76
CA SER D 180 10.29 -36.82 -2.22
C SER D 180 11.63 -37.26 -2.83
N GLY D 181 12.71 -37.16 -2.06
CA GLY D 181 14.04 -37.46 -2.56
C GLY D 181 14.68 -36.26 -3.20
N LEU D 182 14.06 -35.07 -3.06
CA LEU D 182 14.60 -33.82 -3.56
C LEU D 182 15.14 -33.04 -2.37
N TYR D 183 16.22 -32.33 -2.57
CA TYR D 183 16.82 -31.56 -1.50
C TYR D 183 16.14 -30.18 -1.30
N SER D 184 16.55 -29.50 -0.25
CA SER D 184 16.01 -28.19 0.12
C SER D 184 16.93 -27.56 1.16
N LEU D 185 17.23 -26.26 1.02
CA LEU D 185 17.96 -25.51 2.03
C LEU D 185 17.49 -24.09 2.09
N SER D 186 17.77 -23.43 3.22
CA SER D 186 17.49 -22.01 3.40
C SER D 186 18.77 -21.29 3.65
N SER D 187 18.81 -20.07 3.15
CA SER D 187 19.87 -19.11 3.41
C SER D 187 19.18 -17.87 4.00
N VAL D 188 19.75 -17.33 5.08
CA VAL D 188 19.18 -16.17 5.77
C VAL D 188 20.24 -15.16 5.98
N VAL D 189 19.83 -13.94 6.28
CA VAL D 189 20.74 -12.85 6.58
C VAL D 189 20.04 -11.85 7.50
N THR D 190 20.73 -11.42 8.59
CA THR D 190 20.19 -10.41 9.50
C THR D 190 20.76 -9.07 9.08
N VAL D 191 19.88 -8.12 8.88
CA VAL D 191 20.23 -6.77 8.43
C VAL D 191 19.55 -5.71 9.32
N PRO D 192 20.02 -4.45 9.30
CA PRO D 192 19.34 -3.42 10.10
C PRO D 192 17.99 -3.15 9.46
N SER D 193 16.90 -3.18 10.25
CA SER D 193 15.53 -2.96 9.75
C SER D 193 15.35 -1.60 9.05
N SER D 194 16.18 -0.60 9.40
CA SER D 194 16.17 0.73 8.76
C SER D 194 16.50 0.63 7.26
N SER D 195 17.42 -0.29 6.91
CA SER D 195 17.89 -0.49 5.53
C SER D 195 16.87 -1.11 4.57
N LEU D 196 15.87 -1.84 5.07
CA LEU D 196 14.89 -2.58 4.25
C LEU D 196 14.51 -1.92 2.89
N GLY D 197 13.81 -0.79 2.90
CA GLY D 197 13.43 -0.10 1.66
C GLY D 197 14.46 0.88 1.11
N THR D 198 15.61 1.00 1.79
CA THR D 198 16.72 1.88 1.42
C THR D 198 17.76 1.12 0.58
N LYS D 199 18.03 -0.17 0.93
CA LYS D 199 18.98 -1.03 0.24
C LYS D 199 18.27 -2.26 -0.34
N THR D 200 18.87 -2.78 -1.43
CA THR D 200 18.42 -3.97 -2.16
C THR D 200 19.00 -5.24 -1.53
N TYR D 201 18.19 -6.33 -1.48
CA TYR D 201 18.61 -7.63 -0.99
C TYR D 201 18.25 -8.71 -2.01
N THR D 202 19.28 -9.34 -2.59
CA THR D 202 19.14 -10.36 -3.62
C THR D 202 20.00 -11.57 -3.30
N CYS D 203 19.44 -12.78 -3.35
CA CYS D 203 20.22 -14.00 -3.19
C CYS D 203 20.56 -14.60 -4.58
N ASN D 204 21.80 -15.03 -4.76
CA ASN D 204 22.29 -15.62 -6.01
C ASN D 204 22.47 -17.09 -5.72
N VAL D 205 21.58 -17.89 -6.30
CA VAL D 205 21.56 -19.34 -6.13
C VAL D 205 22.11 -19.98 -7.41
N ASP D 206 23.11 -20.86 -7.27
CA ASP D 206 23.65 -21.59 -8.41
C ASP D 206 23.55 -23.09 -8.13
N HIS D 207 22.95 -23.82 -9.06
CA HIS D 207 22.85 -25.27 -9.08
C HIS D 207 23.52 -25.76 -10.37
N LYS D 208 24.83 -26.02 -10.28
CA LYS D 208 25.65 -26.44 -11.42
C LYS D 208 25.20 -27.73 -12.10
N PRO D 209 24.69 -28.78 -11.39
CA PRO D 209 24.25 -29.99 -12.11
C PRO D 209 23.12 -29.81 -13.12
N SER D 210 22.29 -28.79 -12.94
CA SER D 210 21.18 -28.46 -13.85
C SER D 210 21.52 -27.19 -14.67
N ASN D 211 22.73 -26.60 -14.51
CA ASN D 211 23.17 -25.35 -15.15
C ASN D 211 22.15 -24.20 -14.90
N THR D 212 21.53 -24.16 -13.68
CA THR D 212 20.57 -23.13 -13.31
C THR D 212 21.20 -22.07 -12.41
N LYS D 213 20.97 -20.79 -12.74
CA LYS D 213 21.42 -19.64 -11.97
C LYS D 213 20.18 -18.77 -11.75
N VAL D 214 19.93 -18.40 -10.51
CA VAL D 214 18.75 -17.61 -10.13
C VAL D 214 19.19 -16.50 -9.19
N ASP D 215 18.91 -15.25 -9.55
CA ASP D 215 19.17 -14.08 -8.73
C ASP D 215 17.81 -13.62 -8.35
N LYS D 216 17.35 -14.03 -7.15
CA LYS D 216 16.01 -13.77 -6.67
C LYS D 216 16.04 -12.54 -5.79
N ARG D 217 15.25 -11.52 -6.19
CA ARG D 217 15.12 -10.29 -5.44
C ARG D 217 14.13 -10.56 -4.33
N VAL D 218 14.57 -10.47 -3.07
CA VAL D 218 13.69 -10.76 -1.92
C VAL D 218 13.16 -9.44 -1.34
N GLU D 219 13.97 -8.36 -1.40
CA GLU D 219 13.54 -7.05 -0.93
C GLU D 219 14.14 -5.93 -1.80
N SER D 220 13.26 -5.12 -2.40
CA SER D 220 13.63 -4.00 -3.27
C SER D 220 13.59 -2.68 -2.50
N LYS D 221 13.95 -1.57 -3.19
CA LYS D 221 13.85 -0.23 -2.58
C LYS D 221 12.37 0.22 -2.59
N TYR D 222 12.02 1.26 -1.82
CA TYR D 222 10.67 1.84 -1.82
C TYR D 222 10.36 2.43 -3.18
N GLY D 223 9.07 2.55 -3.48
CA GLY D 223 8.59 3.17 -4.71
C GLY D 223 7.69 2.30 -5.58
N PRO D 224 6.98 2.92 -6.54
CA PRO D 224 6.11 2.15 -7.45
C PRO D 224 6.89 1.10 -8.23
N PRO D 225 6.29 -0.06 -8.61
CA PRO D 225 4.87 -0.46 -8.44
C PRO D 225 4.46 -1.01 -7.06
N CYS D 226 5.29 -0.84 -6.02
CA CYS D 226 4.91 -1.35 -4.72
C CYS D 226 3.82 -0.48 -4.09
N PRO D 227 2.77 -1.10 -3.52
CA PRO D 227 1.68 -0.33 -2.92
C PRO D 227 2.17 0.50 -1.72
N PRO D 228 1.60 1.70 -1.53
CA PRO D 228 2.12 2.64 -0.51
C PRO D 228 1.89 2.34 0.98
N CYS D 229 1.00 1.38 1.37
CA CYS D 229 0.65 1.04 2.78
C CYS D 229 -0.45 1.94 3.31
N GLY D 236 6.66 12.89 11.14
CA GLY D 236 7.98 12.95 10.53
C GLY D 236 9.04 13.46 11.48
N GLY D 237 9.32 12.64 12.50
CA GLY D 237 10.27 12.95 13.56
C GLY D 237 9.61 13.65 14.73
N PRO D 238 10.29 13.76 15.91
CA PRO D 238 9.64 14.42 17.07
C PRO D 238 9.36 15.92 16.91
N SER D 239 8.20 16.36 17.47
CA SER D 239 7.74 17.75 17.48
C SER D 239 7.52 18.14 18.93
N VAL D 240 7.71 19.44 19.26
CA VAL D 240 7.60 19.94 20.65
C VAL D 240 6.59 21.07 20.82
N PHE D 241 5.75 20.95 21.86
CA PHE D 241 4.75 21.95 22.24
C PHE D 241 4.99 22.38 23.67
N LEU D 242 5.02 23.70 23.87
CA LEU D 242 5.26 24.32 25.17
C LEU D 242 4.03 25.15 25.55
N PHE D 243 3.43 24.81 26.68
CA PHE D 243 2.18 25.39 27.17
C PHE D 243 2.39 26.32 28.35
N PRO D 244 1.81 27.54 28.30
CA PRO D 244 2.03 28.48 29.41
C PRO D 244 1.15 28.12 30.60
N PRO D 245 1.37 28.78 31.74
CA PRO D 245 0.47 28.58 32.88
C PRO D 245 -0.94 29.13 32.61
N LYS D 246 -1.87 28.75 33.47
CA LYS D 246 -3.24 29.21 33.37
C LYS D 246 -3.31 30.62 33.97
N PRO D 247 -3.94 31.60 33.30
CA PRO D 247 -4.04 32.95 33.87
C PRO D 247 -4.38 33.06 35.37
N LYS D 248 -5.38 32.31 35.85
CA LYS D 248 -5.78 32.37 37.27
C LYS D 248 -4.65 31.95 38.21
N ASP D 249 -3.84 30.97 37.76
CA ASP D 249 -2.72 30.43 38.53
C ASP D 249 -1.56 31.42 38.67
N THR D 250 -1.40 32.36 37.72
CA THR D 250 -0.33 33.39 37.77
C THR D 250 -0.78 34.60 38.64
N LEU D 251 -2.10 34.86 38.67
CA LEU D 251 -2.69 36.01 39.36
C LEU D 251 -3.04 35.74 40.83
N MET D 252 -3.36 34.48 41.19
CA MET D 252 -3.68 34.10 42.59
C MET D 252 -2.47 33.44 43.25
N ILE D 253 -2.09 33.92 44.43
CA ILE D 253 -0.92 33.41 45.16
C ILE D 253 -1.19 32.06 45.80
N SER D 254 -2.48 31.69 45.98
CA SER D 254 -2.87 30.38 46.51
C SER D 254 -2.60 29.28 45.48
N ARG D 255 -2.94 29.56 44.21
CA ARG D 255 -2.75 28.62 43.09
C ARG D 255 -1.28 28.58 42.62
N THR D 256 -0.90 27.49 41.93
CA THR D 256 0.47 27.24 41.47
C THR D 256 0.56 27.28 39.92
N PRO D 257 1.36 28.21 39.32
CA PRO D 257 1.47 28.23 37.86
C PRO D 257 2.59 27.32 37.37
N GLU D 258 2.37 26.65 36.22
CA GLU D 258 3.36 25.74 35.63
C GLU D 258 3.48 25.94 34.13
N VAL D 259 4.66 25.71 33.60
CA VAL D 259 4.92 25.73 32.17
C VAL D 259 5.06 24.25 31.81
N THR D 260 4.28 23.75 30.83
CA THR D 260 4.30 22.34 30.44
C THR D 260 4.94 22.14 29.08
N CYS D 261 5.97 21.28 28.99
CA CYS D 261 6.66 20.97 27.73
C CYS D 261 6.31 19.53 27.33
N VAL D 262 5.67 19.32 26.16
CA VAL D 262 5.31 17.97 25.70
C VAL D 262 5.98 17.72 24.34
N VAL D 263 6.52 16.51 24.18
CA VAL D 263 7.16 16.09 22.95
C VAL D 263 6.35 14.92 22.40
N VAL D 264 5.99 15.00 21.12
CA VAL D 264 5.19 14.00 20.43
C VAL D 264 5.95 13.54 19.18
N ASP D 265 5.46 12.43 18.56
CA ASP D 265 6.03 11.82 17.36
C ASP D 265 7.45 11.26 17.64
N VAL D 266 7.64 10.68 18.84
CA VAL D 266 8.91 10.09 19.26
C VAL D 266 8.90 8.66 18.75
N SER D 267 9.99 8.21 18.10
CA SER D 267 10.07 6.85 17.54
C SER D 267 10.14 5.80 18.65
N GLN D 268 9.71 4.57 18.31
CA GLN D 268 9.71 3.44 19.24
C GLN D 268 11.15 2.93 19.46
N GLU D 269 11.98 2.95 18.39
CA GLU D 269 13.39 2.55 18.44
C GLU D 269 14.26 3.59 19.20
N ASP D 270 13.81 4.88 19.24
CA ASP D 270 14.49 6.00 19.92
C ASP D 270 13.57 6.63 21.01
N PRO D 271 13.31 5.95 22.15
CA PRO D 271 12.44 6.55 23.17
C PRO D 271 13.24 7.30 24.27
N GLU D 272 13.91 8.41 23.88
CA GLU D 272 14.70 9.24 24.80
C GLU D 272 13.84 10.24 25.56
N VAL D 273 14.28 10.57 26.78
CA VAL D 273 13.58 11.47 27.70
C VAL D 273 14.53 12.59 28.20
N GLN D 274 15.29 13.22 27.27
CA GLN D 274 16.27 14.26 27.62
C GLN D 274 15.69 15.68 27.55
N PHE D 275 15.39 16.27 28.74
CA PHE D 275 14.85 17.62 28.88
C PHE D 275 15.85 18.57 29.53
N ASN D 276 15.97 19.79 28.99
CA ASN D 276 16.81 20.88 29.54
C ASN D 276 15.96 22.15 29.56
N TRP D 277 15.85 22.78 30.74
CA TRP D 277 15.04 23.98 30.96
C TRP D 277 15.90 25.20 31.29
N TYR D 278 15.50 26.40 30.78
CA TYR D 278 16.18 27.66 31.05
C TYR D 278 15.20 28.79 31.39
N VAL D 279 15.53 29.56 32.44
CA VAL D 279 14.76 30.73 32.88
C VAL D 279 15.64 31.93 32.58
N ASP D 280 15.26 32.74 31.57
CA ASP D 280 16.03 33.91 31.12
C ASP D 280 17.45 33.53 30.75
N GLY D 281 17.57 32.51 29.90
CA GLY D 281 18.85 32.01 29.42
C GLY D 281 19.67 31.19 30.38
N VAL D 282 19.38 31.26 31.70
CA VAL D 282 20.12 30.51 32.70
C VAL D 282 19.44 29.17 32.93
N GLU D 283 20.20 28.06 32.75
CA GLU D 283 19.71 26.71 32.97
C GLU D 283 19.20 26.50 34.41
N VAL D 284 18.12 25.71 34.56
CA VAL D 284 17.47 25.34 35.82
C VAL D 284 17.30 23.80 35.85
N HIS D 285 17.05 23.23 37.03
CA HIS D 285 16.95 21.77 37.21
C HIS D 285 15.77 21.34 38.10
N ASN D 286 14.80 22.25 38.40
CA ASN D 286 13.68 21.93 39.28
C ASN D 286 12.44 21.43 38.51
N ALA D 287 12.58 21.01 37.22
CA ALA D 287 11.42 20.51 36.47
C ALA D 287 11.12 19.07 36.84
N LYS D 288 9.83 18.74 37.04
CA LYS D 288 9.38 17.39 37.39
C LYS D 288 8.95 16.69 36.11
N THR D 289 9.85 15.89 35.51
CA THR D 289 9.55 15.17 34.26
C THR D 289 8.78 13.89 34.57
N LYS D 290 7.88 13.52 33.65
CA LYS D 290 7.00 12.35 33.77
C LYS D 290 7.51 11.21 32.89
N PRO D 291 7.19 9.92 33.23
CA PRO D 291 7.65 8.80 32.36
C PRO D 291 6.97 8.81 30.99
N ARG D 292 7.61 8.19 29.98
CA ARG D 292 7.06 8.14 28.61
C ARG D 292 5.85 7.20 28.51
N GLU D 293 5.00 7.41 27.48
CA GLU D 293 3.81 6.60 27.22
C GLU D 293 3.53 6.44 25.70
N GLU D 294 3.05 5.25 25.30
CA GLU D 294 2.71 4.93 23.92
C GLU D 294 1.30 5.48 23.73
N GLN D 295 1.12 6.37 22.74
CA GLN D 295 -0.17 7.04 22.51
C GLN D 295 -0.94 6.51 21.30
N PHE D 296 -1.33 5.21 21.31
CA PHE D 296 -2.11 4.52 20.27
C PHE D 296 -1.66 4.77 18.80
N ASN D 297 -0.47 5.36 18.62
CA ASN D 297 0.14 5.64 17.33
C ASN D 297 1.39 4.75 17.39
N SER D 298 2.25 4.81 16.37
CA SER D 298 3.52 4.07 16.43
C SER D 298 4.54 5.09 17.01
N THR D 299 4.11 5.85 18.06
CA THR D 299 4.89 6.93 18.64
C THR D 299 4.75 7.05 20.15
N TYR D 300 5.77 7.65 20.77
CA TYR D 300 5.84 7.88 22.21
C TYR D 300 5.53 9.36 22.48
N ARG D 301 5.03 9.65 23.70
CA ARG D 301 4.76 11.02 24.16
C ARG D 301 5.28 11.14 25.58
N VAL D 302 6.01 12.22 25.87
CA VAL D 302 6.55 12.43 27.23
C VAL D 302 6.43 13.90 27.61
N VAL D 303 6.15 14.15 28.90
CA VAL D 303 5.88 15.49 29.41
C VAL D 303 6.82 15.91 30.54
N SER D 304 7.27 17.18 30.48
CA SER D 304 8.07 17.81 31.53
C SER D 304 7.33 19.08 31.99
N VAL D 305 7.22 19.27 33.32
CA VAL D 305 6.50 20.38 33.93
C VAL D 305 7.42 21.20 34.85
N LEU D 306 7.64 22.49 34.48
CA LEU D 306 8.44 23.40 35.28
C LEU D 306 7.50 24.38 36.03
N THR D 307 7.57 24.38 37.37
CA THR D 307 6.81 25.32 38.19
C THR D 307 7.49 26.68 38.02
N VAL D 308 6.72 27.77 38.18
CA VAL D 308 7.25 29.13 38.04
C VAL D 308 6.76 29.99 39.21
N LEU D 309 7.53 31.01 39.65
CA LEU D 309 7.03 31.91 40.71
C LEU D 309 6.10 32.91 40.00
N HIS D 310 5.08 33.37 40.71
CA HIS D 310 4.08 34.31 40.21
C HIS D 310 4.73 35.58 39.64
N GLN D 311 5.64 36.20 40.41
CA GLN D 311 6.37 37.41 39.99
C GLN D 311 7.25 37.19 38.76
N ASP D 312 7.89 36.01 38.61
CA ASP D 312 8.75 35.75 37.45
C ASP D 312 7.95 35.75 36.13
N TRP D 313 6.79 35.10 36.13
CA TRP D 313 5.94 35.05 34.95
C TRP D 313 5.39 36.47 34.64
N LEU D 314 4.92 37.18 35.68
CA LEU D 314 4.40 38.54 35.56
C LEU D 314 5.45 39.61 35.19
N ASN D 315 6.73 39.42 35.53
CA ASN D 315 7.78 40.37 35.11
C ASN D 315 8.37 39.98 33.74
N GLY D 316 7.70 39.10 33.00
CA GLY D 316 8.17 38.63 31.72
C GLY D 316 8.78 37.25 31.89
N LYS D 317 10.09 37.17 31.80
CA LYS D 317 10.89 35.96 31.94
C LYS D 317 10.62 34.89 30.89
N GLU D 318 11.62 34.56 30.08
CA GLU D 318 11.56 33.57 29.02
C GLU D 318 11.81 32.16 29.57
N TYR D 319 10.86 31.24 29.38
CA TYR D 319 10.96 29.84 29.80
C TYR D 319 11.22 29.01 28.60
N LYS D 320 12.47 28.58 28.43
CA LYS D 320 12.91 27.77 27.27
C LYS D 320 12.95 26.27 27.63
N CYS D 321 12.42 25.42 26.72
CA CYS D 321 12.44 23.96 26.87
C CYS D 321 13.24 23.36 25.71
N LYS D 322 14.43 22.79 26.00
CA LYS D 322 15.29 22.13 25.00
C LYS D 322 15.05 20.62 25.11
N VAL D 323 14.74 19.97 23.99
CA VAL D 323 14.46 18.54 23.97
C VAL D 323 15.50 17.85 23.09
N SER D 324 16.04 16.73 23.60
CA SER D 324 17.07 15.95 22.90
C SER D 324 16.63 14.48 22.76
N ASN D 325 16.91 13.92 21.57
CA ASN D 325 16.53 12.55 21.17
C ASN D 325 17.40 12.12 19.96
N LYS D 326 17.81 10.83 19.89
CA LYS D 326 18.67 10.34 18.80
C LYS D 326 17.94 10.10 17.44
N GLY D 327 16.72 10.62 17.30
CA GLY D 327 15.97 10.63 16.05
C GLY D 327 15.92 12.03 15.46
N LEU D 328 16.77 12.96 15.98
CA LEU D 328 16.83 14.35 15.52
C LEU D 328 18.24 14.64 14.96
N PRO D 329 18.36 15.46 13.89
CA PRO D 329 19.71 15.82 13.41
C PRO D 329 20.45 16.71 14.41
N SER D 330 19.70 17.61 15.09
CA SER D 330 20.19 18.52 16.11
C SER D 330 19.29 18.39 17.37
N SER D 331 18.68 19.48 17.87
CA SER D 331 17.79 19.46 19.04
C SER D 331 16.69 20.50 18.86
N ILE D 332 15.48 20.22 19.37
CA ILE D 332 14.33 21.14 19.28
C ILE D 332 14.30 21.99 20.55
N GLU D 333 14.11 23.31 20.39
CA GLU D 333 14.02 24.26 21.51
C GLU D 333 12.84 25.23 21.30
N LYS D 334 11.89 25.23 22.26
CA LYS D 334 10.73 26.11 22.21
C LYS D 334 10.82 27.05 23.41
N THR D 335 10.37 28.30 23.24
CA THR D 335 10.40 29.31 24.30
C THR D 335 9.03 29.95 24.48
N ILE D 336 8.71 30.30 25.73
CA ILE D 336 7.45 30.93 26.05
C ILE D 336 7.63 31.96 27.12
N SER D 337 6.72 32.91 27.16
CA SER D 337 6.69 33.97 28.16
C SER D 337 5.34 34.66 28.10
N LYS D 338 5.11 35.54 29.06
CA LYS D 338 3.93 36.35 29.07
C LYS D 338 4.00 37.32 27.87
N ALA D 339 2.84 37.71 27.31
CA ALA D 339 2.78 38.64 26.20
C ALA D 339 3.43 39.98 26.59
N LYS D 340 4.32 40.47 25.74
CA LYS D 340 5.05 41.70 25.99
C LYS D 340 4.19 42.91 25.70
N GLY D 341 4.52 44.02 26.35
CA GLY D 341 3.83 45.28 26.18
C GLY D 341 3.29 45.87 27.46
N GLN D 342 3.09 47.17 27.47
CA GLN D 342 2.62 47.98 28.60
C GLN D 342 1.27 47.57 29.12
N PRO D 343 1.14 47.09 30.38
CA PRO D 343 -0.19 46.69 30.86
C PRO D 343 -1.18 47.84 30.94
N ARG D 344 -2.43 47.52 30.66
CA ARG D 344 -3.54 48.49 30.65
C ARG D 344 -4.67 47.89 31.45
N GLU D 345 -5.33 48.73 32.22
CA GLU D 345 -6.32 48.26 33.16
C GLU D 345 -7.71 48.03 32.61
N PRO D 346 -8.30 46.84 32.89
CA PRO D 346 -9.68 46.62 32.46
C PRO D 346 -10.69 47.53 33.16
N GLN D 347 -11.73 47.88 32.43
CA GLN D 347 -12.91 48.59 32.91
C GLN D 347 -14.03 47.54 32.83
N VAL D 348 -14.79 47.37 33.89
CA VAL D 348 -15.83 46.36 34.00
C VAL D 348 -17.18 47.02 34.17
N TYR D 349 -18.16 46.61 33.35
CA TYR D 349 -19.51 47.15 33.33
C TYR D 349 -20.49 46.01 33.23
N THR D 350 -21.57 46.09 33.99
CA THR D 350 -22.64 45.12 33.90
C THR D 350 -23.84 45.72 33.15
N LEU D 351 -24.53 44.87 32.38
CA LEU D 351 -25.69 45.27 31.58
C LEU D 351 -26.83 44.32 31.85
N PRO D 352 -28.02 44.86 32.17
CA PRO D 352 -29.17 43.98 32.40
C PRO D 352 -29.71 43.38 31.10
N PRO D 353 -30.64 42.41 31.22
CA PRO D 353 -31.27 41.87 30.00
C PRO D 353 -31.95 42.94 29.16
N SER D 354 -31.99 42.73 27.82
CA SER D 354 -32.74 43.55 26.87
C SER D 354 -34.23 43.48 27.27
N GLN D 355 -35.00 44.53 26.97
CA GLN D 355 -36.47 44.51 27.25
C GLN D 355 -37.10 43.40 26.42
N GLU D 356 -36.67 43.25 25.16
CA GLU D 356 -37.17 42.22 24.24
C GLU D 356 -36.91 40.77 24.67
N GLU D 357 -35.86 40.53 25.46
CA GLU D 357 -35.52 39.17 25.93
C GLU D 357 -36.37 38.76 27.16
N MET D 358 -37.10 39.72 27.77
CA MET D 358 -37.93 39.45 28.97
C MET D 358 -39.15 38.58 28.67
N THR D 359 -39.53 38.41 27.40
CA THR D 359 -40.65 37.54 27.04
C THR D 359 -40.21 36.06 27.08
N LYS D 360 -38.90 35.78 27.17
CA LYS D 360 -38.39 34.41 27.23
C LYS D 360 -38.34 33.89 28.69
N ASN D 361 -38.29 32.55 28.82
CA ASN D 361 -38.22 31.89 30.13
C ASN D 361 -36.88 32.17 30.82
N GLN D 362 -35.77 32.15 30.04
CA GLN D 362 -34.41 32.45 30.51
C GLN D 362 -33.94 33.79 29.89
N VAL D 363 -33.17 34.55 30.68
CA VAL D 363 -32.65 35.87 30.29
C VAL D 363 -31.14 35.90 30.40
N SER D 364 -30.50 36.87 29.73
CA SER D 364 -29.04 37.00 29.72
C SER D 364 -28.57 38.16 30.57
N LEU D 365 -27.60 37.90 31.46
CA LEU D 365 -26.89 38.94 32.22
C LEU D 365 -25.54 39.14 31.54
N THR D 366 -25.21 40.39 31.19
CA THR D 366 -24.01 40.69 30.40
C THR D 366 -22.98 41.46 31.19
N CYS D 367 -21.71 41.05 31.03
CA CYS D 367 -20.59 41.75 31.59
C CYS D 367 -19.60 42.15 30.48
N LEU D 368 -19.41 43.46 30.23
CA LEU D 368 -18.45 44.02 29.29
C LEU D 368 -17.17 44.33 30.04
N VAL D 369 -16.05 43.82 29.55
CA VAL D 369 -14.71 44.02 30.13
C VAL D 369 -13.87 44.61 29.00
N LYS D 370 -13.49 45.87 29.13
CA LYS D 370 -12.79 46.60 28.09
C LYS D 370 -11.57 47.35 28.54
N GLY D 371 -10.71 47.63 27.58
CA GLY D 371 -9.52 48.44 27.78
C GLY D 371 -8.32 47.78 28.44
N PHE D 372 -8.24 46.43 28.43
CA PHE D 372 -7.16 45.69 29.10
C PHE D 372 -6.03 45.22 28.17
N TYR D 373 -4.82 45.11 28.73
CA TYR D 373 -3.64 44.61 28.06
C TYR D 373 -2.71 44.03 29.12
N PRO D 374 -2.07 42.86 28.95
CA PRO D 374 -2.23 41.88 27.86
C PRO D 374 -3.62 41.21 27.89
N SER D 375 -3.85 40.22 27.05
CA SER D 375 -5.18 39.61 26.95
C SER D 375 -5.46 38.51 27.98
N ASP D 376 -4.45 38.10 28.77
CA ASP D 376 -4.60 37.09 29.84
C ASP D 376 -5.54 37.61 30.90
N ILE D 377 -6.66 36.95 31.07
CA ILE D 377 -7.69 37.40 32.00
C ILE D 377 -8.55 36.20 32.37
N ALA D 378 -9.22 36.30 33.51
CA ALA D 378 -10.15 35.28 33.97
C ALA D 378 -11.39 36.03 34.42
N VAL D 379 -12.57 35.57 33.96
CA VAL D 379 -13.84 36.19 34.29
C VAL D 379 -14.77 35.11 34.89
N GLU D 380 -15.50 35.45 35.98
CA GLU D 380 -16.43 34.53 36.65
C GLU D 380 -17.67 35.26 37.08
N TRP D 381 -18.71 34.49 37.44
CA TRP D 381 -19.96 35.05 37.97
C TRP D 381 -20.27 34.46 39.31
N GLU D 382 -20.92 35.26 40.16
CA GLU D 382 -21.38 34.86 41.50
C GLU D 382 -22.83 35.36 41.68
N SER D 383 -23.63 34.67 42.51
CA SER D 383 -25.01 35.07 42.81
C SER D 383 -25.14 35.19 44.33
N ASN D 384 -25.56 36.38 44.83
CA ASN D 384 -25.75 36.72 46.26
C ASN D 384 -24.46 36.57 47.10
N GLY D 385 -24.08 35.32 47.37
CA GLY D 385 -22.86 35.00 48.12
C GLY D 385 -22.37 33.59 47.79
N GLN D 386 -22.27 33.25 46.47
CA GLN D 386 -21.85 31.91 46.00
C GLN D 386 -21.60 31.88 44.47
N PRO D 387 -20.74 30.95 43.96
CA PRO D 387 -20.46 30.92 42.52
C PRO D 387 -21.58 30.40 41.63
N GLU D 388 -21.61 30.91 40.37
CA GLU D 388 -22.57 30.53 39.33
C GLU D 388 -21.93 29.55 38.34
N ASN D 389 -22.75 28.99 37.43
CA ASN D 389 -22.29 27.98 36.46
C ASN D 389 -22.71 28.24 35.01
N ASN D 390 -23.99 28.59 34.77
CA ASN D 390 -24.51 28.77 33.40
C ASN D 390 -24.01 30.10 32.75
N TYR D 391 -22.67 30.20 32.50
CA TYR D 391 -22.07 31.35 31.84
C TYR D 391 -21.02 30.93 30.85
N LYS D 392 -20.89 31.72 29.79
CA LYS D 392 -19.92 31.56 28.72
C LYS D 392 -19.27 32.92 28.49
N THR D 393 -17.96 32.91 28.31
CA THR D 393 -17.20 34.14 28.06
C THR D 393 -16.63 34.05 26.68
N THR D 394 -16.63 35.18 25.96
CA THR D 394 -16.08 35.22 24.62
C THR D 394 -14.58 35.34 24.73
N PRO D 395 -13.83 34.96 23.68
CA PRO D 395 -12.40 35.26 23.68
C PRO D 395 -12.16 36.79 23.70
N PRO D 396 -10.94 37.24 24.12
CA PRO D 396 -10.58 38.67 24.02
C PRO D 396 -10.48 39.15 22.57
N VAL D 397 -10.94 40.35 22.27
CA VAL D 397 -10.89 40.90 20.91
C VAL D 397 -10.04 42.15 20.95
N LEU D 398 -9.15 42.31 19.96
CA LEU D 398 -8.33 43.50 19.89
C LEU D 398 -9.13 44.67 19.31
N ASP D 399 -9.19 45.76 20.05
CA ASP D 399 -9.82 46.98 19.65
C ASP D 399 -8.89 47.87 18.83
N SER D 400 -9.46 48.93 18.26
CA SER D 400 -8.69 49.88 17.42
C SER D 400 -7.68 50.74 18.23
N ASP D 401 -7.77 50.77 19.57
CA ASP D 401 -6.86 51.51 20.42
C ASP D 401 -5.70 50.65 20.98
N GLY D 402 -5.56 49.41 20.52
CA GLY D 402 -4.46 48.55 20.96
C GLY D 402 -4.73 47.78 22.23
N SER D 403 -5.93 47.91 22.79
CA SER D 403 -6.36 47.19 23.99
C SER D 403 -7.39 46.09 23.62
N PHE D 404 -7.71 45.19 24.56
CA PHE D 404 -8.71 44.12 24.36
C PHE D 404 -10.01 44.37 25.11
N PHE D 405 -11.10 43.82 24.56
CA PHE D 405 -12.37 43.73 25.25
C PHE D 405 -12.91 42.31 25.11
N LEU D 406 -13.84 41.98 25.98
CA LEU D 406 -14.57 40.76 25.92
C LEU D 406 -15.91 40.95 26.56
N TYR D 407 -16.77 39.96 26.37
CA TYR D 407 -18.08 39.87 27.01
C TYR D 407 -18.21 38.52 27.68
N SER D 408 -18.82 38.52 28.84
CA SER D 408 -19.17 37.31 29.58
C SER D 408 -20.68 37.39 29.74
N ARG D 409 -21.35 36.24 29.53
CA ARG D 409 -22.81 36.14 29.54
C ARG D 409 -23.30 35.11 30.54
N LEU D 410 -24.07 35.52 31.56
CA LEU D 410 -24.66 34.57 32.51
C LEU D 410 -26.13 34.35 32.11
N THR D 411 -26.53 33.11 31.88
CA THR D 411 -27.92 32.76 31.57
C THR D 411 -28.64 32.44 32.90
N VAL D 412 -29.79 33.06 33.15
CA VAL D 412 -30.59 32.83 34.37
C VAL D 412 -32.07 32.72 34.04
N ASP D 413 -32.83 32.04 34.95
CA ASP D 413 -34.29 31.95 34.85
C ASP D 413 -34.81 33.34 35.14
N LYS D 414 -35.69 33.86 34.29
CA LYS D 414 -36.23 35.21 34.47
C LYS D 414 -36.71 35.48 35.88
N SER D 415 -37.34 34.48 36.55
CA SER D 415 -37.87 34.60 37.92
C SER D 415 -36.76 35.02 38.91
N ARG D 416 -35.55 34.41 38.81
CA ARG D 416 -34.39 34.75 39.66
C ARG D 416 -34.00 36.25 39.51
N TRP D 417 -33.96 36.76 38.26
CA TRP D 417 -33.68 38.17 37.99
C TRP D 417 -34.82 39.03 38.49
N GLN D 418 -36.06 38.62 38.18
CA GLN D 418 -37.26 39.37 38.55
C GLN D 418 -37.48 39.41 40.08
N GLN D 419 -37.05 38.38 40.84
CA GLN D 419 -37.21 38.39 42.31
C GLN D 419 -36.06 39.15 43.05
N GLY D 420 -35.28 39.97 42.32
CA GLY D 420 -34.27 40.86 42.87
C GLY D 420 -32.92 40.30 43.27
N ASN D 421 -32.59 39.05 42.87
CA ASN D 421 -31.28 38.46 43.21
C ASN D 421 -30.12 39.32 42.65
N VAL D 422 -29.06 39.52 43.46
CA VAL D 422 -27.89 40.30 43.08
C VAL D 422 -26.93 39.36 42.40
N PHE D 423 -26.35 39.83 41.28
CA PHE D 423 -25.39 39.03 40.52
C PHE D 423 -24.10 39.80 40.43
N SER D 424 -22.96 39.09 40.43
CA SER D 424 -21.64 39.68 40.38
C SER D 424 -20.77 39.12 39.28
N CYS D 425 -20.12 40.00 38.52
CA CYS D 425 -19.16 39.68 37.47
C CYS D 425 -17.78 40.00 38.07
N SER D 426 -16.93 38.98 38.25
CA SER D 426 -15.61 39.17 38.85
C SER D 426 -14.52 38.93 37.80
N VAL D 427 -13.53 39.84 37.78
CA VAL D 427 -12.44 39.85 36.80
C VAL D 427 -11.09 39.82 37.53
N MET D 428 -10.20 38.93 37.09
CA MET D 428 -8.83 38.84 37.56
C MET D 428 -7.91 39.20 36.37
N HIS D 429 -7.08 40.21 36.56
CA HIS D 429 -6.16 40.68 35.53
C HIS D 429 -4.98 41.30 36.26
N GLU D 430 -3.79 41.22 35.66
CA GLU D 430 -2.57 41.74 36.28
C GLU D 430 -2.57 43.24 36.57
N ALA D 431 -3.25 44.03 35.76
CA ALA D 431 -3.25 45.50 35.92
C ALA D 431 -4.28 45.99 36.91
N LEU D 432 -5.08 45.09 37.49
CA LEU D 432 -6.06 45.48 38.51
C LEU D 432 -5.40 45.48 39.88
N HIS D 433 -5.92 46.30 40.81
CA HIS D 433 -5.40 46.30 42.19
C HIS D 433 -5.75 44.95 42.83
N ASN D 434 -4.73 44.29 43.37
CA ASN D 434 -4.80 42.95 43.96
C ASN D 434 -5.23 41.91 42.92
N HIS D 435 -4.96 42.23 41.63
CA HIS D 435 -5.33 41.41 40.46
C HIS D 435 -6.80 41.00 40.43
N TYR D 436 -7.70 41.82 40.95
CA TYR D 436 -9.08 41.44 41.11
C TYR D 436 -10.00 42.64 41.22
N THR D 437 -11.19 42.53 40.62
CA THR D 437 -12.29 43.48 40.75
C THR D 437 -13.60 42.73 40.53
N GLN D 438 -14.69 43.33 41.00
CA GLN D 438 -16.03 42.75 40.97
C GLN D 438 -17.06 43.86 40.77
N LYS D 439 -18.09 43.61 39.94
CA LYS D 439 -19.14 44.59 39.66
C LYS D 439 -20.49 43.91 39.76
N SER D 440 -21.43 44.54 40.45
CA SER D 440 -22.74 43.92 40.70
C SER D 440 -23.83 44.33 39.68
N LEU D 441 -24.86 43.48 39.57
CA LEU D 441 -26.01 43.66 38.65
C LEU D 441 -27.29 43.16 39.38
N SER D 442 -28.32 44.02 39.42
CA SER D 442 -29.61 43.79 40.11
C SER D 442 -30.76 44.45 39.33
N LEU D 443 -31.98 43.89 39.45
CA LEU D 443 -33.17 44.45 38.80
C LEU D 443 -33.46 45.83 39.38
N SER D 444 -33.45 46.89 38.52
CA SER D 444 -33.69 48.27 38.96
C SER D 444 -35.18 48.61 39.02
#